data_9NJO
# 
_entry.id   9NJO 
# 
_audit_conform.dict_name       mmcif_pdbx.dic 
_audit_conform.dict_version    5.403 
_audit_conform.dict_location   http://mmcif.pdb.org/dictionaries/ascii/mmcif_pdbx.dic 
# 
loop_
_database_2.database_id 
_database_2.database_code 
_database_2.pdbx_database_accession 
_database_2.pdbx_DOI 
PDB   9NJO         pdb_00009njo 10.2210/pdb9njo/pdb 
WWPDB D_1000293530 ?            ?                   
# 
_pdbx_audit_revision_history.ordinal             1 
_pdbx_audit_revision_history.data_content_type   'Structure model' 
_pdbx_audit_revision_history.major_revision      1 
_pdbx_audit_revision_history.minor_revision      0 
_pdbx_audit_revision_history.revision_date       2025-05-28 
_pdbx_audit_revision_history.part_number         ? 
# 
_pdbx_audit_revision_details.ordinal             1 
_pdbx_audit_revision_details.revision_ordinal    1 
_pdbx_audit_revision_details.data_content_type   'Structure model' 
_pdbx_audit_revision_details.provider            repository 
_pdbx_audit_revision_details.type                'Initial release' 
_pdbx_audit_revision_details.description         ? 
_pdbx_audit_revision_details.details             ? 
# 
_pdbx_database_status.status_code                     REL 
_pdbx_database_status.status_code_sf                  REL 
_pdbx_database_status.status_code_mr                  ? 
_pdbx_database_status.entry_id                        9NJO 
_pdbx_database_status.recvd_initial_deposition_date   2025-02-27 
_pdbx_database_status.SG_entry                        N 
_pdbx_database_status.deposit_site                    RCSB 
_pdbx_database_status.process_site                    RCSB 
_pdbx_database_status.status_code_cs                  ? 
_pdbx_database_status.status_code_nmr_data            ? 
_pdbx_database_status.methods_development_category    ? 
_pdbx_database_status.pdb_format_compatible           Y 
# 
_pdbx_contact_author.id                 2 
_pdbx_contact_author.email              sboxer@stanford.edu 
_pdbx_contact_author.name_first         Steven 
_pdbx_contact_author.name_last          Boxer 
_pdbx_contact_author.name_mi            G. 
_pdbx_contact_author.role               'principal investigator/group leader' 
_pdbx_contact_author.identifier_ORCID   0000-0001-9167-4286 
# 
loop_
_audit_author.name 
_audit_author.pdbx_ordinal 
_audit_author.identifier_ORCID 
'Fried, S.D.E.' 1 0000-0002-4826-2451 
'Mathews, I.I.' 2 0000-0001-6254-3519 
'Boxer, S.G.'   3 0000-0001-9167-4286 
# 
_citation.abstract                  ? 
_citation.abstract_id_CAS           ? 
_citation.book_id_ISBN              ? 
_citation.book_publisher            ? 
_citation.book_publisher_city       ? 
_citation.book_title                ? 
_citation.coordinate_linkage        ? 
_citation.country                   ? 
_citation.database_id_Medline       ? 
_citation.details                   ? 
_citation.id                        primary 
_citation.journal_abbrev            'To Be Published' 
_citation.journal_id_ASTM           ? 
_citation.journal_id_CSD            0353 
_citation.journal_id_ISSN           ? 
_citation.journal_full              ? 
_citation.journal_issue             ? 
_citation.journal_volume            ? 
_citation.language                  ? 
_citation.page_first                ? 
_citation.page_last                 ? 
_citation.title                     'Role of Electrostatics in Hydride Transfer by Dihydrofolate Reductase' 
_citation.year                      ? 
_citation.database_id_CSD           ? 
_citation.pdbx_database_id_DOI      ? 
_citation.pdbx_database_id_PubMed   ? 
_citation.pdbx_database_id_patent   ? 
_citation.unpublished_flag          ? 
# 
loop_
_citation_author.citation_id 
_citation_author.name 
_citation_author.ordinal 
_citation_author.identifier_ORCID 
primary 'Fried, S.D.E.' 1 0000-0002-4826-2451 
primary 'Mukherjee, S.' 2 0000-0002-6439-9802 
primary 'Mao, Y.'       3 0000-0001-5362-4333 
primary 'Boxer, S.G.'   4 0000-0001-9167-4286 
# 
loop_
_entity.id 
_entity.type 
_entity.src_method 
_entity.pdbx_description 
_entity.formula_weight 
_entity.pdbx_number_of_molecules 
_entity.pdbx_ec 
_entity.pdbx_mutation 
_entity.pdbx_fragment 
_entity.details 
1 polymer     man 'Dihydrofolate reductase' 18003.340 1   1.5.1.3 Y100F ? ? 
2 non-polymer syn 'MANGANESE (II) ION'      54.938    4   ?       ?     ? ? 
3 water       nat water                     18.015    171 ?       ?     ? ? 
# 
_entity_poly.entity_id                      1 
_entity_poly.type                           'polypeptide(L)' 
_entity_poly.nstd_linkage                   no 
_entity_poly.nstd_monomer                   no 
_entity_poly.pdbx_seq_one_letter_code       
;MISLIAALAVDRVIGMENAMPWNLPADLAWFKRNTLNKPVIMGRHTWESIGRPLPGRKNIILSSQPGTDDRVTWVKSVDE
AIAACGDVPEIMVIGGGRVFEQFLPKAQKLYLTHIDAEVEGDTHFPDYEPDDWESVFSEFHDADAQNSHSYCFEILERR
;
_entity_poly.pdbx_seq_one_letter_code_can   
;MISLIAALAVDRVIGMENAMPWNLPADLAWFKRNTLNKPVIMGRHTWESIGRPLPGRKNIILSSQPGTDDRVTWVKSVDE
AIAACGDVPEIMVIGGGRVFEQFLPKAQKLYLTHIDAEVEGDTHFPDYEPDDWESVFSEFHDADAQNSHSYCFEILERR
;
_entity_poly.pdbx_strand_id                 A 
_entity_poly.pdbx_target_identifier         ? 
# 
loop_
_pdbx_entity_nonpoly.entity_id 
_pdbx_entity_nonpoly.name 
_pdbx_entity_nonpoly.comp_id 
2 'MANGANESE (II) ION' MN  
3 water                HOH 
# 
loop_
_entity_poly_seq.entity_id 
_entity_poly_seq.num 
_entity_poly_seq.mon_id 
_entity_poly_seq.hetero 
1 1   MET n 
1 2   ILE n 
1 3   SER n 
1 4   LEU n 
1 5   ILE n 
1 6   ALA n 
1 7   ALA n 
1 8   LEU n 
1 9   ALA n 
1 10  VAL n 
1 11  ASP n 
1 12  ARG n 
1 13  VAL n 
1 14  ILE n 
1 15  GLY n 
1 16  MET n 
1 17  GLU n 
1 18  ASN n 
1 19  ALA n 
1 20  MET n 
1 21  PRO n 
1 22  TRP n 
1 23  ASN n 
1 24  LEU n 
1 25  PRO n 
1 26  ALA n 
1 27  ASP n 
1 28  LEU n 
1 29  ALA n 
1 30  TRP n 
1 31  PHE n 
1 32  LYS n 
1 33  ARG n 
1 34  ASN n 
1 35  THR n 
1 36  LEU n 
1 37  ASN n 
1 38  LYS n 
1 39  PRO n 
1 40  VAL n 
1 41  ILE n 
1 42  MET n 
1 43  GLY n 
1 44  ARG n 
1 45  HIS n 
1 46  THR n 
1 47  TRP n 
1 48  GLU n 
1 49  SER n 
1 50  ILE n 
1 51  GLY n 
1 52  ARG n 
1 53  PRO n 
1 54  LEU n 
1 55  PRO n 
1 56  GLY n 
1 57  ARG n 
1 58  LYS n 
1 59  ASN n 
1 60  ILE n 
1 61  ILE n 
1 62  LEU n 
1 63  SER n 
1 64  SER n 
1 65  GLN n 
1 66  PRO n 
1 67  GLY n 
1 68  THR n 
1 69  ASP n 
1 70  ASP n 
1 71  ARG n 
1 72  VAL n 
1 73  THR n 
1 74  TRP n 
1 75  VAL n 
1 76  LYS n 
1 77  SER n 
1 78  VAL n 
1 79  ASP n 
1 80  GLU n 
1 81  ALA n 
1 82  ILE n 
1 83  ALA n 
1 84  ALA n 
1 85  CYS n 
1 86  GLY n 
1 87  ASP n 
1 88  VAL n 
1 89  PRO n 
1 90  GLU n 
1 91  ILE n 
1 92  MET n 
1 93  VAL n 
1 94  ILE n 
1 95  GLY n 
1 96  GLY n 
1 97  GLY n 
1 98  ARG n 
1 99  VAL n 
1 100 PHE n 
1 101 GLU n 
1 102 GLN n 
1 103 PHE n 
1 104 LEU n 
1 105 PRO n 
1 106 LYS n 
1 107 ALA n 
1 108 GLN n 
1 109 LYS n 
1 110 LEU n 
1 111 TYR n 
1 112 LEU n 
1 113 THR n 
1 114 HIS n 
1 115 ILE n 
1 116 ASP n 
1 117 ALA n 
1 118 GLU n 
1 119 VAL n 
1 120 GLU n 
1 121 GLY n 
1 122 ASP n 
1 123 THR n 
1 124 HIS n 
1 125 PHE n 
1 126 PRO n 
1 127 ASP n 
1 128 TYR n 
1 129 GLU n 
1 130 PRO n 
1 131 ASP n 
1 132 ASP n 
1 133 TRP n 
1 134 GLU n 
1 135 SER n 
1 136 VAL n 
1 137 PHE n 
1 138 SER n 
1 139 GLU n 
1 140 PHE n 
1 141 HIS n 
1 142 ASP n 
1 143 ALA n 
1 144 ASP n 
1 145 ALA n 
1 146 GLN n 
1 147 ASN n 
1 148 SER n 
1 149 HIS n 
1 150 SER n 
1 151 TYR n 
1 152 CYS n 
1 153 PHE n 
1 154 GLU n 
1 155 ILE n 
1 156 LEU n 
1 157 GLU n 
1 158 ARG n 
1 159 ARG n 
# 
_entity_src_gen.entity_id                          1 
_entity_src_gen.pdbx_src_id                        1 
_entity_src_gen.pdbx_alt_source_flag               sample 
_entity_src_gen.pdbx_seq_type                      'Biological sequence' 
_entity_src_gen.pdbx_beg_seq_num                   1 
_entity_src_gen.pdbx_end_seq_num                   159 
_entity_src_gen.gene_src_common_name               ? 
_entity_src_gen.gene_src_genus                     ? 
_entity_src_gen.pdbx_gene_src_gene                 'folA, tmrA, b0048, JW0047' 
_entity_src_gen.gene_src_species                   ? 
_entity_src_gen.gene_src_strain                    ? 
_entity_src_gen.gene_src_tissue                    ? 
_entity_src_gen.gene_src_tissue_fraction           ? 
_entity_src_gen.gene_src_details                   ? 
_entity_src_gen.pdbx_gene_src_fragment             ? 
_entity_src_gen.pdbx_gene_src_scientific_name      'Escherichia coli' 
_entity_src_gen.pdbx_gene_src_ncbi_taxonomy_id     562 
_entity_src_gen.pdbx_gene_src_variant              ? 
_entity_src_gen.pdbx_gene_src_cell_line            ? 
_entity_src_gen.pdbx_gene_src_atcc                 ? 
_entity_src_gen.pdbx_gene_src_organ                ? 
_entity_src_gen.pdbx_gene_src_organelle            ? 
_entity_src_gen.pdbx_gene_src_cell                 ? 
_entity_src_gen.pdbx_gene_src_cellular_location    ? 
_entity_src_gen.host_org_common_name               ? 
_entity_src_gen.pdbx_host_org_scientific_name      'Escherichia coli BL21(DE3)' 
_entity_src_gen.pdbx_host_org_ncbi_taxonomy_id     469008 
_entity_src_gen.host_org_genus                     ? 
_entity_src_gen.pdbx_host_org_gene                 ? 
_entity_src_gen.pdbx_host_org_organ                ? 
_entity_src_gen.host_org_species                   ? 
_entity_src_gen.pdbx_host_org_tissue               ? 
_entity_src_gen.pdbx_host_org_tissue_fraction      ? 
_entity_src_gen.pdbx_host_org_strain               ? 
_entity_src_gen.pdbx_host_org_variant              ? 
_entity_src_gen.pdbx_host_org_cell_line            ? 
_entity_src_gen.pdbx_host_org_atcc                 ? 
_entity_src_gen.pdbx_host_org_culture_collection   ? 
_entity_src_gen.pdbx_host_org_cell                 ? 
_entity_src_gen.pdbx_host_org_organelle            ? 
_entity_src_gen.pdbx_host_org_cellular_location    ? 
_entity_src_gen.pdbx_host_org_vector_type          ? 
_entity_src_gen.pdbx_host_org_vector               ? 
_entity_src_gen.host_org_details                   ? 
_entity_src_gen.expression_system_id               ? 
_entity_src_gen.plasmid_name                       pET22b 
_entity_src_gen.plasmid_details                    ? 
_entity_src_gen.pdbx_description                   ? 
# 
loop_
_chem_comp.id 
_chem_comp.type 
_chem_comp.mon_nstd_flag 
_chem_comp.name 
_chem_comp.pdbx_synonyms 
_chem_comp.formula 
_chem_comp.formula_weight 
ALA 'L-peptide linking' y ALANINE              ? 'C3 H7 N O2'     89.093  
ARG 'L-peptide linking' y ARGININE             ? 'C6 H15 N4 O2 1' 175.209 
ASN 'L-peptide linking' y ASPARAGINE           ? 'C4 H8 N2 O3'    132.118 
ASP 'L-peptide linking' y 'ASPARTIC ACID'      ? 'C4 H7 N O4'     133.103 
CYS 'L-peptide linking' y CYSTEINE             ? 'C3 H7 N O2 S'   121.158 
GLN 'L-peptide linking' y GLUTAMINE            ? 'C5 H10 N2 O3'   146.144 
GLU 'L-peptide linking' y 'GLUTAMIC ACID'      ? 'C5 H9 N O4'     147.129 
GLY 'peptide linking'   y GLYCINE              ? 'C2 H5 N O2'     75.067  
HIS 'L-peptide linking' y HISTIDINE            ? 'C6 H10 N3 O2 1' 156.162 
HOH non-polymer         . WATER                ? 'H2 O'           18.015  
ILE 'L-peptide linking' y ISOLEUCINE           ? 'C6 H13 N O2'    131.173 
LEU 'L-peptide linking' y LEUCINE              ? 'C6 H13 N O2'    131.173 
LYS 'L-peptide linking' y LYSINE               ? 'C6 H15 N2 O2 1' 147.195 
MET 'L-peptide linking' y METHIONINE           ? 'C5 H11 N O2 S'  149.211 
MN  non-polymer         . 'MANGANESE (II) ION' ? 'Mn 2'           54.938  
PHE 'L-peptide linking' y PHENYLALANINE        ? 'C9 H11 N O2'    165.189 
PRO 'L-peptide linking' y PROLINE              ? 'C5 H9 N O2'     115.130 
SER 'L-peptide linking' y SERINE               ? 'C3 H7 N O3'     105.093 
THR 'L-peptide linking' y THREONINE            ? 'C4 H9 N O3'     119.119 
TRP 'L-peptide linking' y TRYPTOPHAN           ? 'C11 H12 N2 O2'  204.225 
TYR 'L-peptide linking' y TYROSINE             ? 'C9 H11 N O3'    181.189 
VAL 'L-peptide linking' y VALINE               ? 'C5 H11 N O2'    117.146 
# 
loop_
_pdbx_poly_seq_scheme.asym_id 
_pdbx_poly_seq_scheme.entity_id 
_pdbx_poly_seq_scheme.seq_id 
_pdbx_poly_seq_scheme.mon_id 
_pdbx_poly_seq_scheme.ndb_seq_num 
_pdbx_poly_seq_scheme.pdb_seq_num 
_pdbx_poly_seq_scheme.auth_seq_num 
_pdbx_poly_seq_scheme.pdb_mon_id 
_pdbx_poly_seq_scheme.auth_mon_id 
_pdbx_poly_seq_scheme.pdb_strand_id 
_pdbx_poly_seq_scheme.pdb_ins_code 
_pdbx_poly_seq_scheme.hetero 
A 1 1   MET 1   1   1   MET MET A . n 
A 1 2   ILE 2   2   2   ILE ILE A . n 
A 1 3   SER 3   3   3   SER SER A . n 
A 1 4   LEU 4   4   4   LEU LEU A . n 
A 1 5   ILE 5   5   5   ILE ILE A . n 
A 1 6   ALA 6   6   6   ALA ALA A . n 
A 1 7   ALA 7   7   7   ALA ALA A . n 
A 1 8   LEU 8   8   8   LEU LEU A . n 
A 1 9   ALA 9   9   9   ALA ALA A . n 
A 1 10  VAL 10  10  10  VAL VAL A . n 
A 1 11  ASP 11  11  11  ASP ASP A . n 
A 1 12  ARG 12  12  12  ARG ARG A . n 
A 1 13  VAL 13  13  13  VAL VAL A . n 
A 1 14  ILE 14  14  14  ILE ILE A . n 
A 1 15  GLY 15  15  ?   ?   ?   A . n 
A 1 16  MET 16  16  ?   ?   ?   A . n 
A 1 17  GLU 17  17  ?   ?   ?   A . n 
A 1 18  ASN 18  18  ?   ?   ?   A . n 
A 1 19  ALA 19  19  ?   ?   ?   A . n 
A 1 20  MET 20  20  ?   ?   ?   A . n 
A 1 21  PRO 21  21  ?   ?   ?   A . n 
A 1 22  TRP 22  22  ?   ?   ?   A . n 
A 1 23  ASN 23  23  ?   ?   ?   A . n 
A 1 24  LEU 24  24  24  LEU LEU A . n 
A 1 25  PRO 25  25  25  PRO PRO A . n 
A 1 26  ALA 26  26  26  ALA ALA A . n 
A 1 27  ASP 27  27  27  ASP ASP A . n 
A 1 28  LEU 28  28  28  LEU LEU A . n 
A 1 29  ALA 29  29  29  ALA ALA A . n 
A 1 30  TRP 30  30  30  TRP TRP A . n 
A 1 31  PHE 31  31  31  PHE PHE A . n 
A 1 32  LYS 32  32  32  LYS LYS A . n 
A 1 33  ARG 33  33  33  ARG ARG A . n 
A 1 34  ASN 34  34  34  ASN ASN A . n 
A 1 35  THR 35  35  35  THR THR A . n 
A 1 36  LEU 36  36  36  LEU LEU A . n 
A 1 37  ASN 37  37  37  ASN ASN A . n 
A 1 38  LYS 38  38  38  LYS LYS A . n 
A 1 39  PRO 39  39  39  PRO PRO A . n 
A 1 40  VAL 40  40  40  VAL VAL A . n 
A 1 41  ILE 41  41  41  ILE ILE A . n 
A 1 42  MET 42  42  42  MET MET A . n 
A 1 43  GLY 43  43  43  GLY GLY A . n 
A 1 44  ARG 44  44  44  ARG ARG A . n 
A 1 45  HIS 45  45  45  HIS HIS A . n 
A 1 46  THR 46  46  46  THR THR A . n 
A 1 47  TRP 47  47  47  TRP TRP A . n 
A 1 48  GLU 48  48  48  GLU GLU A . n 
A 1 49  SER 49  49  49  SER SER A . n 
A 1 50  ILE 50  50  50  ILE ILE A . n 
A 1 51  GLY 51  51  51  GLY GLY A . n 
A 1 52  ARG 52  52  52  ARG ARG A . n 
A 1 53  PRO 53  53  53  PRO PRO A . n 
A 1 54  LEU 54  54  54  LEU LEU A . n 
A 1 55  PRO 55  55  55  PRO PRO A . n 
A 1 56  GLY 56  56  56  GLY GLY A . n 
A 1 57  ARG 57  57  57  ARG ARG A . n 
A 1 58  LYS 58  58  58  LYS LYS A . n 
A 1 59  ASN 59  59  59  ASN ASN A . n 
A 1 60  ILE 60  60  60  ILE ILE A . n 
A 1 61  ILE 61  61  61  ILE ILE A . n 
A 1 62  LEU 62  62  62  LEU LEU A . n 
A 1 63  SER 63  63  63  SER SER A . n 
A 1 64  SER 64  64  64  SER SER A . n 
A 1 65  GLN 65  65  65  GLN GLN A . n 
A 1 66  PRO 66  66  66  PRO PRO A . n 
A 1 67  GLY 67  67  67  GLY GLY A . n 
A 1 68  THR 68  68  68  THR THR A . n 
A 1 69  ASP 69  69  69  ASP ASP A . n 
A 1 70  ASP 70  70  70  ASP ASP A . n 
A 1 71  ARG 71  71  71  ARG ARG A . n 
A 1 72  VAL 72  72  72  VAL VAL A . n 
A 1 73  THR 73  73  73  THR THR A . n 
A 1 74  TRP 74  74  74  TRP TRP A . n 
A 1 75  VAL 75  75  75  VAL VAL A . n 
A 1 76  LYS 76  76  76  LYS LYS A . n 
A 1 77  SER 77  77  77  SER SER A . n 
A 1 78  VAL 78  78  78  VAL VAL A . n 
A 1 79  ASP 79  79  79  ASP ASP A . n 
A 1 80  GLU 80  80  80  GLU GLU A . n 
A 1 81  ALA 81  81  81  ALA ALA A . n 
A 1 82  ILE 82  82  82  ILE ILE A . n 
A 1 83  ALA 83  83  83  ALA ALA A . n 
A 1 84  ALA 84  84  84  ALA ALA A . n 
A 1 85  CYS 85  85  85  CYS CYS A . n 
A 1 86  GLY 86  86  86  GLY GLY A . n 
A 1 87  ASP 87  87  87  ASP ASP A . n 
A 1 88  VAL 88  88  88  VAL VAL A . n 
A 1 89  PRO 89  89  89  PRO PRO A . n 
A 1 90  GLU 90  90  90  GLU GLU A . n 
A 1 91  ILE 91  91  91  ILE ILE A . n 
A 1 92  MET 92  92  92  MET MET A . n 
A 1 93  VAL 93  93  93  VAL VAL A . n 
A 1 94  ILE 94  94  94  ILE ILE A . n 
A 1 95  GLY 95  95  95  GLY GLY A . n 
A 1 96  GLY 96  96  96  GLY GLY A . n 
A 1 97  GLY 97  97  97  GLY GLY A . n 
A 1 98  ARG 98  98  98  ARG ARG A . n 
A 1 99  VAL 99  99  99  VAL VAL A . n 
A 1 100 PHE 100 100 100 PHE PHE A . n 
A 1 101 GLU 101 101 101 GLU GLU A . n 
A 1 102 GLN 102 102 102 GLN GLN A . n 
A 1 103 PHE 103 103 103 PHE PHE A . n 
A 1 104 LEU 104 104 104 LEU LEU A . n 
A 1 105 PRO 105 105 105 PRO PRO A . n 
A 1 106 LYS 106 106 106 LYS LYS A . n 
A 1 107 ALA 107 107 107 ALA ALA A . n 
A 1 108 GLN 108 108 108 GLN GLN A . n 
A 1 109 LYS 109 109 109 LYS LYS A . n 
A 1 110 LEU 110 110 110 LEU LEU A . n 
A 1 111 TYR 111 111 111 TYR TYR A . n 
A 1 112 LEU 112 112 112 LEU LEU A . n 
A 1 113 THR 113 113 113 THR THR A . n 
A 1 114 HIS 114 114 114 HIS HIS A . n 
A 1 115 ILE 115 115 115 ILE ILE A . n 
A 1 116 ASP 116 116 116 ASP ASP A . n 
A 1 117 ALA 117 117 117 ALA ALA A . n 
A 1 118 GLU 118 118 118 GLU GLU A . n 
A 1 119 VAL 119 119 119 VAL VAL A . n 
A 1 120 GLU 120 120 120 GLU GLU A . n 
A 1 121 GLY 121 121 121 GLY GLY A . n 
A 1 122 ASP 122 122 122 ASP ASP A . n 
A 1 123 THR 123 123 123 THR THR A . n 
A 1 124 HIS 124 124 124 HIS HIS A . n 
A 1 125 PHE 125 125 125 PHE PHE A . n 
A 1 126 PRO 126 126 126 PRO PRO A . n 
A 1 127 ASP 127 127 127 ASP ASP A . n 
A 1 128 TYR 128 128 128 TYR TYR A . n 
A 1 129 GLU 129 129 129 GLU GLU A . n 
A 1 130 PRO 130 130 130 PRO PRO A . n 
A 1 131 ASP 131 131 131 ASP ASP A . n 
A 1 132 ASP 132 132 132 ASP ASP A . n 
A 1 133 TRP 133 133 133 TRP TRP A . n 
A 1 134 GLU 134 134 134 GLU GLU A . n 
A 1 135 SER 135 135 135 SER SER A . n 
A 1 136 VAL 136 136 136 VAL VAL A . n 
A 1 137 PHE 137 137 137 PHE PHE A . n 
A 1 138 SER 138 138 138 SER SER A . n 
A 1 139 GLU 139 139 139 GLU GLU A . n 
A 1 140 PHE 140 140 140 PHE PHE A . n 
A 1 141 HIS 141 141 141 HIS HIS A . n 
A 1 142 ASP 142 142 142 ASP ASP A . n 
A 1 143 ALA 143 143 143 ALA ALA A . n 
A 1 144 ASP 144 144 144 ASP ASP A . n 
A 1 145 ALA 145 145 145 ALA ALA A . n 
A 1 146 GLN 146 146 146 GLN GLN A . n 
A 1 147 ASN 147 147 147 ASN ASN A . n 
A 1 148 SER 148 148 148 SER SER A . n 
A 1 149 HIS 149 149 149 HIS HIS A . n 
A 1 150 SER 150 150 150 SER SER A . n 
A 1 151 TYR 151 151 151 TYR TYR A . n 
A 1 152 CYS 152 152 152 CYS CYS A . n 
A 1 153 PHE 153 153 153 PHE PHE A . n 
A 1 154 GLU 154 154 154 GLU GLU A . n 
A 1 155 ILE 155 155 155 ILE ILE A . n 
A 1 156 LEU 156 156 156 LEU LEU A . n 
A 1 157 GLU 157 157 157 GLU GLU A . n 
A 1 158 ARG 158 158 158 ARG ARG A . n 
A 1 159 ARG 159 159 159 ARG ARG A . n 
# 
loop_
_pdbx_nonpoly_scheme.asym_id 
_pdbx_nonpoly_scheme.entity_id 
_pdbx_nonpoly_scheme.mon_id 
_pdbx_nonpoly_scheme.ndb_seq_num 
_pdbx_nonpoly_scheme.pdb_seq_num 
_pdbx_nonpoly_scheme.auth_seq_num 
_pdbx_nonpoly_scheme.pdb_mon_id 
_pdbx_nonpoly_scheme.auth_mon_id 
_pdbx_nonpoly_scheme.pdb_strand_id 
_pdbx_nonpoly_scheme.pdb_ins_code 
B 2 MN  1   201 201 MN  MN  A . 
C 2 MN  1   202 202 MN  MN  A . 
D 2 MN  1   203 203 MN  MN  A . 
E 2 MN  1   204 204 MN  MN  A . 
F 3 HOH 1   301 301 HOH HOH A . 
F 3 HOH 2   302 302 HOH HOH A . 
F 3 HOH 3   303 303 HOH HOH A . 
F 3 HOH 4   304 304 HOH HOH A . 
F 3 HOH 5   305 305 HOH HOH A . 
F 3 HOH 6   306 306 HOH HOH A . 
F 3 HOH 7   307 307 HOH HOH A . 
F 3 HOH 8   308 308 HOH HOH A . 
F 3 HOH 9   309 309 HOH HOH A . 
F 3 HOH 10  310 310 HOH HOH A . 
F 3 HOH 11  311 311 HOH HOH A . 
F 3 HOH 12  312 312 HOH HOH A . 
F 3 HOH 13  313 313 HOH HOH A . 
F 3 HOH 14  314 314 HOH HOH A . 
F 3 HOH 15  315 315 HOH HOH A . 
F 3 HOH 16  316 316 HOH HOH A . 
F 3 HOH 17  317 317 HOH HOH A . 
F 3 HOH 18  318 318 HOH HOH A . 
F 3 HOH 19  319 319 HOH HOH A . 
F 3 HOH 20  320 320 HOH HOH A . 
F 3 HOH 21  321 321 HOH HOH A . 
F 3 HOH 22  322 322 HOH HOH A . 
F 3 HOH 23  323 323 HOH HOH A . 
F 3 HOH 24  324 324 HOH HOH A . 
F 3 HOH 25  325 325 HOH HOH A . 
F 3 HOH 26  326 326 HOH HOH A . 
F 3 HOH 27  327 327 HOH HOH A . 
F 3 HOH 28  328 328 HOH HOH A . 
F 3 HOH 29  329 329 HOH HOH A . 
F 3 HOH 30  330 330 HOH HOH A . 
F 3 HOH 31  331 331 HOH HOH A . 
F 3 HOH 32  332 332 HOH HOH A . 
F 3 HOH 33  333 333 HOH HOH A . 
F 3 HOH 34  334 334 HOH HOH A . 
F 3 HOH 35  335 335 HOH HOH A . 
F 3 HOH 36  336 336 HOH HOH A . 
F 3 HOH 37  337 337 HOH HOH A . 
F 3 HOH 38  338 338 HOH HOH A . 
F 3 HOH 39  339 339 HOH HOH A . 
F 3 HOH 40  340 340 HOH HOH A . 
F 3 HOH 41  341 341 HOH HOH A . 
F 3 HOH 42  342 342 HOH HOH A . 
F 3 HOH 43  343 343 HOH HOH A . 
F 3 HOH 44  344 344 HOH HOH A . 
F 3 HOH 45  345 345 HOH HOH A . 
F 3 HOH 46  346 346 HOH HOH A . 
F 3 HOH 47  347 347 HOH HOH A . 
F 3 HOH 48  348 348 HOH HOH A . 
F 3 HOH 49  349 349 HOH HOH A . 
F 3 HOH 50  350 350 HOH HOH A . 
F 3 HOH 51  351 351 HOH HOH A . 
F 3 HOH 52  352 352 HOH HOH A . 
F 3 HOH 53  353 353 HOH HOH A . 
F 3 HOH 54  354 354 HOH HOH A . 
F 3 HOH 55  355 355 HOH HOH A . 
F 3 HOH 56  356 356 HOH HOH A . 
F 3 HOH 57  357 357 HOH HOH A . 
F 3 HOH 58  358 358 HOH HOH A . 
F 3 HOH 59  359 359 HOH HOH A . 
F 3 HOH 60  360 360 HOH HOH A . 
F 3 HOH 61  361 361 HOH HOH A . 
F 3 HOH 62  362 362 HOH HOH A . 
F 3 HOH 63  363 363 HOH HOH A . 
F 3 HOH 64  364 364 HOH HOH A . 
F 3 HOH 65  365 365 HOH HOH A . 
F 3 HOH 66  366 366 HOH HOH A . 
F 3 HOH 67  367 367 HOH HOH A . 
F 3 HOH 68  368 368 HOH HOH A . 
F 3 HOH 69  369 369 HOH HOH A . 
F 3 HOH 70  370 370 HOH HOH A . 
F 3 HOH 71  371 371 HOH HOH A . 
F 3 HOH 72  372 372 HOH HOH A . 
F 3 HOH 73  373 373 HOH HOH A . 
F 3 HOH 74  374 374 HOH HOH A . 
F 3 HOH 75  375 375 HOH HOH A . 
F 3 HOH 76  376 376 HOH HOH A . 
F 3 HOH 77  377 377 HOH HOH A . 
F 3 HOH 78  378 378 HOH HOH A . 
F 3 HOH 79  379 379 HOH HOH A . 
F 3 HOH 80  380 380 HOH HOH A . 
F 3 HOH 81  381 381 HOH HOH A . 
F 3 HOH 82  382 382 HOH HOH A . 
F 3 HOH 83  383 383 HOH HOH A . 
F 3 HOH 84  384 384 HOH HOH A . 
F 3 HOH 85  385 385 HOH HOH A . 
F 3 HOH 86  386 386 HOH HOH A . 
F 3 HOH 87  387 387 HOH HOH A . 
F 3 HOH 88  388 388 HOH HOH A . 
F 3 HOH 89  389 389 HOH HOH A . 
F 3 HOH 90  390 390 HOH HOH A . 
F 3 HOH 91  391 391 HOH HOH A . 
F 3 HOH 92  392 392 HOH HOH A . 
F 3 HOH 93  393 393 HOH HOH A . 
F 3 HOH 94  394 394 HOH HOH A . 
F 3 HOH 95  395 395 HOH HOH A . 
F 3 HOH 96  396 396 HOH HOH A . 
F 3 HOH 97  397 397 HOH HOH A . 
F 3 HOH 98  398 398 HOH HOH A . 
F 3 HOH 99  399 399 HOH HOH A . 
F 3 HOH 100 400 400 HOH HOH A . 
F 3 HOH 101 401 401 HOH HOH A . 
F 3 HOH 102 402 402 HOH HOH A . 
F 3 HOH 103 403 403 HOH HOH A . 
F 3 HOH 104 404 404 HOH HOH A . 
F 3 HOH 105 405 405 HOH HOH A . 
F 3 HOH 106 406 406 HOH HOH A . 
F 3 HOH 107 407 407 HOH HOH A . 
F 3 HOH 108 408 408 HOH HOH A . 
F 3 HOH 109 409 409 HOH HOH A . 
F 3 HOH 110 410 410 HOH HOH A . 
F 3 HOH 111 411 411 HOH HOH A . 
F 3 HOH 112 412 412 HOH HOH A . 
F 3 HOH 113 413 413 HOH HOH A . 
F 3 HOH 114 414 414 HOH HOH A . 
F 3 HOH 115 415 415 HOH HOH A . 
F 3 HOH 116 416 416 HOH HOH A . 
F 3 HOH 117 417 417 HOH HOH A . 
F 3 HOH 118 418 418 HOH HOH A . 
F 3 HOH 119 419 419 HOH HOH A . 
F 3 HOH 120 420 420 HOH HOH A . 
F 3 HOH 121 421 421 HOH HOH A . 
F 3 HOH 122 422 422 HOH HOH A . 
F 3 HOH 123 423 423 HOH HOH A . 
F 3 HOH 124 424 424 HOH HOH A . 
F 3 HOH 125 425 425 HOH HOH A . 
F 3 HOH 126 426 426 HOH HOH A . 
F 3 HOH 127 427 427 HOH HOH A . 
F 3 HOH 128 428 428 HOH HOH A . 
F 3 HOH 129 429 429 HOH HOH A . 
F 3 HOH 130 430 430 HOH HOH A . 
F 3 HOH 131 431 431 HOH HOH A . 
F 3 HOH 132 432 432 HOH HOH A . 
F 3 HOH 133 433 433 HOH HOH A . 
F 3 HOH 134 434 434 HOH HOH A . 
F 3 HOH 135 435 435 HOH HOH A . 
F 3 HOH 136 436 436 HOH HOH A . 
F 3 HOH 137 437 437 HOH HOH A . 
F 3 HOH 138 438 438 HOH HOH A . 
F 3 HOH 139 439 439 HOH HOH A . 
F 3 HOH 140 440 440 HOH HOH A . 
F 3 HOH 141 441 441 HOH HOH A . 
F 3 HOH 142 442 442 HOH HOH A . 
F 3 HOH 143 443 443 HOH HOH A . 
F 3 HOH 144 444 444 HOH HOH A . 
F 3 HOH 145 445 445 HOH HOH A . 
F 3 HOH 146 446 446 HOH HOH A . 
F 3 HOH 147 447 447 HOH HOH A . 
F 3 HOH 148 448 448 HOH HOH A . 
F 3 HOH 149 449 449 HOH HOH A . 
F 3 HOH 150 450 450 HOH HOH A . 
F 3 HOH 151 451 451 HOH HOH A . 
F 3 HOH 152 452 452 HOH HOH A . 
F 3 HOH 153 453 453 HOH HOH A . 
F 3 HOH 154 454 454 HOH HOH A . 
F 3 HOH 155 455 455 HOH HOH A . 
F 3 HOH 156 456 456 HOH HOH A . 
F 3 HOH 157 457 457 HOH HOH A . 
F 3 HOH 158 458 458 HOH HOH A . 
F 3 HOH 159 459 459 HOH HOH A . 
F 3 HOH 160 460 460 HOH HOH A . 
F 3 HOH 161 461 461 HOH HOH A . 
F 3 HOH 162 462 462 HOH HOH A . 
F 3 HOH 163 463 463 HOH HOH A . 
F 3 HOH 164 464 464 HOH HOH A . 
F 3 HOH 165 465 465 HOH HOH A . 
F 3 HOH 166 466 466 HOH HOH A . 
F 3 HOH 167 467 467 HOH HOH A . 
F 3 HOH 168 468 468 HOH HOH A . 
F 3 HOH 169 469 469 HOH HOH A . 
F 3 HOH 170 470 470 HOH HOH A . 
F 3 HOH 171 471 471 HOH HOH A . 
# 
loop_
_pdbx_unobs_or_zero_occ_atoms.id 
_pdbx_unobs_or_zero_occ_atoms.PDB_model_num 
_pdbx_unobs_or_zero_occ_atoms.polymer_flag 
_pdbx_unobs_or_zero_occ_atoms.occupancy_flag 
_pdbx_unobs_or_zero_occ_atoms.auth_asym_id 
_pdbx_unobs_or_zero_occ_atoms.auth_comp_id 
_pdbx_unobs_or_zero_occ_atoms.auth_seq_id 
_pdbx_unobs_or_zero_occ_atoms.PDB_ins_code 
_pdbx_unobs_or_zero_occ_atoms.auth_atom_id 
_pdbx_unobs_or_zero_occ_atoms.label_alt_id 
_pdbx_unobs_or_zero_occ_atoms.label_asym_id 
_pdbx_unobs_or_zero_occ_atoms.label_comp_id 
_pdbx_unobs_or_zero_occ_atoms.label_seq_id 
_pdbx_unobs_or_zero_occ_atoms.label_atom_id 
1 1 Y 1 A GLU 120 ? CG  ? A GLU 120 CG  
2 1 Y 1 A GLU 120 ? CD  ? A GLU 120 CD  
3 1 Y 1 A GLU 120 ? OE1 ? A GLU 120 OE1 
4 1 Y 1 A GLU 120 ? OE2 ? A GLU 120 OE2 
# 
loop_
_software.citation_id 
_software.classification 
_software.compiler_name 
_software.compiler_version 
_software.contact_author 
_software.contact_author_email 
_software.date 
_software.description 
_software.dependencies 
_software.hardware 
_software.language 
_software.location 
_software.mods 
_software.name 
_software.os 
_software.os_version 
_software.type 
_software.version 
_software.pdbx_reference_DOI 
_software.pdbx_ordinal 
? refinement       ? ? ? ? ? ? ? ? ? ? ? PHENIX ? ? ? 1.19.2_4158 ? 1 
? 'data scaling'   ? ? ? ? ? ? ? ? ? ? ? XSCALE ? ? ? .           ? 2 
? 'data reduction' ? ? ? ? ? ? ? ? ? ? ? XDS    ? ? ? .           ? 3 
? phasing          ? ? ? ? ? ? ? ? ? ? ? PHASER ? ? ? .           ? 4 
# 
_cell.angle_alpha                  90.00 
_cell.angle_alpha_esd              ? 
_cell.angle_beta                   90.00 
_cell.angle_beta_esd               ? 
_cell.angle_gamma                  90.00 
_cell.angle_gamma_esd              ? 
_cell.entry_id                     9NJO 
_cell.details                      ? 
_cell.formula_units_Z              ? 
_cell.length_a                     33.850 
_cell.length_a_esd                 ? 
_cell.length_b                     42.650 
_cell.length_b_esd                 ? 
_cell.length_c                     97.500 
_cell.length_c_esd                 ? 
_cell.volume                       ? 
_cell.volume_esd                   ? 
_cell.Z_PDB                        4 
_cell.reciprocal_angle_alpha       ? 
_cell.reciprocal_angle_beta        ? 
_cell.reciprocal_angle_gamma       ? 
_cell.reciprocal_angle_alpha_esd   ? 
_cell.reciprocal_angle_beta_esd    ? 
_cell.reciprocal_angle_gamma_esd   ? 
_cell.reciprocal_length_a          ? 
_cell.reciprocal_length_b          ? 
_cell.reciprocal_length_c          ? 
_cell.reciprocal_length_a_esd      ? 
_cell.reciprocal_length_b_esd      ? 
_cell.reciprocal_length_c_esd      ? 
_cell.pdbx_unique_axis             ? 
_cell.pdbx_esd_method              ? 
# 
_symmetry.entry_id                         9NJO 
_symmetry.cell_setting                     ? 
_symmetry.Int_Tables_number                19 
_symmetry.space_group_name_Hall            ? 
_symmetry.space_group_name_H-M             'P 21 21 21' 
_symmetry.pdbx_full_space_group_name_H-M   ? 
# 
_exptl.absorpt_coefficient_mu     ? 
_exptl.absorpt_correction_T_max   ? 
_exptl.absorpt_correction_T_min   ? 
_exptl.absorpt_correction_type    ? 
_exptl.absorpt_process_details    ? 
_exptl.entry_id                   9NJO 
_exptl.crystals_number            1 
_exptl.details                    ? 
_exptl.method                     'X-RAY DIFFRACTION' 
_exptl.method_details             ? 
# 
_exptl_crystal.colour                       ? 
_exptl_crystal.density_diffrn               ? 
_exptl_crystal.density_Matthews             1.95 
_exptl_crystal.density_method               ? 
_exptl_crystal.density_percent_sol          37.07 
_exptl_crystal.description                  'Thin rods' 
_exptl_crystal.F_000                        ? 
_exptl_crystal.id                           1 
_exptl_crystal.preparation                  ? 
_exptl_crystal.size_max                     ? 
_exptl_crystal.size_mid                     ? 
_exptl_crystal.size_min                     ? 
_exptl_crystal.size_rad                     ? 
_exptl_crystal.colour_lustre                ? 
_exptl_crystal.colour_modifier              ? 
_exptl_crystal.colour_primary               ? 
_exptl_crystal.density_meas                 ? 
_exptl_crystal.density_meas_esd             ? 
_exptl_crystal.density_meas_gt              ? 
_exptl_crystal.density_meas_lt              ? 
_exptl_crystal.density_meas_temp            ? 
_exptl_crystal.density_meas_temp_esd        ? 
_exptl_crystal.density_meas_temp_gt         ? 
_exptl_crystal.density_meas_temp_lt         ? 
_exptl_crystal.pdbx_crystal_image_url       ? 
_exptl_crystal.pdbx_crystal_image_format    ? 
_exptl_crystal.pdbx_mosaicity               ? 
_exptl_crystal.pdbx_mosaicity_esd           ? 
_exptl_crystal.pdbx_mosaic_method           ? 
_exptl_crystal.pdbx_mosaic_block_size       ? 
_exptl_crystal.pdbx_mosaic_block_size_esd   ? 
# 
_exptl_crystal_grow.apparatus       ? 
_exptl_crystal_grow.atmosphere      ? 
_exptl_crystal_grow.crystal_id      1 
_exptl_crystal_grow.details         ? 
_exptl_crystal_grow.method          'VAPOR DIFFUSION, HANGING DROP' 
_exptl_crystal_grow.method_ref      ? 
_exptl_crystal_grow.pH              7.0 
_exptl_crystal_grow.pressure        ? 
_exptl_crystal_grow.pressure_esd    ? 
_exptl_crystal_grow.seeding         ? 
_exptl_crystal_grow.seeding_ref     ? 
_exptl_crystal_grow.temp_details    ? 
_exptl_crystal_grow.temp_esd        ? 
_exptl_crystal_grow.time            ? 
_exptl_crystal_grow.pdbx_details    'PEG 6000, Manganese chloride, imidazole' 
_exptl_crystal_grow.pdbx_pH_range   ? 
_exptl_crystal_grow.temp            277 
# 
_diffrn.ambient_environment              ? 
_diffrn.ambient_temp                     100 
_diffrn.ambient_temp_details             ? 
_diffrn.ambient_temp_esd                 ? 
_diffrn.crystal_id                       1 
_diffrn.crystal_support                  ? 
_diffrn.crystal_treatment                ? 
_diffrn.details                          ? 
_diffrn.id                               1 
_diffrn.ambient_pressure                 ? 
_diffrn.ambient_pressure_esd             ? 
_diffrn.ambient_pressure_gt              ? 
_diffrn.ambient_pressure_lt              ? 
_diffrn.ambient_temp_gt                  ? 
_diffrn.ambient_temp_lt                  ? 
_diffrn.pdbx_serial_crystal_experiment   N 
# 
_diffrn_detector.details                      ? 
_diffrn_detector.detector                     PIXEL 
_diffrn_detector.diffrn_id                    1 
_diffrn_detector.type                         'DECTRIS EIGER2 XE 16M' 
_diffrn_detector.area_resol_mean              ? 
_diffrn_detector.dtime                        ? 
_diffrn_detector.pdbx_frames_total            ? 
_diffrn_detector.pdbx_collection_time_total   ? 
_diffrn_detector.pdbx_collection_date         2025-01-30 
_diffrn_detector.pdbx_frequency               ? 
_diffrn_detector.id                           ? 
_diffrn_detector.number_of_axes               ? 
# 
_diffrn_radiation.collimation                      ? 
_diffrn_radiation.diffrn_id                        1 
_diffrn_radiation.filter_edge                      ? 
_diffrn_radiation.inhomogeneity                    ? 
_diffrn_radiation.monochromator                    ? 
_diffrn_radiation.polarisn_norm                    ? 
_diffrn_radiation.polarisn_ratio                   ? 
_diffrn_radiation.probe                            ? 
_diffrn_radiation.type                             ? 
_diffrn_radiation.xray_symbol                      ? 
_diffrn_radiation.wavelength_id                    1 
_diffrn_radiation.pdbx_monochromatic_or_laue_m_l   M 
_diffrn_radiation.pdbx_wavelength_list             ? 
_diffrn_radiation.pdbx_wavelength                  ? 
_diffrn_radiation.pdbx_diffrn_protocol             'SINGLE WAVELENGTH' 
_diffrn_radiation.pdbx_analyzer                    ? 
_diffrn_radiation.pdbx_scattering_type             x-ray 
# 
_diffrn_radiation_wavelength.id           1 
_diffrn_radiation_wavelength.wavelength   0.9795 
_diffrn_radiation_wavelength.wt           1.0 
# 
_diffrn_source.current                     ? 
_diffrn_source.details                     ? 
_diffrn_source.diffrn_id                   1 
_diffrn_source.power                       ? 
_diffrn_source.size                        ? 
_diffrn_source.source                      SYNCHROTRON 
_diffrn_source.target                      ? 
_diffrn_source.type                        'SSRL BEAMLINE BL12-1' 
_diffrn_source.voltage                     ? 
_diffrn_source.take-off_angle              ? 
_diffrn_source.pdbx_wavelength_list        0.9795 
_diffrn_source.pdbx_wavelength             ? 
_diffrn_source.pdbx_synchrotron_beamline   BL12-1 
_diffrn_source.pdbx_synchrotron_site       SSRL 
# 
_reflns.B_iso_Wilson_estimate                          ? 
_reflns.entry_id                                       9NJO 
_reflns.data_reduction_details                         ? 
_reflns.data_reduction_method                          ? 
_reflns.d_resolution_high                              1.8 
_reflns.d_resolution_low                               32.10 
_reflns.details                                        ? 
_reflns.limit_h_max                                    ? 
_reflns.limit_h_min                                    ? 
_reflns.limit_k_max                                    ? 
_reflns.limit_k_min                                    ? 
_reflns.limit_l_max                                    ? 
_reflns.limit_l_min                                    ? 
_reflns.number_all                                     ? 
_reflns.number_obs                                     13501 
_reflns.observed_criterion                             ? 
_reflns.observed_criterion_F_max                       ? 
_reflns.observed_criterion_F_min                       ? 
_reflns.observed_criterion_I_max                       ? 
_reflns.observed_criterion_I_min                       ? 
_reflns.observed_criterion_sigma_F                     ? 
_reflns.observed_criterion_sigma_I                     ? 
_reflns.percent_possible_obs                           98.1 
_reflns.R_free_details                                 ? 
_reflns.Rmerge_F_all                                   ? 
_reflns.Rmerge_F_obs                                   ? 
_reflns.Friedel_coverage                               ? 
_reflns.number_gt                                      ? 
_reflns.threshold_expression                           ? 
_reflns.pdbx_redundancy                                3.7 
_reflns.pdbx_netI_over_av_sigmaI                       ? 
_reflns.pdbx_netI_over_sigmaI                          8.46 
_reflns.pdbx_res_netI_over_av_sigmaI_2                 ? 
_reflns.pdbx_res_netI_over_sigmaI_2                    ? 
_reflns.pdbx_chi_squared                               ? 
_reflns.pdbx_scaling_rejects                           ? 
_reflns.pdbx_d_res_high_opt                            ? 
_reflns.pdbx_d_res_low_opt                             ? 
_reflns.pdbx_d_res_opt_method                          ? 
_reflns.phase_calculation_details                      ? 
_reflns.pdbx_Rrim_I_all                                0.21 
_reflns.pdbx_Rpim_I_all                                ? 
_reflns.pdbx_d_opt                                     ? 
_reflns.pdbx_number_measured_all                       ? 
_reflns.pdbx_diffrn_id                                 1 
_reflns.pdbx_ordinal                                   1 
_reflns.pdbx_CC_half                                   0.988 
_reflns.pdbx_CC_star                                   ? 
_reflns.pdbx_R_split                                   ? 
_reflns.pdbx_Rmerge_I_obs                              0.179 
_reflns.pdbx_Rmerge_I_all                              ? 
_reflns.pdbx_Rsym_value                                ? 
_reflns.pdbx_CC_split_method                           ? 
_reflns.pdbx_aniso_diffraction_limit_axis_1_ortho[1]   ? 
_reflns.pdbx_aniso_diffraction_limit_axis_1_ortho[2]   ? 
_reflns.pdbx_aniso_diffraction_limit_axis_1_ortho[3]   ? 
_reflns.pdbx_aniso_diffraction_limit_axis_2_ortho[1]   ? 
_reflns.pdbx_aniso_diffraction_limit_axis_2_ortho[2]   ? 
_reflns.pdbx_aniso_diffraction_limit_axis_2_ortho[3]   ? 
_reflns.pdbx_aniso_diffraction_limit_axis_3_ortho[1]   ? 
_reflns.pdbx_aniso_diffraction_limit_axis_3_ortho[2]   ? 
_reflns.pdbx_aniso_diffraction_limit_axis_3_ortho[3]   ? 
_reflns.pdbx_aniso_diffraction_limit_1                 ? 
_reflns.pdbx_aniso_diffraction_limit_2                 ? 
_reflns.pdbx_aniso_diffraction_limit_3                 ? 
_reflns.pdbx_aniso_B_tensor_eigenvector_1_ortho[1]     ? 
_reflns.pdbx_aniso_B_tensor_eigenvector_1_ortho[2]     ? 
_reflns.pdbx_aniso_B_tensor_eigenvector_1_ortho[3]     ? 
_reflns.pdbx_aniso_B_tensor_eigenvector_2_ortho[1]     ? 
_reflns.pdbx_aniso_B_tensor_eigenvector_2_ortho[2]     ? 
_reflns.pdbx_aniso_B_tensor_eigenvector_2_ortho[3]     ? 
_reflns.pdbx_aniso_B_tensor_eigenvector_3_ortho[1]     ? 
_reflns.pdbx_aniso_B_tensor_eigenvector_3_ortho[2]     ? 
_reflns.pdbx_aniso_B_tensor_eigenvector_3_ortho[3]     ? 
_reflns.pdbx_aniso_B_tensor_eigenvalue_1               ? 
_reflns.pdbx_aniso_B_tensor_eigenvalue_2               ? 
_reflns.pdbx_aniso_B_tensor_eigenvalue_3               ? 
_reflns.pdbx_orthogonalization_convention              ? 
_reflns.pdbx_percent_possible_ellipsoidal              ? 
_reflns.pdbx_percent_possible_spherical                ? 
_reflns.pdbx_percent_possible_ellipsoidal_anomalous    ? 
_reflns.pdbx_percent_possible_spherical_anomalous      ? 
_reflns.pdbx_redundancy_anomalous                      ? 
_reflns.pdbx_CC_half_anomalous                         ? 
_reflns.pdbx_absDiff_over_sigma_anomalous              ? 
_reflns.pdbx_percent_possible_anomalous                ? 
_reflns.pdbx_observed_signal_threshold                 ? 
_reflns.pdbx_signal_type                               ? 
_reflns.pdbx_signal_details                            ? 
_reflns.pdbx_signal_software_id                        ? 
# 
loop_
_reflns_shell.d_res_high 
_reflns_shell.d_res_low 
_reflns_shell.meanI_over_sigI_all 
_reflns_shell.meanI_over_sigI_obs 
_reflns_shell.number_measured_all 
_reflns_shell.number_measured_obs 
_reflns_shell.number_possible 
_reflns_shell.number_unique_all 
_reflns_shell.number_unique_obs 
_reflns_shell.percent_possible_obs 
_reflns_shell.Rmerge_F_all 
_reflns_shell.Rmerge_F_obs 
_reflns_shell.meanI_over_sigI_gt 
_reflns_shell.meanI_over_uI_all 
_reflns_shell.meanI_over_uI_gt 
_reflns_shell.number_measured_gt 
_reflns_shell.number_unique_gt 
_reflns_shell.percent_possible_gt 
_reflns_shell.Rmerge_F_gt 
_reflns_shell.Rmerge_I_gt 
_reflns_shell.pdbx_redundancy 
_reflns_shell.pdbx_chi_squared 
_reflns_shell.pdbx_netI_over_sigmaI_all 
_reflns_shell.pdbx_netI_over_sigmaI_obs 
_reflns_shell.pdbx_Rrim_I_all 
_reflns_shell.pdbx_Rpim_I_all 
_reflns_shell.pdbx_rejects 
_reflns_shell.pdbx_ordinal 
_reflns_shell.pdbx_diffrn_id 
_reflns_shell.pdbx_CC_half 
_reflns_shell.pdbx_CC_star 
_reflns_shell.pdbx_R_split 
_reflns_shell.percent_possible_all 
_reflns_shell.Rmerge_I_all 
_reflns_shell.Rmerge_I_obs 
_reflns_shell.pdbx_Rsym_value 
_reflns_shell.pdbx_percent_possible_ellipsoidal 
_reflns_shell.pdbx_percent_possible_spherical 
_reflns_shell.pdbx_percent_possible_ellipsoidal_anomalous 
_reflns_shell.pdbx_percent_possible_spherical_anomalous 
_reflns_shell.pdbx_redundancy_anomalous 
_reflns_shell.pdbx_CC_half_anomalous 
_reflns_shell.pdbx_absDiff_over_sigma_anomalous 
_reflns_shell.pdbx_percent_possible_anomalous 
1.80 1.84  ? ? ? ? ? ? 981 ? ? ? ? ? ? ? ? ? ? ? ? ? ? ? 1.193 ? ? 1  1 0.645 ? ? ? ? 1.024 ? ? ? ? ? ? ? ? ? 
1.84 1.89  ? ? ? ? ? ? 972 ? ? ? ? ? ? ? ? ? ? ? ? ? ? ? 1.11  ? ? 2  1 0.569 ? ? ? ? 0.949 ? ? ? ? ? ? ? ? ? 
1.89 1.95  ? ? ? ? ? ? 908 ? ? ? ? ? ? ? ? ? ? ? ? ? ? ? 0.996 ? ? 3  1 0.646 ? ? ? ? 0.847 ? ? ? ? ? ? ? ? ? 
1.95 2.01  ? ? ? ? ? ? 904 ? ? ? ? ? ? ? ? ? ? ? ? ? ? ? 0.724 ? ? 4  1 0.74  ? ? ? ? 0.615 ? ? ? ? ? ? ? ? ? 
2.01 2.08  ? ? ? ? ? ? 824 ? ? ? ? ? ? ? ? ? ? ? ? ? ? ? 0.695 ? ? 5  1 0.808 ? ? ? ? 0.58  ? ? ? ? ? ? ? ? ? 
2.08 2.15  ? ? ? ? ? ? 850 ? ? ? ? ? ? ? ? ? ? ? ? ? ? ? 0.483 ? ? 6  1 0.884 ? ? ? ? 0.414 ? ? ? ? ? ? ? ? ? 
2.15 2.23  ? ? ? ? ? ? 838 ? ? ? ? ? ? ? ? ? ? ? ? ? ? ? 0.484 ? ? 7  1 0.894 ? ? ? ? 0.417 ? ? ? ? ? ? ? ? ? 
2.23 2.32  ? ? ? ? ? ? 779 ? ? ? ? ? ? ? ? ? ? ? ? ? ? ? 0.498 ? ? 8  1 0.882 ? ? ? ? 0.428 ? ? ? ? ? ? ? ? ? 
2.32 2.42  ? ? ? ? ? ? 792 ? ? ? ? ? ? ? ? ? ? ? ? ? ? ? 0.371 ? ? 9  1 0.936 ? ? ? ? 0.32  ? ? ? ? ? ? ? ? ? 
2.42 2.54  ? ? ? ? ? ? 731 ? ? ? ? ? ? ? ? ? ? ? ? ? ? ? 0.317 ? ? 10 1 0.941 ? ? ? ? 0.273 ? ? ? ? ? ? ? ? ? 
2.54 2.68  ? ? ? ? ? ? 704 ? ? ? ? ? ? ? ? ? ? ? ? ? ? ? 0.287 ? ? 11 1 0.927 ? ? ? ? 0.245 ? ? ? ? ? ? ? ? ? 
2.68 2.84  ? ? ? ? ? ? 677 ? ? ? ? ? ? ? ? ? ? ? ? ? ? ? 0.259 ? ? 12 1 0.965 ? ? ? ? 0.222 ? ? ? ? ? ? ? ? ? 
2.84 3.04  ? ? ? ? ? ? 632 ? ? ? ? ? ? ? ? ? ? ? ? ? ? ? 0.208 ? ? 13 1 0.953 ? ? ? ? 0.179 ? ? ? ? ? ? ? ? ? 
3.04 3.28  ? ? ? ? ? ? 581 ? ? ? ? ? ? ? ? ? ? ? ? ? ? ? 0.161 ? ? 14 1 0.973 ? ? ? ? 0.137 ? ? ? ? ? ? ? ? ? 
3.28 3.59  ? ? ? ? ? ? 538 ? ? ? ? ? ? ? ? ? ? ? ? ? ? ? 0.114 ? ? 15 1 0.987 ? ? ? ? 0.097 ? ? ? ? ? ? ? ? ? 
3.59 4.02  ? ? ? ? ? ? 453 ? ? ? ? ? ? ? ? ? ? ? ? ? ? ? 0.089 ? ? 16 1 0.992 ? ? ? ? 0.074 ? ? ? ? ? ? ? ? ? 
4.02 4.64  ? ? ? ? ? ? 454 ? ? ? ? ? ? ? ? ? ? ? ? ? ? ? 0.07  ? ? 17 1 0.994 ? ? ? ? 0.06  ? ? ? ? ? ? ? ? ? 
4.64 5.68  ? ? ? ? ? ? 389 ? ? ? ? ? ? ? ? ? ? ? ? ? ? ? 0.07  ? ? 18 1 0.993 ? ? ? ? 0.06  ? ? ? ? ? ? ? ? ? 
5.68 8.04  ? ? ? ? ? ? 307 ? ? ? ? ? ? ? ? ? ? ? ? ? ? ? 0.067 ? ? 19 1 0.994 ? ? ? ? 0.057 ? ? ? ? ? ? ? ? ? 
8.04 32.10 ? ? ? ? ? ? 187 ? ? ? ? ? ? ? ? ? ? ? ? ? ? ? 0.05  ? ? 20 1 0.997 ? ? ? ? 0.042 ? ? ? ? ? ? ? ? ? 
# 
_refine.aniso_B[1][1]                            ? 
_refine.aniso_B[1][2]                            ? 
_refine.aniso_B[1][3]                            ? 
_refine.aniso_B[2][2]                            ? 
_refine.aniso_B[2][3]                            ? 
_refine.aniso_B[3][3]                            ? 
_refine.B_iso_max                                ? 
_refine.B_iso_mean                               ? 
_refine.B_iso_min                                ? 
_refine.correlation_coeff_Fo_to_Fc               ? 
_refine.correlation_coeff_Fo_to_Fc_free          ? 
_refine.details                                  ? 
_refine.diff_density_max                         ? 
_refine.diff_density_max_esd                     ? 
_refine.diff_density_min                         ? 
_refine.diff_density_min_esd                     ? 
_refine.diff_density_rms                         ? 
_refine.diff_density_rms_esd                     ? 
_refine.entry_id                                 9NJO 
_refine.pdbx_refine_id                           'X-RAY DIFFRACTION' 
_refine.ls_abs_structure_details                 ? 
_refine.ls_abs_structure_Flack                   ? 
_refine.ls_abs_structure_Flack_esd               ? 
_refine.ls_abs_structure_Rogers                  ? 
_refine.ls_abs_structure_Rogers_esd              ? 
_refine.ls_d_res_high                            1.80 
_refine.ls_d_res_low                             32.10 
_refine.ls_extinction_coef                       ? 
_refine.ls_extinction_coef_esd                   ? 
_refine.ls_extinction_expression                 ? 
_refine.ls_extinction_method                     ? 
_refine.ls_goodness_of_fit_all                   ? 
_refine.ls_goodness_of_fit_all_esd               ? 
_refine.ls_goodness_of_fit_obs                   ? 
_refine.ls_goodness_of_fit_obs_esd               ? 
_refine.ls_hydrogen_treatment                    ? 
_refine.ls_matrix_type                           ? 
_refine.ls_number_constraints                    ? 
_refine.ls_number_parameters                     ? 
_refine.ls_number_reflns_all                     ? 
_refine.ls_number_reflns_obs                     13490 
_refine.ls_number_reflns_R_free                  675 
_refine.ls_number_reflns_R_work                  ? 
_refine.ls_number_restraints                     ? 
_refine.ls_percent_reflns_obs                    98.1 
_refine.ls_percent_reflns_R_free                 5.000 
_refine.ls_R_factor_all                          ? 
_refine.ls_R_factor_obs                          0.226 
_refine.ls_R_factor_R_free                       0.250 
_refine.ls_R_factor_R_free_error                 ? 
_refine.ls_R_factor_R_free_error_details         ? 
_refine.ls_R_factor_R_work                       0.225 
_refine.ls_R_Fsqd_factor_obs                     ? 
_refine.ls_R_I_factor_obs                        ? 
_refine.ls_redundancy_reflns_all                 ? 
_refine.ls_redundancy_reflns_obs                 ? 
_refine.ls_restrained_S_all                      ? 
_refine.ls_restrained_S_obs                      ? 
_refine.ls_shift_over_esd_max                    ? 
_refine.ls_shift_over_esd_mean                   ? 
_refine.ls_structure_factor_coef                 ? 
_refine.ls_weighting_details                     ? 
_refine.ls_weighting_scheme                      ? 
_refine.ls_wR_factor_all                         ? 
_refine.ls_wR_factor_obs                         ? 
_refine.ls_wR_factor_R_free                      ? 
_refine.ls_wR_factor_R_work                      ? 
_refine.occupancy_max                            ? 
_refine.occupancy_min                            ? 
_refine.solvent_model_details                    'FLAT BULK SOLVENT MODEL' 
_refine.solvent_model_param_bsol                 ? 
_refine.solvent_model_param_ksol                 ? 
_refine.correlation_coeff_I_to_Fcsqd_work        ? 
_refine.correlation_coeff_I_to_Fcsqd_free        ? 
_refine.pdbx_R_complete                          ? 
_refine.ls_R_factor_gt                           ? 
_refine.ls_goodness_of_fit_gt                    ? 
_refine.ls_goodness_of_fit_ref                   ? 
_refine.ls_shift_over_su_max                     ? 
_refine.ls_shift_over_su_max_lt                  ? 
_refine.ls_shift_over_su_mean                    ? 
_refine.ls_shift_over_su_mean_lt                 ? 
_refine.pdbx_ls_sigma_I                          ? 
_refine.pdbx_ls_sigma_F                          1.350 
_refine.pdbx_ls_sigma_Fsqd                       ? 
_refine.pdbx_data_cutoff_high_absF               ? 
_refine.pdbx_data_cutoff_high_rms_absF           ? 
_refine.pdbx_data_cutoff_low_absF                ? 
_refine.pdbx_isotropic_thermal_model             ? 
_refine.pdbx_ls_cross_valid_method               'FREE R-VALUE' 
_refine.pdbx_method_to_determine_struct          'MOLECULAR REPLACEMENT' 
_refine.pdbx_starting_model                      ? 
_refine.pdbx_stereochemistry_target_values       ML 
_refine.pdbx_R_Free_selection_details            ? 
_refine.pdbx_stereochem_target_val_spec_case     ? 
_refine.pdbx_overall_ESU_R                       ? 
_refine.pdbx_overall_ESU_R_Free                  ? 
_refine.pdbx_solvent_vdw_probe_radii             1.11 
_refine.pdbx_solvent_ion_probe_radii             ? 
_refine.pdbx_solvent_shrinkage_radii             0.90 
_refine.pdbx_real_space_R                        ? 
_refine.pdbx_density_correlation                 ? 
_refine.pdbx_pd_number_of_powder_patterns        ? 
_refine.pdbx_pd_number_of_points                 ? 
_refine.pdbx_pd_meas_number_of_points            ? 
_refine.pdbx_pd_proc_ls_prof_R_factor            ? 
_refine.pdbx_pd_proc_ls_prof_wR_factor           ? 
_refine.pdbx_pd_Marquardt_correlation_coeff      ? 
_refine.pdbx_pd_Fsqrd_R_factor                   ? 
_refine.pdbx_pd_ls_matrix_band_width             ? 
_refine.pdbx_overall_phase_error                 24.860 
_refine.pdbx_overall_SU_R_free_Cruickshank_DPI   ? 
_refine.pdbx_overall_SU_R_free_Blow_DPI          ? 
_refine.pdbx_overall_SU_R_Blow_DPI               ? 
_refine.pdbx_TLS_residual_ADP_flag               ? 
_refine.pdbx_diffrn_id                           1 
_refine.overall_SU_B                             ? 
_refine.overall_SU_ML                            0.250 
_refine.overall_SU_R_Cruickshank_DPI             ? 
_refine.overall_SU_R_free                        ? 
_refine.overall_FOM_free_R_set                   ? 
_refine.overall_FOM_work_R_set                   ? 
_refine.pdbx_average_fsc_overall                 ? 
_refine.pdbx_average_fsc_work                    ? 
_refine.pdbx_average_fsc_free                    ? 
# 
_refine_hist.pdbx_refine_id                   'X-RAY DIFFRACTION' 
_refine_hist.cycle_id                         LAST 
_refine_hist.details                          ? 
_refine_hist.d_res_high                       1.80 
_refine_hist.d_res_low                        32.10 
_refine_hist.number_atoms_solvent             171 
_refine_hist.number_atoms_total               1367 
_refine_hist.number_reflns_all                ? 
_refine_hist.number_reflns_obs                ? 
_refine_hist.number_reflns_R_free             ? 
_refine_hist.number_reflns_R_work             ? 
_refine_hist.R_factor_all                     ? 
_refine_hist.R_factor_obs                     ? 
_refine_hist.R_factor_R_free                  ? 
_refine_hist.R_factor_R_work                  ? 
_refine_hist.pdbx_number_residues_total       ? 
_refine_hist.pdbx_B_iso_mean_ligand           ? 
_refine_hist.pdbx_B_iso_mean_solvent          ? 
_refine_hist.pdbx_number_atoms_protein        1192 
_refine_hist.pdbx_number_atoms_nucleic_acid   0 
_refine_hist.pdbx_number_atoms_ligand         4 
_refine_hist.pdbx_number_atoms_lipid          ? 
_refine_hist.pdbx_number_atoms_carb           ? 
_refine_hist.pdbx_pseudo_atom_details         ? 
# 
loop_
_refine_ls_restr.pdbx_refine_id 
_refine_ls_restr.criterion 
_refine_ls_restr.dev_ideal 
_refine_ls_restr.dev_ideal_target 
_refine_ls_restr.number 
_refine_ls_restr.rejects 
_refine_ls_restr.type 
_refine_ls_restr.weight 
_refine_ls_restr.pdbx_Zscore 
_refine_ls_restr.pdbx_restraint_function 
'X-RAY DIFFRACTION' ? 0.002 ? 1259 ? f_bond_d           ? ? ? 
'X-RAY DIFFRACTION' ? 0.572 ? 1715 ? f_angle_d          ? ? ? 
'X-RAY DIFFRACTION' ? 3.997 ? 167  ? f_dihedral_angle_d ? ? ? 
'X-RAY DIFFRACTION' ? 0.046 ? 185  ? f_chiral_restr     ? ? ? 
'X-RAY DIFFRACTION' ? 0.007 ? 224  ? f_plane_restr      ? ? ? 
# 
loop_
_refine_ls_shell.pdbx_refine_id 
_refine_ls_shell.d_res_high 
_refine_ls_shell.d_res_low 
_refine_ls_shell.number_reflns_all 
_refine_ls_shell.number_reflns_obs 
_refine_ls_shell.number_reflns_R_free 
_refine_ls_shell.number_reflns_R_work 
_refine_ls_shell.percent_reflns_obs 
_refine_ls_shell.percent_reflns_R_free 
_refine_ls_shell.R_factor_all 
_refine_ls_shell.R_factor_obs 
_refine_ls_shell.R_factor_R_free_error 
_refine_ls_shell.R_factor_R_work 
_refine_ls_shell.redundancy_reflns_all 
_refine_ls_shell.redundancy_reflns_obs 
_refine_ls_shell.wR_factor_all 
_refine_ls_shell.wR_factor_obs 
_refine_ls_shell.wR_factor_R_free 
_refine_ls_shell.wR_factor_R_work 
_refine_ls_shell.pdbx_R_complete 
_refine_ls_shell.correlation_coeff_Fo_to_Fc 
_refine_ls_shell.correlation_coeff_Fo_to_Fc_free 
_refine_ls_shell.correlation_coeff_I_to_Fcsqd_work 
_refine_ls_shell.correlation_coeff_I_to_Fcsqd_free 
_refine_ls_shell.pdbx_total_number_of_bins_used 
_refine_ls_shell.pdbx_phase_error 
_refine_ls_shell.pdbx_fsc_work 
_refine_ls_shell.pdbx_fsc_free 
_refine_ls_shell.R_factor_R_free 
'X-RAY DIFFRACTION' 1.8000 1.9400  . . 132 2518 98.00 . . . . 0.3046 . . . . . . . . . . . . . . . 0.3510 
'X-RAY DIFFRACTION' 1.9400 2.1300  . . 131 2472 96.00 . . . . 0.2569 . . . . . . . . . . . . . . . 0.3275 
'X-RAY DIFFRACTION' 2.1300 2.4400  . . 134 2546 99.00 . . . . 0.2383 . . . . . . . . . . . . . . . 0.2447 
'X-RAY DIFFRACTION' 2.4400 3.0700  . . 137 2612 99.00 . . . . 0.2270 . . . . . . . . . . . . . . . 0.2408 
'X-RAY DIFFRACTION' 3.0700 32.1000 . . 141 2667 97.00 . . . . 0.1927 . . . . . . . . . . . . . . . 0.2099 
# 
_struct.entry_id                     9NJO 
_struct.title                        'Y100F Mutant of E. coli Dihydrofolate Reductase' 
_struct.pdbx_model_details           ? 
_struct.pdbx_formula_weight          ? 
_struct.pdbx_formula_weight_method   ? 
_struct.pdbx_model_type_details      ? 
_struct.pdbx_CASP_flag               N 
# 
_struct_keywords.entry_id        9NJO 
_struct_keywords.text            'Y100F, DHFR, OXIDOREDUCTASE' 
_struct_keywords.pdbx_keywords   OXIDOREDUCTASE 
# 
loop_
_struct_asym.id 
_struct_asym.pdbx_blank_PDB_chainid_flag 
_struct_asym.pdbx_modified 
_struct_asym.entity_id 
_struct_asym.details 
A N N 1 ? 
B N N 2 ? 
C N N 2 ? 
D N N 2 ? 
E N N 2 ? 
F N N 3 ? 
# 
_struct_ref.id                         1 
_struct_ref.db_name                    UNP 
_struct_ref.db_code                    DYR_ECOLI 
_struct_ref.pdbx_db_accession          P0ABQ4 
_struct_ref.pdbx_db_isoform            ? 
_struct_ref.entity_id                  1 
_struct_ref.pdbx_seq_one_letter_code   
;MISLIAALAVDRVIGMENAMPWNLPADLAWFKRNTLNKPVIMGRHTWESIGRPLPGRKNIILSSQPGTDDRVTWVKSVDE
AIAACGDVPEIMVIGGGRVYEQFLPKAQKLYLTHIDAEVEGDTHFPDYEPDDWESVFSEFHDADAQNSHSYCFEILERR
;
_struct_ref.pdbx_align_begin           1 
# 
_struct_ref_seq.align_id                      1 
_struct_ref_seq.ref_id                        1 
_struct_ref_seq.pdbx_PDB_id_code              9NJO 
_struct_ref_seq.pdbx_strand_id                A 
_struct_ref_seq.seq_align_beg                 1 
_struct_ref_seq.pdbx_seq_align_beg_ins_code   ? 
_struct_ref_seq.seq_align_end                 159 
_struct_ref_seq.pdbx_seq_align_end_ins_code   ? 
_struct_ref_seq.pdbx_db_accession             P0ABQ4 
_struct_ref_seq.db_align_beg                  1 
_struct_ref_seq.pdbx_db_align_beg_ins_code    ? 
_struct_ref_seq.db_align_end                  159 
_struct_ref_seq.pdbx_db_align_end_ins_code    ? 
_struct_ref_seq.pdbx_auth_seq_align_beg       1 
_struct_ref_seq.pdbx_auth_seq_align_end       159 
# 
_struct_ref_seq_dif.align_id                     1 
_struct_ref_seq_dif.pdbx_pdb_id_code             9NJO 
_struct_ref_seq_dif.mon_id                       PHE 
_struct_ref_seq_dif.pdbx_pdb_strand_id           A 
_struct_ref_seq_dif.seq_num                      100 
_struct_ref_seq_dif.pdbx_pdb_ins_code            ? 
_struct_ref_seq_dif.pdbx_seq_db_name             UNP 
_struct_ref_seq_dif.pdbx_seq_db_accession_code   P0ABQ4 
_struct_ref_seq_dif.db_mon_id                    TYR 
_struct_ref_seq_dif.pdbx_seq_db_seq_num          100 
_struct_ref_seq_dif.details                      'engineered mutation' 
_struct_ref_seq_dif.pdbx_auth_seq_num            100 
_struct_ref_seq_dif.pdbx_ordinal                 1 
# 
_pdbx_struct_assembly.id                   1 
_pdbx_struct_assembly.details              author_defined_assembly 
_pdbx_struct_assembly.method_details       ? 
_pdbx_struct_assembly.oligomeric_details   monomeric 
_pdbx_struct_assembly.oligomeric_count     1 
# 
_pdbx_struct_assembly_gen.assembly_id       1 
_pdbx_struct_assembly_gen.oper_expression   1 
_pdbx_struct_assembly_gen.asym_id_list      A,B,C,D,E,F 
# 
_pdbx_struct_assembly_auth_evidence.id                     1 
_pdbx_struct_assembly_auth_evidence.assembly_id            1 
_pdbx_struct_assembly_auth_evidence.experimental_support   'mass spectrometry' 
_pdbx_struct_assembly_auth_evidence.details                ? 
# 
_pdbx_struct_oper_list.id                   1 
_pdbx_struct_oper_list.type                 'identity operation' 
_pdbx_struct_oper_list.name                 1_555 
_pdbx_struct_oper_list.symmetry_operation   x,y,z 
_pdbx_struct_oper_list.matrix[1][1]         1.0000000000 
_pdbx_struct_oper_list.matrix[1][2]         0.0000000000 
_pdbx_struct_oper_list.matrix[1][3]         0.0000000000 
_pdbx_struct_oper_list.vector[1]            0.0000000000 
_pdbx_struct_oper_list.matrix[2][1]         0.0000000000 
_pdbx_struct_oper_list.matrix[2][2]         1.0000000000 
_pdbx_struct_oper_list.matrix[2][3]         0.0000000000 
_pdbx_struct_oper_list.vector[2]            0.0000000000 
_pdbx_struct_oper_list.matrix[3][1]         0.0000000000 
_pdbx_struct_oper_list.matrix[3][2]         0.0000000000 
_pdbx_struct_oper_list.matrix[3][3]         1.0000000000 
_pdbx_struct_oper_list.vector[3]            0.0000000000 
# 
loop_
_struct_conf.conf_type_id 
_struct_conf.id 
_struct_conf.pdbx_PDB_helix_id 
_struct_conf.beg_label_comp_id 
_struct_conf.beg_label_asym_id 
_struct_conf.beg_label_seq_id 
_struct_conf.pdbx_beg_PDB_ins_code 
_struct_conf.end_label_comp_id 
_struct_conf.end_label_asym_id 
_struct_conf.end_label_seq_id 
_struct_conf.pdbx_end_PDB_ins_code 
_struct_conf.beg_auth_comp_id 
_struct_conf.beg_auth_asym_id 
_struct_conf.beg_auth_seq_id 
_struct_conf.end_auth_comp_id 
_struct_conf.end_auth_asym_id 
_struct_conf.end_auth_seq_id 
_struct_conf.pdbx_PDB_helix_class 
_struct_conf.details 
_struct_conf.pdbx_PDB_helix_length 
HELX_P HELX_P1 AA1 ALA A 9   ? VAL A 13  ? ALA A 9   VAL A 13  5 ? 5  
HELX_P HELX_P2 AA2 PRO A 25  ? LEU A 36  ? PRO A 25  LEU A 36  1 ? 12 
HELX_P HELX_P3 AA3 ARG A 44  ? GLY A 51  ? ARG A 44  GLY A 51  1 ? 8  
HELX_P HELX_P4 AA4 SER A 77  ? GLY A 86  ? SER A 77  GLY A 86  1 ? 10 
HELX_P HELX_P5 AA5 GLY A 96  ? LEU A 104 ? GLY A 96  LEU A 104 1 ? 9  
HELX_P HELX_P6 AA6 GLU A 129 ? ASP A 131 ? GLU A 129 ASP A 131 5 ? 3  
# 
_struct_conf_type.id          HELX_P 
_struct_conf_type.criteria    ? 
_struct_conf_type.reference   ? 
# 
loop_
_struct_conn.id 
_struct_conn.conn_type_id 
_struct_conn.pdbx_leaving_atom_flag 
_struct_conn.pdbx_PDB_id 
_struct_conn.ptnr1_label_asym_id 
_struct_conn.ptnr1_label_comp_id 
_struct_conn.ptnr1_label_seq_id 
_struct_conn.ptnr1_label_atom_id 
_struct_conn.pdbx_ptnr1_label_alt_id 
_struct_conn.pdbx_ptnr1_PDB_ins_code 
_struct_conn.pdbx_ptnr1_standard_comp_id 
_struct_conn.ptnr1_symmetry 
_struct_conn.ptnr2_label_asym_id 
_struct_conn.ptnr2_label_comp_id 
_struct_conn.ptnr2_label_seq_id 
_struct_conn.ptnr2_label_atom_id 
_struct_conn.pdbx_ptnr2_label_alt_id 
_struct_conn.pdbx_ptnr2_PDB_ins_code 
_struct_conn.ptnr1_auth_asym_id 
_struct_conn.ptnr1_auth_comp_id 
_struct_conn.ptnr1_auth_seq_id 
_struct_conn.ptnr2_auth_asym_id 
_struct_conn.ptnr2_auth_comp_id 
_struct_conn.ptnr2_auth_seq_id 
_struct_conn.ptnr2_symmetry 
_struct_conn.pdbx_ptnr3_label_atom_id 
_struct_conn.pdbx_ptnr3_label_seq_id 
_struct_conn.pdbx_ptnr3_label_comp_id 
_struct_conn.pdbx_ptnr3_label_asym_id 
_struct_conn.pdbx_ptnr3_label_alt_id 
_struct_conn.pdbx_ptnr3_PDB_ins_code 
_struct_conn.details 
_struct_conn.pdbx_dist_value 
_struct_conn.pdbx_value_order 
_struct_conn.pdbx_role 
metalc1  metalc ? ? A ASP 116 O   ? ? ? 1_555 C MN  . MN ? ? A ASP 116 A MN  202 1_555 ? ? ? ? ? ? ? 2.215 ? ? 
metalc2  metalc ? ? A ASP 132 OD1 ? ? ? 1_555 B MN  . MN ? ? A ASP 132 A MN  201 1_655 ? ? ? ? ? ? ? 2.353 ? ? 
metalc3  metalc ? ? A ASP 142 OD2 ? ? ? 1_555 E MN  . MN ? ? A ASP 142 A MN  204 1_555 ? ? ? ? ? ? ? 2.628 ? ? 
metalc4  metalc ? ? A HIS 149 ND1 ? ? ? 1_555 C MN  . MN ? ? A HIS 149 A MN  202 1_555 ? ? ? ? ? ? ? 2.433 ? ? 
metalc5  metalc ? ? A ARG 159 O   ? ? ? 1_555 C MN  . MN ? ? A ARG 159 A MN  202 1_655 ? ? ? ? ? ? ? 2.321 ? ? 
metalc6  metalc ? ? B MN  .   MN  ? ? ? 1_555 F HOH . O  ? ? A MN  201 A HOH 313 1_455 ? ? ? ? ? ? ? 2.364 ? ? 
metalc7  metalc ? ? B MN  .   MN  ? ? ? 1_555 F HOH . O  ? ? A MN  201 A HOH 402 1_455 ? ? ? ? ? ? ? 2.436 ? ? 
metalc8  metalc ? ? B MN  .   MN  ? ? ? 1_555 F HOH . O  ? ? A MN  201 A HOH 413 1_455 ? ? ? ? ? ? ? 2.245 ? ? 
metalc9  metalc ? ? B MN  .   MN  ? ? ? 1_555 F HOH . O  ? ? A MN  201 A HOH 445 3_555 ? ? ? ? ? ? ? 2.390 ? ? 
metalc10 metalc ? ? C MN  .   MN  ? ? ? 1_555 F HOH . O  ? ? A MN  202 A HOH 308 3_555 ? ? ? ? ? ? ? 2.209 ? ? 
metalc11 metalc ? ? C MN  .   MN  ? ? ? 1_555 F HOH . O  ? ? A MN  202 A HOH 363 3_555 ? ? ? ? ? ? ? 2.117 ? ? 
metalc12 metalc ? ? C MN  .   MN  ? ? ? 1_555 F HOH . O  ? ? A MN  202 A HOH 404 1_555 ? ? ? ? ? ? ? 2.609 ? ? 
metalc13 metalc ? ? D MN  .   MN  ? ? ? 1_555 F HOH . O  ? ? A MN  203 A HOH 303 4_445 ? ? ? ? ? ? ? 2.197 ? ? 
metalc14 metalc ? ? D MN  .   MN  ? ? ? 1_555 F HOH . O  ? ? A MN  203 A HOH 315 4_545 ? ? ? ? ? ? ? 2.108 ? ? 
metalc15 metalc ? ? D MN  .   MN  ? ? ? 1_555 F HOH . O  ? ? A MN  203 A HOH 335 1_555 ? ? ? ? ? ? ? 2.495 ? ? 
metalc16 metalc ? ? D MN  .   MN  ? ? ? 1_555 F HOH . O  ? ? A MN  203 A HOH 353 4_545 ? ? ? ? ? ? ? 2.408 ? ? 
metalc17 metalc ? ? D MN  .   MN  ? ? ? 1_555 F HOH . O  ? ? A MN  203 A HOH 427 1_555 ? ? ? ? ? ? ? 2.407 ? ? 
metalc18 metalc ? ? D MN  .   MN  ? ? ? 1_555 F HOH . O  ? ? A MN  203 A HOH 436 4_545 ? ? ? ? ? ? ? 2.301 ? ? 
metalc19 metalc ? ? E MN  .   MN  ? ? ? 1_555 F HOH . O  ? ? A MN  204 A HOH 350 3_555 ? ? ? ? ? ? ? 2.653 ? ? 
metalc20 metalc ? ? E MN  .   MN  ? ? ? 1_555 F HOH . O  ? ? A MN  204 A HOH 379 3_555 ? ? ? ? ? ? ? 2.284 ? ? 
metalc21 metalc ? ? E MN  .   MN  ? ? ? 1_555 F HOH . O  ? ? A MN  204 A HOH 469 1_555 ? ? ? ? ? ? ? 2.225 ? ? 
# 
_struct_conn_type.id          metalc 
_struct_conn_type.criteria    ? 
_struct_conn_type.reference   ? 
# 
loop_
_pdbx_struct_conn_angle.id 
_pdbx_struct_conn_angle.ptnr1_label_atom_id 
_pdbx_struct_conn_angle.ptnr1_label_alt_id 
_pdbx_struct_conn_angle.ptnr1_label_asym_id 
_pdbx_struct_conn_angle.ptnr1_label_comp_id 
_pdbx_struct_conn_angle.ptnr1_label_seq_id 
_pdbx_struct_conn_angle.ptnr1_auth_atom_id 
_pdbx_struct_conn_angle.ptnr1_auth_asym_id 
_pdbx_struct_conn_angle.ptnr1_auth_comp_id 
_pdbx_struct_conn_angle.ptnr1_auth_seq_id 
_pdbx_struct_conn_angle.ptnr1_PDB_ins_code 
_pdbx_struct_conn_angle.ptnr1_symmetry 
_pdbx_struct_conn_angle.ptnr2_label_atom_id 
_pdbx_struct_conn_angle.ptnr2_label_alt_id 
_pdbx_struct_conn_angle.ptnr2_label_asym_id 
_pdbx_struct_conn_angle.ptnr2_label_comp_id 
_pdbx_struct_conn_angle.ptnr2_label_seq_id 
_pdbx_struct_conn_angle.ptnr2_auth_atom_id 
_pdbx_struct_conn_angle.ptnr2_auth_asym_id 
_pdbx_struct_conn_angle.ptnr2_auth_comp_id 
_pdbx_struct_conn_angle.ptnr2_auth_seq_id 
_pdbx_struct_conn_angle.ptnr2_PDB_ins_code 
_pdbx_struct_conn_angle.ptnr2_symmetry 
_pdbx_struct_conn_angle.ptnr3_label_atom_id 
_pdbx_struct_conn_angle.ptnr3_label_alt_id 
_pdbx_struct_conn_angle.ptnr3_label_asym_id 
_pdbx_struct_conn_angle.ptnr3_label_comp_id 
_pdbx_struct_conn_angle.ptnr3_label_seq_id 
_pdbx_struct_conn_angle.ptnr3_auth_atom_id 
_pdbx_struct_conn_angle.ptnr3_auth_asym_id 
_pdbx_struct_conn_angle.ptnr3_auth_comp_id 
_pdbx_struct_conn_angle.ptnr3_auth_seq_id 
_pdbx_struct_conn_angle.ptnr3_PDB_ins_code 
_pdbx_struct_conn_angle.ptnr3_symmetry 
_pdbx_struct_conn_angle.value 
_pdbx_struct_conn_angle.value_esd 
1  O   ? A ASP 116 ? A ASP 116 ? 1_555 MN ? C MN . ? A MN 202 ? 1_555 ND1 ? A HIS 149 ? A HIS 149 ? 1_555 83.2  ? 
2  O   ? A ASP 116 ? A ASP 116 ? 1_555 MN ? C MN . ? A MN 202 ? 1_555 O   ? A ARG 159 ? A ARG 159 ? 1_555 17.5  ? 
3  ND1 ? A HIS 149 ? A HIS 149 ? 1_555 MN ? C MN . ? A MN 202 ? 1_555 O   ? A ARG 159 ? A ARG 159 ? 1_555 90.3  ? 
4  O   ? A ASP 116 ? A ASP 116 ? 1_555 MN ? C MN . ? A MN 202 ? 1_555 O   ? F HOH .   ? A HOH 308 ? 3_555 88.9  ? 
5  ND1 ? A HIS 149 ? A HIS 149 ? 1_555 MN ? C MN . ? A MN 202 ? 1_555 O   ? F HOH .   ? A HOH 308 ? 3_555 165.5 ? 
6  O   ? A ARG 159 ? A ARG 159 ? 1_555 MN ? C MN . ? A MN 202 ? 1_555 O   ? F HOH .   ? A HOH 308 ? 3_555 85.6  ? 
7  O   ? A ASP 116 ? A ASP 116 ? 1_555 MN ? C MN . ? A MN 202 ? 1_555 O   ? F HOH .   ? A HOH 363 ? 3_555 166.3 ? 
8  ND1 ? A HIS 149 ? A HIS 149 ? 1_555 MN ? C MN . ? A MN 202 ? 1_555 O   ? F HOH .   ? A HOH 363 ? 3_555 99.2  ? 
9  O   ? A ARG 159 ? A ARG 159 ? 1_555 MN ? C MN . ? A MN 202 ? 1_555 O   ? F HOH .   ? A HOH 363 ? 3_555 148.9 ? 
10 O   ? F HOH .   ? A HOH 308 ? 3_555 MN ? C MN . ? A MN 202 ? 1_555 O   ? F HOH .   ? A HOH 363 ? 3_555 91.4  ? 
11 O   ? A ASP 116 ? A ASP 116 ? 1_555 MN ? C MN . ? A MN 202 ? 1_555 O   ? F HOH .   ? A HOH 404 ? 1_555 88.9  ? 
12 ND1 ? A HIS 149 ? A HIS 149 ? 1_555 MN ? C MN . ? A MN 202 ? 1_555 O   ? F HOH .   ? A HOH 404 ? 1_555 105.5 ? 
13 O   ? A ARG 159 ? A ARG 159 ? 1_555 MN ? C MN . ? A MN 202 ? 1_555 O   ? F HOH .   ? A HOH 404 ? 1_555 71.6  ? 
14 O   ? F HOH .   ? A HOH 308 ? 3_555 MN ? C MN . ? A MN 202 ? 1_555 O   ? F HOH .   ? A HOH 404 ? 1_555 86.4  ? 
15 O   ? F HOH .   ? A HOH 363 ? 3_555 MN ? C MN . ? A MN 202 ? 1_555 O   ? F HOH .   ? A HOH 404 ? 1_555 77.4  ? 
16 OD1 ? A ASP 132 ? A ASP 132 ? 1_555 MN ? B MN . ? A MN 201 ? 1_655 O   ? F HOH .   ? A HOH 313 ? 1_455 48.2  ? 
17 OD1 ? A ASP 132 ? A ASP 132 ? 1_555 MN ? B MN . ? A MN 201 ? 1_655 O   ? F HOH .   ? A HOH 402 ? 1_455 48.6  ? 
18 O   ? F HOH .   ? A HOH 313 ? 1_455 MN ? B MN . ? A MN 201 ? 1_655 O   ? F HOH .   ? A HOH 402 ? 1_455 5.4   ? 
19 OD1 ? A ASP 132 ? A ASP 132 ? 1_555 MN ? B MN . ? A MN 201 ? 1_655 O   ? F HOH .   ? A HOH 413 ? 1_455 45.3  ? 
20 O   ? F HOH .   ? A HOH 313 ? 1_455 MN ? B MN . ? A MN 201 ? 1_655 O   ? F HOH .   ? A HOH 413 ? 1_455 7.3   ? 
21 O   ? F HOH .   ? A HOH 402 ? 1_455 MN ? B MN . ? A MN 201 ? 1_655 O   ? F HOH .   ? A HOH 413 ? 1_455 3.7   ? 
22 OD1 ? A ASP 132 ? A ASP 132 ? 1_555 MN ? B MN . ? A MN 201 ? 1_655 O   ? F HOH .   ? A HOH 445 ? 3_555 50.8  ? 
23 O   ? F HOH .   ? A HOH 313 ? 1_455 MN ? B MN . ? A MN 201 ? 1_655 O   ? F HOH .   ? A HOH 445 ? 3_555 5.4   ? 
24 O   ? F HOH .   ? A HOH 402 ? 1_455 MN ? B MN . ? A MN 201 ? 1_655 O   ? F HOH .   ? A HOH 445 ? 3_555 2.3   ? 
25 O   ? F HOH .   ? A HOH 413 ? 1_455 MN ? B MN . ? A MN 201 ? 1_655 O   ? F HOH .   ? A HOH 445 ? 3_555 5.9   ? 
26 OD2 ? A ASP 142 ? A ASP 142 ? 1_555 MN ? E MN . ? A MN 204 ? 1_555 O   ? F HOH .   ? A HOH 350 ? 3_555 109.0 ? 
27 OD2 ? A ASP 142 ? A ASP 142 ? 1_555 MN ? E MN . ? A MN 204 ? 1_555 O   ? F HOH .   ? A HOH 379 ? 3_555 93.2  ? 
28 O   ? F HOH .   ? A HOH 350 ? 3_555 MN ? E MN . ? A MN 204 ? 1_555 O   ? F HOH .   ? A HOH 379 ? 3_555 73.7  ? 
29 OD2 ? A ASP 142 ? A ASP 142 ? 1_555 MN ? E MN . ? A MN 204 ? 1_555 O   ? F HOH .   ? A HOH 469 ? 1_555 174.2 ? 
30 O   ? F HOH .   ? A HOH 350 ? 3_555 MN ? E MN . ? A MN 204 ? 1_555 O   ? F HOH .   ? A HOH 469 ? 1_555 65.4  ? 
31 O   ? F HOH .   ? A HOH 379 ? 3_555 MN ? E MN . ? A MN 204 ? 1_555 O   ? F HOH .   ? A HOH 469 ? 1_555 83.9  ? 
32 O   ? F HOH .   ? A HOH 303 ? 4_445 MN ? D MN . ? A MN 203 ? 1_555 O   ? F HOH .   ? A HOH 315 ? 4_545 91.9  ? 
33 O   ? F HOH .   ? A HOH 303 ? 4_445 MN ? D MN . ? A MN 203 ? 1_555 O   ? F HOH .   ? A HOH 335 ? 1_555 95.3  ? 
34 O   ? F HOH .   ? A HOH 315 ? 4_545 MN ? D MN . ? A MN 203 ? 1_555 O   ? F HOH .   ? A HOH 335 ? 1_555 149.0 ? 
35 O   ? F HOH .   ? A HOH 303 ? 4_445 MN ? D MN . ? A MN 203 ? 1_555 O   ? F HOH .   ? A HOH 353 ? 4_545 164.3 ? 
36 O   ? F HOH .   ? A HOH 315 ? 4_545 MN ? D MN . ? A MN 203 ? 1_555 O   ? F HOH .   ? A HOH 353 ? 4_545 86.9  ? 
37 O   ? F HOH .   ? A HOH 335 ? 1_555 MN ? D MN . ? A MN 203 ? 1_555 O   ? F HOH .   ? A HOH 353 ? 4_545 78.2  ? 
38 O   ? F HOH .   ? A HOH 303 ? 4_445 MN ? D MN . ? A MN 203 ? 1_555 O   ? F HOH .   ? A HOH 427 ? 1_555 79.3  ? 
39 O   ? F HOH .   ? A HOH 315 ? 4_545 MN ? D MN . ? A MN 203 ? 1_555 O   ? F HOH .   ? A HOH 427 ? 1_555 81.2  ? 
40 O   ? F HOH .   ? A HOH 335 ? 1_555 MN ? D MN . ? A MN 203 ? 1_555 O   ? F HOH .   ? A HOH 427 ? 1_555 70.7  ? 
41 O   ? F HOH .   ? A HOH 353 ? 4_545 MN ? D MN . ? A MN 203 ? 1_555 O   ? F HOH .   ? A HOH 427 ? 1_555 85.1  ? 
42 O   ? F HOH .   ? A HOH 303 ? 4_445 MN ? D MN . ? A MN 203 ? 1_555 O   ? F HOH .   ? A HOH 436 ? 4_545 116.8 ? 
43 O   ? F HOH .   ? A HOH 315 ? 4_545 MN ? D MN . ? A MN 203 ? 1_555 O   ? F HOH .   ? A HOH 436 ? 4_545 99.2  ? 
44 O   ? F HOH .   ? A HOH 335 ? 1_555 MN ? D MN . ? A MN 203 ? 1_555 O   ? F HOH .   ? A HOH 436 ? 4_545 104.3 ? 
45 O   ? F HOH .   ? A HOH 353 ? 4_545 MN ? D MN . ? A MN 203 ? 1_555 O   ? F HOH .   ? A HOH 436 ? 4_545 78.8  ? 
46 O   ? F HOH .   ? A HOH 427 ? 1_555 MN ? D MN . ? A MN 203 ? 1_555 O   ? F HOH .   ? A HOH 436 ? 4_545 163.8 ? 
# 
_struct_mon_prot_cis.pdbx_id                1 
_struct_mon_prot_cis.label_comp_id          GLY 
_struct_mon_prot_cis.label_seq_id           95 
_struct_mon_prot_cis.label_asym_id          A 
_struct_mon_prot_cis.label_alt_id           . 
_struct_mon_prot_cis.pdbx_PDB_ins_code      ? 
_struct_mon_prot_cis.auth_comp_id           GLY 
_struct_mon_prot_cis.auth_seq_id            95 
_struct_mon_prot_cis.auth_asym_id           A 
_struct_mon_prot_cis.pdbx_label_comp_id_2   GLY 
_struct_mon_prot_cis.pdbx_label_seq_id_2    96 
_struct_mon_prot_cis.pdbx_label_asym_id_2   A 
_struct_mon_prot_cis.pdbx_PDB_ins_code_2    ? 
_struct_mon_prot_cis.pdbx_auth_comp_id_2    GLY 
_struct_mon_prot_cis.pdbx_auth_seq_id_2     96 
_struct_mon_prot_cis.pdbx_auth_asym_id_2    A 
_struct_mon_prot_cis.pdbx_PDB_model_num     1 
_struct_mon_prot_cis.pdbx_omega_angle       3.91 
# 
_struct_sheet.id               AA1 
_struct_sheet.type             ? 
_struct_sheet.number_strands   8 
_struct_sheet.details          ? 
# 
loop_
_struct_sheet_order.sheet_id 
_struct_sheet_order.range_id_1 
_struct_sheet_order.range_id_2 
_struct_sheet_order.offset 
_struct_sheet_order.sense 
AA1 1 2 ? parallel      
AA1 2 3 ? parallel      
AA1 3 4 ? parallel      
AA1 4 5 ? parallel      
AA1 5 6 ? parallel      
AA1 6 7 ? anti-parallel 
AA1 7 8 ? anti-parallel 
# 
loop_
_struct_sheet_range.sheet_id 
_struct_sheet_range.id 
_struct_sheet_range.beg_label_comp_id 
_struct_sheet_range.beg_label_asym_id 
_struct_sheet_range.beg_label_seq_id 
_struct_sheet_range.pdbx_beg_PDB_ins_code 
_struct_sheet_range.end_label_comp_id 
_struct_sheet_range.end_label_asym_id 
_struct_sheet_range.end_label_seq_id 
_struct_sheet_range.pdbx_end_PDB_ins_code 
_struct_sheet_range.beg_auth_comp_id 
_struct_sheet_range.beg_auth_asym_id 
_struct_sheet_range.beg_auth_seq_id 
_struct_sheet_range.end_auth_comp_id 
_struct_sheet_range.end_auth_asym_id 
_struct_sheet_range.end_auth_seq_id 
AA1 1 THR A 73  ? VAL A 75  ? THR A 73  VAL A 75  
AA1 2 ASN A 59  ? LEU A 62  ? ASN A 59  LEU A 62  
AA1 3 VAL A 40  ? GLY A 43  ? VAL A 40  GLY A 43  
AA1 4 ILE A 91  ? GLY A 95  ? ILE A 91  GLY A 95  
AA1 5 ILE A 2   ? LEU A 8   ? ILE A 2   LEU A 8   
AA1 6 ALA A 107 ? ILE A 115 ? ALA A 107 ILE A 115 
AA1 7 TYR A 151 ? ARG A 158 ? TYR A 151 ARG A 158 
AA1 8 TRP A 133 ? HIS A 141 ? TRP A 133 HIS A 141 
# 
loop_
_pdbx_struct_sheet_hbond.sheet_id 
_pdbx_struct_sheet_hbond.range_id_1 
_pdbx_struct_sheet_hbond.range_id_2 
_pdbx_struct_sheet_hbond.range_1_label_atom_id 
_pdbx_struct_sheet_hbond.range_1_label_comp_id 
_pdbx_struct_sheet_hbond.range_1_label_asym_id 
_pdbx_struct_sheet_hbond.range_1_label_seq_id 
_pdbx_struct_sheet_hbond.range_1_PDB_ins_code 
_pdbx_struct_sheet_hbond.range_1_auth_atom_id 
_pdbx_struct_sheet_hbond.range_1_auth_comp_id 
_pdbx_struct_sheet_hbond.range_1_auth_asym_id 
_pdbx_struct_sheet_hbond.range_1_auth_seq_id 
_pdbx_struct_sheet_hbond.range_2_label_atom_id 
_pdbx_struct_sheet_hbond.range_2_label_comp_id 
_pdbx_struct_sheet_hbond.range_2_label_asym_id 
_pdbx_struct_sheet_hbond.range_2_label_seq_id 
_pdbx_struct_sheet_hbond.range_2_PDB_ins_code 
_pdbx_struct_sheet_hbond.range_2_auth_atom_id 
_pdbx_struct_sheet_hbond.range_2_auth_comp_id 
_pdbx_struct_sheet_hbond.range_2_auth_asym_id 
_pdbx_struct_sheet_hbond.range_2_auth_seq_id 
AA1 1 2 O THR A 73  ? O THR A 73  N ILE A 61  ? N ILE A 61  
AA1 2 3 O ILE A 60  ? O ILE A 60  N VAL A 40  ? N VAL A 40  
AA1 3 4 N ILE A 41  ? N ILE A 41  O MET A 92  ? O MET A 92  
AA1 4 5 O ILE A 91  ? O ILE A 91  N SER A 3   ? N SER A 3   
AA1 5 6 N LEU A 4   ? N LEU A 4   O TYR A 111 ? O TYR A 111 
AA1 6 7 N LEU A 112 ? N LEU A 112 O GLU A 154 ? O GLU A 154 
AA1 7 8 O GLU A 157 ? O GLU A 157 N GLU A 134 ? N GLU A 134 
# 
_pdbx_entry_details.entry_id                   9NJO 
_pdbx_entry_details.nonpolymer_details         ? 
_pdbx_entry_details.sequence_details           ? 
_pdbx_entry_details.compound_details           ? 
_pdbx_entry_details.source_details             ? 
_pdbx_entry_details.has_ligand_of_interest     N 
_pdbx_entry_details.has_protein_modification   N 
# 
_pdbx_validate_torsion.id              1 
_pdbx_validate_torsion.PDB_model_num   1 
_pdbx_validate_torsion.auth_comp_id    ASP 
_pdbx_validate_torsion.auth_asym_id    A 
_pdbx_validate_torsion.auth_seq_id     69 
_pdbx_validate_torsion.PDB_ins_code    ? 
_pdbx_validate_torsion.label_alt_id    ? 
_pdbx_validate_torsion.phi             -164.32 
_pdbx_validate_torsion.psi             113.52 
# 
loop_
_pdbx_unobs_or_zero_occ_residues.id 
_pdbx_unobs_or_zero_occ_residues.PDB_model_num 
_pdbx_unobs_or_zero_occ_residues.polymer_flag 
_pdbx_unobs_or_zero_occ_residues.occupancy_flag 
_pdbx_unobs_or_zero_occ_residues.auth_asym_id 
_pdbx_unobs_or_zero_occ_residues.auth_comp_id 
_pdbx_unobs_or_zero_occ_residues.auth_seq_id 
_pdbx_unobs_or_zero_occ_residues.PDB_ins_code 
_pdbx_unobs_or_zero_occ_residues.label_asym_id 
_pdbx_unobs_or_zero_occ_residues.label_comp_id 
_pdbx_unobs_or_zero_occ_residues.label_seq_id 
1 1 Y 1 A GLY 15 ? A GLY 15 
2 1 Y 1 A MET 16 ? A MET 16 
3 1 Y 1 A GLU 17 ? A GLU 17 
4 1 Y 1 A ASN 18 ? A ASN 18 
5 1 Y 1 A ALA 19 ? A ALA 19 
6 1 Y 1 A MET 20 ? A MET 20 
7 1 Y 1 A PRO 21 ? A PRO 21 
8 1 Y 1 A TRP 22 ? A TRP 22 
9 1 Y 1 A ASN 23 ? A ASN 23 
# 
loop_
_chem_comp_atom.comp_id 
_chem_comp_atom.atom_id 
_chem_comp_atom.type_symbol 
_chem_comp_atom.pdbx_aromatic_flag 
_chem_comp_atom.pdbx_stereo_config 
_chem_comp_atom.pdbx_ordinal 
ALA N    N  N N 1   
ALA CA   C  N S 2   
ALA C    C  N N 3   
ALA O    O  N N 4   
ALA CB   C  N N 5   
ALA OXT  O  N N 6   
ALA H    H  N N 7   
ALA H2   H  N N 8   
ALA HA   H  N N 9   
ALA HB1  H  N N 10  
ALA HB2  H  N N 11  
ALA HB3  H  N N 12  
ALA HXT  H  N N 13  
ARG N    N  N N 14  
ARG CA   C  N S 15  
ARG C    C  N N 16  
ARG O    O  N N 17  
ARG CB   C  N N 18  
ARG CG   C  N N 19  
ARG CD   C  N N 20  
ARG NE   N  N N 21  
ARG CZ   C  N N 22  
ARG NH1  N  N N 23  
ARG NH2  N  N N 24  
ARG OXT  O  N N 25  
ARG H    H  N N 26  
ARG H2   H  N N 27  
ARG HA   H  N N 28  
ARG HB2  H  N N 29  
ARG HB3  H  N N 30  
ARG HG2  H  N N 31  
ARG HG3  H  N N 32  
ARG HD2  H  N N 33  
ARG HD3  H  N N 34  
ARG HE   H  N N 35  
ARG HH11 H  N N 36  
ARG HH12 H  N N 37  
ARG HH21 H  N N 38  
ARG HH22 H  N N 39  
ARG HXT  H  N N 40  
ASN N    N  N N 41  
ASN CA   C  N S 42  
ASN C    C  N N 43  
ASN O    O  N N 44  
ASN CB   C  N N 45  
ASN CG   C  N N 46  
ASN OD1  O  N N 47  
ASN ND2  N  N N 48  
ASN OXT  O  N N 49  
ASN H    H  N N 50  
ASN H2   H  N N 51  
ASN HA   H  N N 52  
ASN HB2  H  N N 53  
ASN HB3  H  N N 54  
ASN HD21 H  N N 55  
ASN HD22 H  N N 56  
ASN HXT  H  N N 57  
ASP N    N  N N 58  
ASP CA   C  N S 59  
ASP C    C  N N 60  
ASP O    O  N N 61  
ASP CB   C  N N 62  
ASP CG   C  N N 63  
ASP OD1  O  N N 64  
ASP OD2  O  N N 65  
ASP OXT  O  N N 66  
ASP H    H  N N 67  
ASP H2   H  N N 68  
ASP HA   H  N N 69  
ASP HB2  H  N N 70  
ASP HB3  H  N N 71  
ASP HD2  H  N N 72  
ASP HXT  H  N N 73  
CYS N    N  N N 74  
CYS CA   C  N R 75  
CYS C    C  N N 76  
CYS O    O  N N 77  
CYS CB   C  N N 78  
CYS SG   S  N N 79  
CYS OXT  O  N N 80  
CYS H    H  N N 81  
CYS H2   H  N N 82  
CYS HA   H  N N 83  
CYS HB2  H  N N 84  
CYS HB3  H  N N 85  
CYS HG   H  N N 86  
CYS HXT  H  N N 87  
GLN N    N  N N 88  
GLN CA   C  N S 89  
GLN C    C  N N 90  
GLN O    O  N N 91  
GLN CB   C  N N 92  
GLN CG   C  N N 93  
GLN CD   C  N N 94  
GLN OE1  O  N N 95  
GLN NE2  N  N N 96  
GLN OXT  O  N N 97  
GLN H    H  N N 98  
GLN H2   H  N N 99  
GLN HA   H  N N 100 
GLN HB2  H  N N 101 
GLN HB3  H  N N 102 
GLN HG2  H  N N 103 
GLN HG3  H  N N 104 
GLN HE21 H  N N 105 
GLN HE22 H  N N 106 
GLN HXT  H  N N 107 
GLU N    N  N N 108 
GLU CA   C  N S 109 
GLU C    C  N N 110 
GLU O    O  N N 111 
GLU CB   C  N N 112 
GLU CG   C  N N 113 
GLU CD   C  N N 114 
GLU OE1  O  N N 115 
GLU OE2  O  N N 116 
GLU OXT  O  N N 117 
GLU H    H  N N 118 
GLU H2   H  N N 119 
GLU HA   H  N N 120 
GLU HB2  H  N N 121 
GLU HB3  H  N N 122 
GLU HG2  H  N N 123 
GLU HG3  H  N N 124 
GLU HE2  H  N N 125 
GLU HXT  H  N N 126 
GLY N    N  N N 127 
GLY CA   C  N N 128 
GLY C    C  N N 129 
GLY O    O  N N 130 
GLY OXT  O  N N 131 
GLY H    H  N N 132 
GLY H2   H  N N 133 
GLY HA2  H  N N 134 
GLY HA3  H  N N 135 
GLY HXT  H  N N 136 
HIS N    N  N N 137 
HIS CA   C  N S 138 
HIS C    C  N N 139 
HIS O    O  N N 140 
HIS CB   C  N N 141 
HIS CG   C  Y N 142 
HIS ND1  N  Y N 143 
HIS CD2  C  Y N 144 
HIS CE1  C  Y N 145 
HIS NE2  N  Y N 146 
HIS OXT  O  N N 147 
HIS H    H  N N 148 
HIS H2   H  N N 149 
HIS HA   H  N N 150 
HIS HB2  H  N N 151 
HIS HB3  H  N N 152 
HIS HD1  H  N N 153 
HIS HD2  H  N N 154 
HIS HE1  H  N N 155 
HIS HE2  H  N N 156 
HIS HXT  H  N N 157 
HOH O    O  N N 158 
HOH H1   H  N N 159 
HOH H2   H  N N 160 
ILE N    N  N N 161 
ILE CA   C  N S 162 
ILE C    C  N N 163 
ILE O    O  N N 164 
ILE CB   C  N S 165 
ILE CG1  C  N N 166 
ILE CG2  C  N N 167 
ILE CD1  C  N N 168 
ILE OXT  O  N N 169 
ILE H    H  N N 170 
ILE H2   H  N N 171 
ILE HA   H  N N 172 
ILE HB   H  N N 173 
ILE HG12 H  N N 174 
ILE HG13 H  N N 175 
ILE HG21 H  N N 176 
ILE HG22 H  N N 177 
ILE HG23 H  N N 178 
ILE HD11 H  N N 179 
ILE HD12 H  N N 180 
ILE HD13 H  N N 181 
ILE HXT  H  N N 182 
LEU N    N  N N 183 
LEU CA   C  N S 184 
LEU C    C  N N 185 
LEU O    O  N N 186 
LEU CB   C  N N 187 
LEU CG   C  N N 188 
LEU CD1  C  N N 189 
LEU CD2  C  N N 190 
LEU OXT  O  N N 191 
LEU H    H  N N 192 
LEU H2   H  N N 193 
LEU HA   H  N N 194 
LEU HB2  H  N N 195 
LEU HB3  H  N N 196 
LEU HG   H  N N 197 
LEU HD11 H  N N 198 
LEU HD12 H  N N 199 
LEU HD13 H  N N 200 
LEU HD21 H  N N 201 
LEU HD22 H  N N 202 
LEU HD23 H  N N 203 
LEU HXT  H  N N 204 
LYS N    N  N N 205 
LYS CA   C  N S 206 
LYS C    C  N N 207 
LYS O    O  N N 208 
LYS CB   C  N N 209 
LYS CG   C  N N 210 
LYS CD   C  N N 211 
LYS CE   C  N N 212 
LYS NZ   N  N N 213 
LYS OXT  O  N N 214 
LYS H    H  N N 215 
LYS H2   H  N N 216 
LYS HA   H  N N 217 
LYS HB2  H  N N 218 
LYS HB3  H  N N 219 
LYS HG2  H  N N 220 
LYS HG3  H  N N 221 
LYS HD2  H  N N 222 
LYS HD3  H  N N 223 
LYS HE2  H  N N 224 
LYS HE3  H  N N 225 
LYS HZ1  H  N N 226 
LYS HZ2  H  N N 227 
LYS HZ3  H  N N 228 
LYS HXT  H  N N 229 
MET N    N  N N 230 
MET CA   C  N S 231 
MET C    C  N N 232 
MET O    O  N N 233 
MET CB   C  N N 234 
MET CG   C  N N 235 
MET SD   S  N N 236 
MET CE   C  N N 237 
MET OXT  O  N N 238 
MET H    H  N N 239 
MET H2   H  N N 240 
MET HA   H  N N 241 
MET HB2  H  N N 242 
MET HB3  H  N N 243 
MET HG2  H  N N 244 
MET HG3  H  N N 245 
MET HE1  H  N N 246 
MET HE2  H  N N 247 
MET HE3  H  N N 248 
MET HXT  H  N N 249 
MN  MN   MN N N 250 
PHE N    N  N N 251 
PHE CA   C  N S 252 
PHE C    C  N N 253 
PHE O    O  N N 254 
PHE CB   C  N N 255 
PHE CG   C  Y N 256 
PHE CD1  C  Y N 257 
PHE CD2  C  Y N 258 
PHE CE1  C  Y N 259 
PHE CE2  C  Y N 260 
PHE CZ   C  Y N 261 
PHE OXT  O  N N 262 
PHE H    H  N N 263 
PHE H2   H  N N 264 
PHE HA   H  N N 265 
PHE HB2  H  N N 266 
PHE HB3  H  N N 267 
PHE HD1  H  N N 268 
PHE HD2  H  N N 269 
PHE HE1  H  N N 270 
PHE HE2  H  N N 271 
PHE HZ   H  N N 272 
PHE HXT  H  N N 273 
PRO N    N  N N 274 
PRO CA   C  N S 275 
PRO C    C  N N 276 
PRO O    O  N N 277 
PRO CB   C  N N 278 
PRO CG   C  N N 279 
PRO CD   C  N N 280 
PRO OXT  O  N N 281 
PRO H    H  N N 282 
PRO HA   H  N N 283 
PRO HB2  H  N N 284 
PRO HB3  H  N N 285 
PRO HG2  H  N N 286 
PRO HG3  H  N N 287 
PRO HD2  H  N N 288 
PRO HD3  H  N N 289 
PRO HXT  H  N N 290 
SER N    N  N N 291 
SER CA   C  N S 292 
SER C    C  N N 293 
SER O    O  N N 294 
SER CB   C  N N 295 
SER OG   O  N N 296 
SER OXT  O  N N 297 
SER H    H  N N 298 
SER H2   H  N N 299 
SER HA   H  N N 300 
SER HB2  H  N N 301 
SER HB3  H  N N 302 
SER HG   H  N N 303 
SER HXT  H  N N 304 
THR N    N  N N 305 
THR CA   C  N S 306 
THR C    C  N N 307 
THR O    O  N N 308 
THR CB   C  N R 309 
THR OG1  O  N N 310 
THR CG2  C  N N 311 
THR OXT  O  N N 312 
THR H    H  N N 313 
THR H2   H  N N 314 
THR HA   H  N N 315 
THR HB   H  N N 316 
THR HG1  H  N N 317 
THR HG21 H  N N 318 
THR HG22 H  N N 319 
THR HG23 H  N N 320 
THR HXT  H  N N 321 
TRP N    N  N N 322 
TRP CA   C  N S 323 
TRP C    C  N N 324 
TRP O    O  N N 325 
TRP CB   C  N N 326 
TRP CG   C  Y N 327 
TRP CD1  C  Y N 328 
TRP CD2  C  Y N 329 
TRP NE1  N  Y N 330 
TRP CE2  C  Y N 331 
TRP CE3  C  Y N 332 
TRP CZ2  C  Y N 333 
TRP CZ3  C  Y N 334 
TRP CH2  C  Y N 335 
TRP OXT  O  N N 336 
TRP H    H  N N 337 
TRP H2   H  N N 338 
TRP HA   H  N N 339 
TRP HB2  H  N N 340 
TRP HB3  H  N N 341 
TRP HD1  H  N N 342 
TRP HE1  H  N N 343 
TRP HE3  H  N N 344 
TRP HZ2  H  N N 345 
TRP HZ3  H  N N 346 
TRP HH2  H  N N 347 
TRP HXT  H  N N 348 
TYR N    N  N N 349 
TYR CA   C  N S 350 
TYR C    C  N N 351 
TYR O    O  N N 352 
TYR CB   C  N N 353 
TYR CG   C  Y N 354 
TYR CD1  C  Y N 355 
TYR CD2  C  Y N 356 
TYR CE1  C  Y N 357 
TYR CE2  C  Y N 358 
TYR CZ   C  Y N 359 
TYR OH   O  N N 360 
TYR OXT  O  N N 361 
TYR H    H  N N 362 
TYR H2   H  N N 363 
TYR HA   H  N N 364 
TYR HB2  H  N N 365 
TYR HB3  H  N N 366 
TYR HD1  H  N N 367 
TYR HD2  H  N N 368 
TYR HE1  H  N N 369 
TYR HE2  H  N N 370 
TYR HH   H  N N 371 
TYR HXT  H  N N 372 
VAL N    N  N N 373 
VAL CA   C  N S 374 
VAL C    C  N N 375 
VAL O    O  N N 376 
VAL CB   C  N N 377 
VAL CG1  C  N N 378 
VAL CG2  C  N N 379 
VAL OXT  O  N N 380 
VAL H    H  N N 381 
VAL H2   H  N N 382 
VAL HA   H  N N 383 
VAL HB   H  N N 384 
VAL HG11 H  N N 385 
VAL HG12 H  N N 386 
VAL HG13 H  N N 387 
VAL HG21 H  N N 388 
VAL HG22 H  N N 389 
VAL HG23 H  N N 390 
VAL HXT  H  N N 391 
# 
loop_
_chem_comp_bond.comp_id 
_chem_comp_bond.atom_id_1 
_chem_comp_bond.atom_id_2 
_chem_comp_bond.value_order 
_chem_comp_bond.pdbx_aromatic_flag 
_chem_comp_bond.pdbx_stereo_config 
_chem_comp_bond.pdbx_ordinal 
ALA N   CA   sing N N 1   
ALA N   H    sing N N 2   
ALA N   H2   sing N N 3   
ALA CA  C    sing N N 4   
ALA CA  CB   sing N N 5   
ALA CA  HA   sing N N 6   
ALA C   O    doub N N 7   
ALA C   OXT  sing N N 8   
ALA CB  HB1  sing N N 9   
ALA CB  HB2  sing N N 10  
ALA CB  HB3  sing N N 11  
ALA OXT HXT  sing N N 12  
ARG N   CA   sing N N 13  
ARG N   H    sing N N 14  
ARG N   H2   sing N N 15  
ARG CA  C    sing N N 16  
ARG CA  CB   sing N N 17  
ARG CA  HA   sing N N 18  
ARG C   O    doub N N 19  
ARG C   OXT  sing N N 20  
ARG CB  CG   sing N N 21  
ARG CB  HB2  sing N N 22  
ARG CB  HB3  sing N N 23  
ARG CG  CD   sing N N 24  
ARG CG  HG2  sing N N 25  
ARG CG  HG3  sing N N 26  
ARG CD  NE   sing N N 27  
ARG CD  HD2  sing N N 28  
ARG CD  HD3  sing N N 29  
ARG NE  CZ   sing N N 30  
ARG NE  HE   sing N N 31  
ARG CZ  NH1  sing N N 32  
ARG CZ  NH2  doub N N 33  
ARG NH1 HH11 sing N N 34  
ARG NH1 HH12 sing N N 35  
ARG NH2 HH21 sing N N 36  
ARG NH2 HH22 sing N N 37  
ARG OXT HXT  sing N N 38  
ASN N   CA   sing N N 39  
ASN N   H    sing N N 40  
ASN N   H2   sing N N 41  
ASN CA  C    sing N N 42  
ASN CA  CB   sing N N 43  
ASN CA  HA   sing N N 44  
ASN C   O    doub N N 45  
ASN C   OXT  sing N N 46  
ASN CB  CG   sing N N 47  
ASN CB  HB2  sing N N 48  
ASN CB  HB3  sing N N 49  
ASN CG  OD1  doub N N 50  
ASN CG  ND2  sing N N 51  
ASN ND2 HD21 sing N N 52  
ASN ND2 HD22 sing N N 53  
ASN OXT HXT  sing N N 54  
ASP N   CA   sing N N 55  
ASP N   H    sing N N 56  
ASP N   H2   sing N N 57  
ASP CA  C    sing N N 58  
ASP CA  CB   sing N N 59  
ASP CA  HA   sing N N 60  
ASP C   O    doub N N 61  
ASP C   OXT  sing N N 62  
ASP CB  CG   sing N N 63  
ASP CB  HB2  sing N N 64  
ASP CB  HB3  sing N N 65  
ASP CG  OD1  doub N N 66  
ASP CG  OD2  sing N N 67  
ASP OD2 HD2  sing N N 68  
ASP OXT HXT  sing N N 69  
CYS N   CA   sing N N 70  
CYS N   H    sing N N 71  
CYS N   H2   sing N N 72  
CYS CA  C    sing N N 73  
CYS CA  CB   sing N N 74  
CYS CA  HA   sing N N 75  
CYS C   O    doub N N 76  
CYS C   OXT  sing N N 77  
CYS CB  SG   sing N N 78  
CYS CB  HB2  sing N N 79  
CYS CB  HB3  sing N N 80  
CYS SG  HG   sing N N 81  
CYS OXT HXT  sing N N 82  
GLN N   CA   sing N N 83  
GLN N   H    sing N N 84  
GLN N   H2   sing N N 85  
GLN CA  C    sing N N 86  
GLN CA  CB   sing N N 87  
GLN CA  HA   sing N N 88  
GLN C   O    doub N N 89  
GLN C   OXT  sing N N 90  
GLN CB  CG   sing N N 91  
GLN CB  HB2  sing N N 92  
GLN CB  HB3  sing N N 93  
GLN CG  CD   sing N N 94  
GLN CG  HG2  sing N N 95  
GLN CG  HG3  sing N N 96  
GLN CD  OE1  doub N N 97  
GLN CD  NE2  sing N N 98  
GLN NE2 HE21 sing N N 99  
GLN NE2 HE22 sing N N 100 
GLN OXT HXT  sing N N 101 
GLU N   CA   sing N N 102 
GLU N   H    sing N N 103 
GLU N   H2   sing N N 104 
GLU CA  C    sing N N 105 
GLU CA  CB   sing N N 106 
GLU CA  HA   sing N N 107 
GLU C   O    doub N N 108 
GLU C   OXT  sing N N 109 
GLU CB  CG   sing N N 110 
GLU CB  HB2  sing N N 111 
GLU CB  HB3  sing N N 112 
GLU CG  CD   sing N N 113 
GLU CG  HG2  sing N N 114 
GLU CG  HG3  sing N N 115 
GLU CD  OE1  doub N N 116 
GLU CD  OE2  sing N N 117 
GLU OE2 HE2  sing N N 118 
GLU OXT HXT  sing N N 119 
GLY N   CA   sing N N 120 
GLY N   H    sing N N 121 
GLY N   H2   sing N N 122 
GLY CA  C    sing N N 123 
GLY CA  HA2  sing N N 124 
GLY CA  HA3  sing N N 125 
GLY C   O    doub N N 126 
GLY C   OXT  sing N N 127 
GLY OXT HXT  sing N N 128 
HIS N   CA   sing N N 129 
HIS N   H    sing N N 130 
HIS N   H2   sing N N 131 
HIS CA  C    sing N N 132 
HIS CA  CB   sing N N 133 
HIS CA  HA   sing N N 134 
HIS C   O    doub N N 135 
HIS C   OXT  sing N N 136 
HIS CB  CG   sing N N 137 
HIS CB  HB2  sing N N 138 
HIS CB  HB3  sing N N 139 
HIS CG  ND1  sing Y N 140 
HIS CG  CD2  doub Y N 141 
HIS ND1 CE1  doub Y N 142 
HIS ND1 HD1  sing N N 143 
HIS CD2 NE2  sing Y N 144 
HIS CD2 HD2  sing N N 145 
HIS CE1 NE2  sing Y N 146 
HIS CE1 HE1  sing N N 147 
HIS NE2 HE2  sing N N 148 
HIS OXT HXT  sing N N 149 
HOH O   H1   sing N N 150 
HOH O   H2   sing N N 151 
ILE N   CA   sing N N 152 
ILE N   H    sing N N 153 
ILE N   H2   sing N N 154 
ILE CA  C    sing N N 155 
ILE CA  CB   sing N N 156 
ILE CA  HA   sing N N 157 
ILE C   O    doub N N 158 
ILE C   OXT  sing N N 159 
ILE CB  CG1  sing N N 160 
ILE CB  CG2  sing N N 161 
ILE CB  HB   sing N N 162 
ILE CG1 CD1  sing N N 163 
ILE CG1 HG12 sing N N 164 
ILE CG1 HG13 sing N N 165 
ILE CG2 HG21 sing N N 166 
ILE CG2 HG22 sing N N 167 
ILE CG2 HG23 sing N N 168 
ILE CD1 HD11 sing N N 169 
ILE CD1 HD12 sing N N 170 
ILE CD1 HD13 sing N N 171 
ILE OXT HXT  sing N N 172 
LEU N   CA   sing N N 173 
LEU N   H    sing N N 174 
LEU N   H2   sing N N 175 
LEU CA  C    sing N N 176 
LEU CA  CB   sing N N 177 
LEU CA  HA   sing N N 178 
LEU C   O    doub N N 179 
LEU C   OXT  sing N N 180 
LEU CB  CG   sing N N 181 
LEU CB  HB2  sing N N 182 
LEU CB  HB3  sing N N 183 
LEU CG  CD1  sing N N 184 
LEU CG  CD2  sing N N 185 
LEU CG  HG   sing N N 186 
LEU CD1 HD11 sing N N 187 
LEU CD1 HD12 sing N N 188 
LEU CD1 HD13 sing N N 189 
LEU CD2 HD21 sing N N 190 
LEU CD2 HD22 sing N N 191 
LEU CD2 HD23 sing N N 192 
LEU OXT HXT  sing N N 193 
LYS N   CA   sing N N 194 
LYS N   H    sing N N 195 
LYS N   H2   sing N N 196 
LYS CA  C    sing N N 197 
LYS CA  CB   sing N N 198 
LYS CA  HA   sing N N 199 
LYS C   O    doub N N 200 
LYS C   OXT  sing N N 201 
LYS CB  CG   sing N N 202 
LYS CB  HB2  sing N N 203 
LYS CB  HB3  sing N N 204 
LYS CG  CD   sing N N 205 
LYS CG  HG2  sing N N 206 
LYS CG  HG3  sing N N 207 
LYS CD  CE   sing N N 208 
LYS CD  HD2  sing N N 209 
LYS CD  HD3  sing N N 210 
LYS CE  NZ   sing N N 211 
LYS CE  HE2  sing N N 212 
LYS CE  HE3  sing N N 213 
LYS NZ  HZ1  sing N N 214 
LYS NZ  HZ2  sing N N 215 
LYS NZ  HZ3  sing N N 216 
LYS OXT HXT  sing N N 217 
MET N   CA   sing N N 218 
MET N   H    sing N N 219 
MET N   H2   sing N N 220 
MET CA  C    sing N N 221 
MET CA  CB   sing N N 222 
MET CA  HA   sing N N 223 
MET C   O    doub N N 224 
MET C   OXT  sing N N 225 
MET CB  CG   sing N N 226 
MET CB  HB2  sing N N 227 
MET CB  HB3  sing N N 228 
MET CG  SD   sing N N 229 
MET CG  HG2  sing N N 230 
MET CG  HG3  sing N N 231 
MET SD  CE   sing N N 232 
MET CE  HE1  sing N N 233 
MET CE  HE2  sing N N 234 
MET CE  HE3  sing N N 235 
MET OXT HXT  sing N N 236 
PHE N   CA   sing N N 237 
PHE N   H    sing N N 238 
PHE N   H2   sing N N 239 
PHE CA  C    sing N N 240 
PHE CA  CB   sing N N 241 
PHE CA  HA   sing N N 242 
PHE C   O    doub N N 243 
PHE C   OXT  sing N N 244 
PHE CB  CG   sing N N 245 
PHE CB  HB2  sing N N 246 
PHE CB  HB3  sing N N 247 
PHE CG  CD1  doub Y N 248 
PHE CG  CD2  sing Y N 249 
PHE CD1 CE1  sing Y N 250 
PHE CD1 HD1  sing N N 251 
PHE CD2 CE2  doub Y N 252 
PHE CD2 HD2  sing N N 253 
PHE CE1 CZ   doub Y N 254 
PHE CE1 HE1  sing N N 255 
PHE CE2 CZ   sing Y N 256 
PHE CE2 HE2  sing N N 257 
PHE CZ  HZ   sing N N 258 
PHE OXT HXT  sing N N 259 
PRO N   CA   sing N N 260 
PRO N   CD   sing N N 261 
PRO N   H    sing N N 262 
PRO CA  C    sing N N 263 
PRO CA  CB   sing N N 264 
PRO CA  HA   sing N N 265 
PRO C   O    doub N N 266 
PRO C   OXT  sing N N 267 
PRO CB  CG   sing N N 268 
PRO CB  HB2  sing N N 269 
PRO CB  HB3  sing N N 270 
PRO CG  CD   sing N N 271 
PRO CG  HG2  sing N N 272 
PRO CG  HG3  sing N N 273 
PRO CD  HD2  sing N N 274 
PRO CD  HD3  sing N N 275 
PRO OXT HXT  sing N N 276 
SER N   CA   sing N N 277 
SER N   H    sing N N 278 
SER N   H2   sing N N 279 
SER CA  C    sing N N 280 
SER CA  CB   sing N N 281 
SER CA  HA   sing N N 282 
SER C   O    doub N N 283 
SER C   OXT  sing N N 284 
SER CB  OG   sing N N 285 
SER CB  HB2  sing N N 286 
SER CB  HB3  sing N N 287 
SER OG  HG   sing N N 288 
SER OXT HXT  sing N N 289 
THR N   CA   sing N N 290 
THR N   H    sing N N 291 
THR N   H2   sing N N 292 
THR CA  C    sing N N 293 
THR CA  CB   sing N N 294 
THR CA  HA   sing N N 295 
THR C   O    doub N N 296 
THR C   OXT  sing N N 297 
THR CB  OG1  sing N N 298 
THR CB  CG2  sing N N 299 
THR CB  HB   sing N N 300 
THR OG1 HG1  sing N N 301 
THR CG2 HG21 sing N N 302 
THR CG2 HG22 sing N N 303 
THR CG2 HG23 sing N N 304 
THR OXT HXT  sing N N 305 
TRP N   CA   sing N N 306 
TRP N   H    sing N N 307 
TRP N   H2   sing N N 308 
TRP CA  C    sing N N 309 
TRP CA  CB   sing N N 310 
TRP CA  HA   sing N N 311 
TRP C   O    doub N N 312 
TRP C   OXT  sing N N 313 
TRP CB  CG   sing N N 314 
TRP CB  HB2  sing N N 315 
TRP CB  HB3  sing N N 316 
TRP CG  CD1  doub Y N 317 
TRP CG  CD2  sing Y N 318 
TRP CD1 NE1  sing Y N 319 
TRP CD1 HD1  sing N N 320 
TRP CD2 CE2  doub Y N 321 
TRP CD2 CE3  sing Y N 322 
TRP NE1 CE2  sing Y N 323 
TRP NE1 HE1  sing N N 324 
TRP CE2 CZ2  sing Y N 325 
TRP CE3 CZ3  doub Y N 326 
TRP CE3 HE3  sing N N 327 
TRP CZ2 CH2  doub Y N 328 
TRP CZ2 HZ2  sing N N 329 
TRP CZ3 CH2  sing Y N 330 
TRP CZ3 HZ3  sing N N 331 
TRP CH2 HH2  sing N N 332 
TRP OXT HXT  sing N N 333 
TYR N   CA   sing N N 334 
TYR N   H    sing N N 335 
TYR N   H2   sing N N 336 
TYR CA  C    sing N N 337 
TYR CA  CB   sing N N 338 
TYR CA  HA   sing N N 339 
TYR C   O    doub N N 340 
TYR C   OXT  sing N N 341 
TYR CB  CG   sing N N 342 
TYR CB  HB2  sing N N 343 
TYR CB  HB3  sing N N 344 
TYR CG  CD1  doub Y N 345 
TYR CG  CD2  sing Y N 346 
TYR CD1 CE1  sing Y N 347 
TYR CD1 HD1  sing N N 348 
TYR CD2 CE2  doub Y N 349 
TYR CD2 HD2  sing N N 350 
TYR CE1 CZ   doub Y N 351 
TYR CE1 HE1  sing N N 352 
TYR CE2 CZ   sing Y N 353 
TYR CE2 HE2  sing N N 354 
TYR CZ  OH   sing N N 355 
TYR OH  HH   sing N N 356 
TYR OXT HXT  sing N N 357 
VAL N   CA   sing N N 358 
VAL N   H    sing N N 359 
VAL N   H2   sing N N 360 
VAL CA  C    sing N N 361 
VAL CA  CB   sing N N 362 
VAL CA  HA   sing N N 363 
VAL C   O    doub N N 364 
VAL C   OXT  sing N N 365 
VAL CB  CG1  sing N N 366 
VAL CB  CG2  sing N N 367 
VAL CB  HB   sing N N 368 
VAL CG1 HG11 sing N N 369 
VAL CG1 HG12 sing N N 370 
VAL CG1 HG13 sing N N 371 
VAL CG2 HG21 sing N N 372 
VAL CG2 HG22 sing N N 373 
VAL CG2 HG23 sing N N 374 
VAL OXT HXT  sing N N 375 
# 
loop_
_pdbx_audit_support.funding_organization 
_pdbx_audit_support.country 
_pdbx_audit_support.grant_number 
_pdbx_audit_support.ordinal 
'National Science Foundation (NSF, United States)'                                         'United States' MCB-1915727 1 
'National Institutes of Health/National Institute of General Medical Sciences (NIH/NIGMS)' 'United States' R35GM118044 2 
# 
_pdbx_initial_refinement_model.id               1 
_pdbx_initial_refinement_model.entity_id_list   ? 
_pdbx_initial_refinement_model.type             'experimental model' 
_pdbx_initial_refinement_model.source_name      PDB 
_pdbx_initial_refinement_model.accession_code   1RX2 
_pdbx_initial_refinement_model.details          ? 
# 
_atom_sites.entry_id                    9NJO 
_atom_sites.Cartn_transf_matrix[1][1]   ? 
_atom_sites.Cartn_transf_matrix[1][2]   ? 
_atom_sites.Cartn_transf_matrix[1][3]   ? 
_atom_sites.Cartn_transf_matrix[2][1]   ? 
_atom_sites.Cartn_transf_matrix[2][2]   ? 
_atom_sites.Cartn_transf_matrix[2][3]   ? 
_atom_sites.Cartn_transf_matrix[3][1]   ? 
_atom_sites.Cartn_transf_matrix[3][2]   ? 
_atom_sites.Cartn_transf_matrix[3][3]   ? 
_atom_sites.Cartn_transf_vector[1]      ? 
_atom_sites.Cartn_transf_vector[2]      ? 
_atom_sites.Cartn_transf_vector[3]      ? 
_atom_sites.Cartn_transform_axes        ? 
_atom_sites.fract_transf_matrix[1][1]   -0.00820750 
_atom_sites.fract_transf_matrix[1][2]   0.00652910 
_atom_sites.fract_transf_matrix[1][3]   -0.02761770 
_atom_sites.fract_transf_matrix[2][1]   -0.02235825 
_atom_sites.fract_transf_matrix[2][2]   0.00127483 
_atom_sites.fract_transf_matrix[2][3]   0.00694587 
_atom_sites.fract_transf_matrix[3][1]   0.00119278 
_atom_sites.fract_transf_matrix[3][2]   0.00998683 
_atom_sites.fract_transf_matrix[3][3]   0.00200651 
_atom_sites.fract_transf_vector[1]      0.225987 
_atom_sites.fract_transf_vector[2]      0.057239 
_atom_sites.fract_transf_vector[3]      0.129157 
_atom_sites.solution_primary            ? 
_atom_sites.solution_secondary          ? 
_atom_sites.solution_hydrogens          ? 
_atom_sites.special_details             ? 
# 
loop_
_atom_type.symbol 
C  
MN 
N  
O  
S  
# 
loop_
_atom_site.group_PDB 
_atom_site.id 
_atom_site.type_symbol 
_atom_site.label_atom_id 
_atom_site.label_alt_id 
_atom_site.label_comp_id 
_atom_site.label_asym_id 
_atom_site.label_entity_id 
_atom_site.label_seq_id 
_atom_site.pdbx_PDB_ins_code 
_atom_site.Cartn_x 
_atom_site.Cartn_y 
_atom_site.Cartn_z 
_atom_site.occupancy 
_atom_site.B_iso_or_equiv 
_atom_site.pdbx_formal_charge 
_atom_site.auth_seq_id 
_atom_site.auth_comp_id 
_atom_site.auth_asym_id 
_atom_site.auth_atom_id 
_atom_site.pdbx_PDB_model_num 
ATOM   1    N  N   . MET A 1 1   ? -6.154  -0.207  -13.255 1.00 27.52 ? 1   MET A N   1 
ATOM   2    C  CA  . MET A 1 1   ? -6.057  1.016   -12.466 1.00 27.14 ? 1   MET A CA  1 
ATOM   3    C  C   . MET A 1 1   ? -5.137  0.804   -11.262 1.00 17.24 ? 1   MET A C   1 
ATOM   4    O  O   . MET A 1 1   ? -5.183  -0.238  -10.607 1.00 21.98 ? 1   MET A O   1 
ATOM   5    C  CB  . MET A 1 1   ? -7.454  1.474   -12.030 1.00 21.04 ? 1   MET A CB  1 
ATOM   6    C  CG  . MET A 1 1   ? -7.519  2.212   -10.706 1.00 25.31 ? 1   MET A CG  1 
ATOM   7    S  SD  . MET A 1 1   ? -7.853  1.112   -9.319  1.00 45.48 ? 1   MET A SD  1 
ATOM   8    C  CE  . MET A 1 1   ? -9.397  0.368   -9.835  1.00 25.69 ? 1   MET A CE  1 
ATOM   9    N  N   . ILE A 1 2   ? -4.299  1.798   -10.985 1.00 15.11 ? 2   ILE A N   1 
ATOM   10   C  CA  . ILE A 1 2   ? -3.270  1.698   -9.956  1.00 15.72 ? 2   ILE A CA  1 
ATOM   11   C  C   . ILE A 1 2   ? -3.836  2.190   -8.632  1.00 12.68 ? 2   ILE A C   1 
ATOM   12   O  O   . ILE A 1 2   ? -4.457  3.258   -8.567  1.00 14.84 ? 2   ILE A O   1 
ATOM   13   C  CB  . ILE A 1 2   ? -2.021  2.502   -10.354 1.00 13.19 ? 2   ILE A CB  1 
ATOM   14   C  CG1 . ILE A 1 2   ? -1.413  1.927   -11.635 1.00 21.63 ? 2   ILE A CG1 1 
ATOM   15   C  CG2 . ILE A 1 2   ? -1.000  2.515   -9.221  1.00 10.02 ? 2   ILE A CG2 1 
ATOM   16   C  CD1 . ILE A 1 2   ? -0.337  2.792   -12.232 1.00 21.54 ? 2   ILE A CD1 1 
ATOM   17   N  N   . SER A 1 3   ? -3.615  1.414   -7.572  1.00 13.02 ? 3   SER A N   1 
ATOM   18   C  CA  . SER A 1 3   ? -4.115  1.731   -6.243  1.00 15.97 ? 3   SER A CA  1 
ATOM   19   C  C   . SER A 1 3   ? -2.971  1.694   -5.241  1.00 9.67  ? 3   SER A C   1 
ATOM   20   O  O   . SER A 1 3   ? -2.054  0.875   -5.363  1.00 12.98 ? 3   SER A O   1 
ATOM   21   C  CB  . SER A 1 3   ? -5.205  0.742   -5.814  1.00 15.95 ? 3   SER A CB  1 
ATOM   22   O  OG  . SER A 1 3   ? -6.352  0.855   -6.636  1.00 16.20 ? 3   SER A OG  1 
ATOM   23   N  N   . LEU A 1 4   ? -3.029  2.582   -4.252  1.00 9.81  ? 4   LEU A N   1 
ATOM   24   C  CA  . LEU A 1 4   ? -2.115  2.561   -3.119  1.00 10.46 ? 4   LEU A CA  1 
ATOM   25   C  C   . LEU A 1 4   ? -2.877  2.127   -1.875  1.00 10.94 ? 4   LEU A C   1 
ATOM   26   O  O   . LEU A 1 4   ? -4.019  2.545   -1.661  1.00 13.66 ? 4   LEU A O   1 
ATOM   27   C  CB  . LEU A 1 4   ? -1.479  3.935   -2.877  1.00 12.30 ? 4   LEU A CB  1 
ATOM   28   C  CG  . LEU A 1 4   ? -0.228  4.384   -3.642  1.00 15.06 ? 4   LEU A CG  1 
ATOM   29   C  CD1 . LEU A 1 4   ? -0.231  3.919   -5.093  1.00 12.12 ? 4   LEU A CD1 1 
ATOM   30   C  CD2 . LEU A 1 4   ? -0.063  5.897   -3.551  1.00 10.14 ? 4   LEU A CD2 1 
ATOM   31   N  N   . ILE A 1 5   ? -2.249  1.286   -1.056  1.00 9.45  ? 5   ILE A N   1 
ATOM   32   C  CA  . ILE A 1 5   ? -2.849  0.816   0.187   1.00 11.14 ? 5   ILE A CA  1 
ATOM   33   C  C   . ILE A 1 5   ? -1.805  0.897   1.293   1.00 13.82 ? 5   ILE A C   1 
ATOM   34   O  O   . ILE A 1 5   ? -0.659  0.471   1.106   1.00 12.17 ? 5   ILE A O   1 
ATOM   35   C  CB  . ILE A 1 5   ? -3.410  -0.615  0.053   1.00 15.43 ? 5   ILE A CB  1 
ATOM   36   C  CG1 . ILE A 1 5   ? -4.006  -1.088  1.382   1.00 14.30 ? 5   ILE A CG1 1 
ATOM   37   C  CG2 . ILE A 1 5   ? -2.350  -1.583  -0.468  1.00 11.64 ? 5   ILE A CG2 1 
ATOM   38   C  CD1 . ILE A 1 5   ? -4.780  -2.386  1.277   1.00 17.03 ? 5   ILE A CD1 1 
ATOM   39   N  N   . ALA A 1 6   ? -2.198  1.455   2.438   1.00 12.22 ? 6   ALA A N   1 
ATOM   40   C  CA  . ALA A 1 6   ? -1.271  1.661   3.541   1.00 16.23 ? 6   ALA A CA  1 
ATOM   41   C  C   . ALA A 1 6   ? -2.048  1.954   4.814   1.00 16.42 ? 6   ALA A C   1 
ATOM   42   O  O   . ALA A 1 6   ? -3.177  2.449   4.769   1.00 13.53 ? 6   ALA A O   1 
ATOM   43   C  CB  . ALA A 1 6   ? -0.295  2.806   3.247   1.00 15.19 ? 6   ALA A CB  1 
ATOM   44   N  N   . ALA A 1 7   ? -1.426  1.643   5.947   1.00 13.27 ? 7   ALA A N   1 
ATOM   45   C  CA  . ALA A 1 7   ? -1.952  1.983   7.262   1.00 13.33 ? 7   ALA A CA  1 
ATOM   46   C  C   . ALA A 1 7   ? -1.188  3.192   7.789   1.00 16.21 ? 7   ALA A C   1 
ATOM   47   O  O   . ALA A 1 7   ? 0.045   3.163   7.869   1.00 14.53 ? 7   ALA A O   1 
ATOM   48   C  CB  . ALA A 1 7   ? -1.831  0.801   8.223   1.00 9.36  ? 7   ALA A CB  1 
ATOM   49   N  N   . LEU A 1 8   ? -1.915  4.250   8.134   1.00 13.10 ? 8   LEU A N   1 
ATOM   50   C  CA  . LEU A 1 8   ? -1.319  5.524   8.516   1.00 16.69 ? 8   LEU A CA  1 
ATOM   51   C  C   . LEU A 1 8   ? -1.577  5.799   9.990   1.00 16.85 ? 8   LEU A C   1 
ATOM   52   O  O   . LEU A 1 8   ? -2.721  5.720   10.451  1.00 13.66 ? 8   LEU A O   1 
ATOM   53   C  CB  . LEU A 1 8   ? -1.876  6.676   7.671   1.00 15.73 ? 8   LEU A CB  1 
ATOM   54   C  CG  . LEU A 1 8   ? -1.355  6.951   6.255   1.00 11.53 ? 8   LEU A CG  1 
ATOM   55   C  CD1 . LEU A 1 8   ? -1.225  5.690   5.409   1.00 16.31 ? 8   LEU A CD1 1 
ATOM   56   C  CD2 . LEU A 1 8   ? -2.241  7.977   5.556   1.00 14.99 ? 8   LEU A CD2 1 
ATOM   57   N  N   . ALA A 1 9   ? -0.518  6.127   10.720  1.00 14.30 ? 9   ALA A N   1 
ATOM   58   C  CA  . ALA A 1 9   ? -0.617  6.546   12.106  1.00 18.80 ? 9   ALA A CA  1 
ATOM   59   C  C   . ALA A 1 9   ? -0.580  8.076   12.169  1.00 24.59 ? 9   ALA A C   1 
ATOM   60   O  O   . ALA A 1 9   ? -0.813  8.756   11.163  1.00 20.86 ? 9   ALA A O   1 
ATOM   61   C  CB  . ALA A 1 9   ? 0.501   5.885   12.919  1.00 23.21 ? 9   ALA A CB  1 
ATOM   62   N  N   . VAL A 1 10  ? -0.293  8.627   13.352  1.00 18.65 ? 10  VAL A N   1 
ATOM   63   C  CA  . VAL A 1 10  ? -0.143  10.071  13.487  1.00 20.42 ? 10  VAL A CA  1 
ATOM   64   C  C   . VAL A 1 10  ? 0.988   10.551  12.586  1.00 17.03 ? 10  VAL A C   1 
ATOM   65   O  O   . VAL A 1 10  ? 2.019   9.882   12.439  1.00 15.48 ? 10  VAL A O   1 
ATOM   66   C  CB  . VAL A 1 10  ? 0.104   10.446  14.959  1.00 23.21 ? 10  VAL A CB  1 
ATOM   67   C  CG1 . VAL A 1 10  ? 0.609   11.879  15.087  1.00 18.08 ? 10  VAL A CG1 1 
ATOM   68   C  CG2 . VAL A 1 10  ? -1.170  10.269  15.767  1.00 20.16 ? 10  VAL A CG2 1 
ATOM   69   N  N   . ASP A 1 11  ? 0.783   11.714  11.957  1.00 18.13 ? 11  ASP A N   1 
ATOM   70   C  CA  . ASP A 1 11  ? 1.748   12.316  11.033  1.00 19.16 ? 11  ASP A CA  1 
ATOM   71   C  C   . ASP A 1 11  ? 1.957   11.452  9.793   1.00 21.25 ? 11  ASP A C   1 
ATOM   72   O  O   . ASP A 1 11  ? 3.012   11.512  9.156   1.00 19.11 ? 11  ASP A O   1 
ATOM   73   C  CB  . ASP A 1 11  ? 3.091   12.594  11.715  1.00 22.45 ? 11  ASP A CB  1 
ATOM   74   C  CG  . ASP A 1 11  ? 3.004   13.695  12.753  1.00 26.62 ? 11  ASP A CG  1 
ATOM   75   O  OD1 . ASP A 1 11  ? 2.203   14.634  12.561  1.00 30.00 ? 11  ASP A OD1 1 
ATOM   76   O  OD2 . ASP A 1 11  ? 3.734   13.618  13.763  1.00 32.67 ? 11  ASP A OD2 1 
ATOM   77   N  N   . ARG A 1 12  ? 0.953   10.642  9.448   1.00 15.43 ? 12  ARG A N   1 
ATOM   78   C  CA  . ARG A 1 12  ? 1.004   9.760   8.280   1.00 16.18 ? 12  ARG A CA  1 
ATOM   79   C  C   . ARG A 1 12  ? 2.161   8.767   8.371   1.00 21.73 ? 12  ARG A C   1 
ATOM   80   O  O   . ARG A 1 12  ? 2.677   8.303   7.351   1.00 15.44 ? 12  ARG A O   1 
ATOM   81   C  CB  . ARG A 1 12  ? 1.089   10.568  6.980   1.00 18.89 ? 12  ARG A CB  1 
ATOM   82   C  CG  . ARG A 1 12  ? -0.199  11.292  6.616   1.00 23.04 ? 12  ARG A CG  1 
ATOM   83   C  CD  . ARG A 1 12  ? -0.064  12.064  5.310   1.00 17.74 ? 12  ARG A CD  1 
ATOM   84   N  NE  . ARG A 1 12  ? 1.328   12.236  4.910   1.00 18.07 ? 12  ARG A NE  1 
ATOM   85   C  CZ  . ARG A 1 12  ? 2.036   13.338  5.116   1.00 23.56 ? 12  ARG A CZ  1 
ATOM   86   N  NH1 . ARG A 1 12  ? 1.520   14.385  5.741   1.00 16.40 ? 12  ARG A NH1 1 
ATOM   87   N  NH2 . ARG A 1 12  ? 3.292   13.392  4.686   1.00 19.46 ? 12  ARG A NH2 1 
ATOM   88   N  N   . VAL A 1 13  ? 2.575   8.431   9.593   1.00 16.96 ? 13  VAL A N   1 
ATOM   89   C  CA  . VAL A 1 13  ? 3.687   7.507   9.781   1.00 22.12 ? 13  VAL A CA  1 
ATOM   90   C  C   . VAL A 1 13  ? 3.272   6.115   9.325   1.00 19.47 ? 13  VAL A C   1 
ATOM   91   O  O   . VAL A 1 13  ? 2.180   5.634   9.656   1.00 16.37 ? 13  VAL A O   1 
ATOM   92   C  CB  . VAL A 1 13  ? 4.142   7.504   11.248  1.00 19.69 ? 13  VAL A CB  1 
ATOM   93   C  CG1 . VAL A 1 13  ? 4.971   6.265   11.554  1.00 26.20 ? 13  VAL A CG1 1 
ATOM   94   C  CG2 . VAL A 1 13  ? 4.930   8.765   11.560  1.00 23.65 ? 13  VAL A CG2 1 
ATOM   95   N  N   . ILE A 1 14  ? 4.137   5.468   8.550   1.00 11.28 ? 14  ILE A N   1 
ATOM   96   C  CA  . ILE A 1 14  ? 3.880   4.118   8.068   1.00 10.92 ? 14  ILE A CA  1 
ATOM   97   C  C   . ILE A 1 14  ? 5.019   3.194   8.487   1.00 15.52 ? 14  ILE A C   1 
ATOM   98   O  O   . ILE A 1 14  ? 4.869   1.973   8.493   1.00 22.17 ? 14  ILE A O   1 
ATOM   99   C  CB  . ILE A 1 14  ? 3.689   4.094   6.542   1.00 16.46 ? 14  ILE A CB  1 
ATOM   100  C  CG1 . ILE A 1 14  ? 4.907   4.702   5.842   1.00 17.96 ? 14  ILE A CG1 1 
ATOM   101  C  CG2 . ILE A 1 14  ? 2.422   4.838   6.152   1.00 17.10 ? 14  ILE A CG2 1 
ATOM   102  C  CD1 . ILE A 1 14  ? 4.938   4.464   4.343   1.00 15.37 ? 14  ILE A CD1 1 
ATOM   103  N  N   . LEU A 1 24  ? -2.989  -3.263  15.853  1.00 42.15 ? 24  LEU A N   1 
ATOM   104  C  CA  . LEU A 1 24  ? -4.282  -3.159  15.178  1.00 41.14 ? 24  LEU A CA  1 
ATOM   105  C  C   . LEU A 1 24  ? -4.484  -4.259  14.133  1.00 33.30 ? 24  LEU A C   1 
ATOM   106  O  O   . LEU A 1 24  ? -4.428  -3.999  12.930  1.00 38.43 ? 24  LEU A O   1 
ATOM   107  C  CB  . LEU A 1 24  ? -4.437  -1.782  14.528  1.00 30.00 ? 24  LEU A CB  1 
ATOM   108  C  CG  . LEU A 1 24  ? -5.862  -1.358  14.169  1.00 30.00 ? 24  LEU A CG  1 
ATOM   109  C  CD1 . LEU A 1 24  ? -6.549  -0.718  15.365  1.00 30.00 ? 24  LEU A CD1 1 
ATOM   110  C  CD2 . LEU A 1 24  ? -5.858  -0.412  12.979  1.00 30.00 ? 24  LEU A CD2 1 
ATOM   111  N  N   . PRO A 1 25  ? -4.718  -5.493  14.601  1.00 28.79 ? 25  PRO A N   1 
ATOM   112  C  CA  . PRO A 1 25  ? -4.944  -6.702  13.829  1.00 22.27 ? 25  PRO A CA  1 
ATOM   113  C  C   . PRO A 1 25  ? -6.067  -6.577  12.796  1.00 26.74 ? 25  PRO A C   1 
ATOM   114  O  O   . PRO A 1 25  ? -6.083  -7.248  11.800  1.00 19.05 ? 25  PRO A O   1 
ATOM   115  C  CB  . PRO A 1 25  ? -5.265  -7.753  14.903  1.00 28.14 ? 25  PRO A CB  1 
ATOM   116  C  CG  . PRO A 1 25  ? -5.462  -7.028  16.156  1.00 27.37 ? 25  PRO A CG  1 
ATOM   117  C  CD  . PRO A 1 25  ? -4.656  -5.778  16.032  1.00 34.28 ? 25  PRO A CD  1 
ATOM   118  N  N   . ALA A 1 26  ? -7.024  -5.736  13.088  1.00 22.77 ? 26  ALA A N   1 
ATOM   119  C  CA  . ALA A 1 26  ? -8.080  -5.478  12.177  1.00 26.98 ? 26  ALA A CA  1 
ATOM   120  C  C   . ALA A 1 26  ? -7.557  -5.006  10.784  1.00 18.38 ? 26  ALA A C   1 
ATOM   121  O  O   . ALA A 1 26  ? -8.217  -5.189  9.831   1.00 20.77 ? 26  ALA A O   1 
ATOM   122  C  CB  . ALA A 1 26  ? -9.024  -4.452  12.762  1.00 26.73 ? 26  ALA A CB  1 
ATOM   123  N  N   . ASP A 1 27  ? -6.390  -4.393  10.706  1.00 20.49 ? 27  ASP A N   1 
ATOM   124  C  CA  . ASP A 1 27  ? -5.845  -3.925  9.436   1.00 17.69 ? 27  ASP A CA  1 
ATOM   125  C  C   . ASP A 1 27  ? -5.394  -5.081  8.552   1.00 24.90 ? 27  ASP A C   1 
ATOM   126  O  O   . ASP A 1 27  ? -5.389  -4.952  7.323   1.00 19.30 ? 27  ASP A O   1 
ATOM   127  C  CB  . ASP A 1 27  ? -4.679  -2.967  9.683   1.00 18.20 ? 27  ASP A CB  1 
ATOM   128  C  CG  . ASP A 1 27  ? -4.176  -2.319  8.406   1.00 24.29 ? 27  ASP A CG  1 
ATOM   129  O  OD1 . ASP A 1 27  ? -5.000  -1.768  7.647   1.00 18.66 ? 27  ASP A OD1 1 
ATOM   130  O  OD2 . ASP A 1 27  ? -2.952  -2.362  8.160   1.00 28.26 ? 27  ASP A OD2 1 
ATOM   131  N  N   . LEU A 1 28  ? -5.018  -6.212  9.153   1.00 25.62 ? 28  LEU A N   1 
ATOM   132  C  CA  . LEU A 1 28  ? -4.504  -7.330  8.366   1.00 19.62 ? 28  LEU A CA  1 
ATOM   133  C  C   . LEU A 1 28  ? -5.592  -7.942  7.492   1.00 17.41 ? 28  LEU A C   1 
ATOM   134  O  O   . LEU A 1 28  ? -5.338  -8.295  6.334   1.00 29.24 ? 28  LEU A O   1 
ATOM   135  C  CB  . LEU A 1 28  ? -3.893  -8.382  9.291   1.00 30.28 ? 28  LEU A CB  1 
ATOM   136  C  CG  . LEU A 1 28  ? -3.325  -9.627  8.609   1.00 38.09 ? 28  LEU A CG  1 
ATOM   137  C  CD1 . LEU A 1 28  ? -1.845  -9.445  8.312   1.00 44.52 ? 28  LEU A CD1 1 
ATOM   138  C  CD2 . LEU A 1 28  ? -3.556  -10.865 9.463   1.00 27.59 ? 28  LEU A CD2 1 
ATOM   139  N  N   . ALA A 1 29  ? -6.809  -8.079  8.024   1.00 17.96 ? 29  ALA A N   1 
ATOM   140  C  CA  . ALA A 1 29  ? -7.912  -8.584  7.214   1.00 16.48 ? 29  ALA A CA  1 
ATOM   141  C  C   . ALA A 1 29  ? -8.290  -7.587  6.126   1.00 24.32 ? 29  ALA A C   1 
ATOM   142  O  O   . ALA A 1 29  ? -8.647  -7.981  5.009   1.00 16.29 ? 29  ALA A O   1 
ATOM   143  C  CB  . ALA A 1 29  ? -9.117  -8.897  8.099   1.00 23.49 ? 29  ALA A CB  1 
ATOM   144  N  N   . TRP A 1 30  ? -8.223  -6.292  6.441   1.00 18.44 ? 30  TRP A N   1 
ATOM   145  C  CA  . TRP A 1 30  ? -8.465  -5.255  5.443   1.00 14.98 ? 30  TRP A CA  1 
ATOM   146  C  C   . TRP A 1 30  ? -7.443  -5.336  4.316   1.00 17.06 ? 30  TRP A C   1 
ATOM   147  O  O   . TRP A 1 30  ? -7.802  -5.333  3.132   1.00 17.19 ? 30  TRP A O   1 
ATOM   148  C  CB  . TRP A 1 30  ? -8.414  -3.884  6.114   1.00 18.84 ? 30  TRP A CB  1 
ATOM   149  C  CG  . TRP A 1 30  ? -8.430  -2.716  5.176   1.00 13.05 ? 30  TRP A CG  1 
ATOM   150  C  CD1 . TRP A 1 30  ? -7.369  -1.930  4.830   1.00 15.10 ? 30  TRP A CD1 1 
ATOM   151  C  CD2 . TRP A 1 30  ? -9.572  -2.159  4.513   1.00 13.54 ? 30  TRP A CD2 1 
ATOM   152  N  NE1 . TRP A 1 30  ? -7.772  -0.939  3.968   1.00 15.17 ? 30  TRP A NE1 1 
ATOM   153  C  CE2 . TRP A 1 30  ? -9.121  -1.056  3.759   1.00 14.25 ? 30  TRP A CE2 1 
ATOM   154  C  CE3 . TRP A 1 30  ? -10.930 -2.494  4.473   1.00 18.14 ? 30  TRP A CE3 1 
ATOM   155  C  CZ2 . TRP A 1 30  ? -9.979  -0.286  2.976   1.00 15.05 ? 30  TRP A CZ2 1 
ATOM   156  C  CZ3 . TRP A 1 30  ? -11.778 -1.729  3.695   1.00 18.41 ? 30  TRP A CZ3 1 
ATOM   157  C  CH2 . TRP A 1 30  ? -11.300 -0.638  2.957   1.00 18.48 ? 30  TRP A CH2 1 
ATOM   158  N  N   . PHE A 1 31  ? -6.158  -5.407  4.673   1.00 14.74 ? 31  PHE A N   1 
ATOM   159  C  CA  . PHE A 1 31  ? -5.099  -5.507  3.673   1.00 15.17 ? 31  PHE A CA  1 
ATOM   160  C  C   . PHE A 1 31  ? -5.248  -6.771  2.836   1.00 18.80 ? 31  PHE A C   1 
ATOM   161  O  O   . PHE A 1 31  ? -5.167  -6.728  1.603   1.00 16.83 ? 31  PHE A O   1 
ATOM   162  C  CB  . PHE A 1 31  ? -3.732  -5.472  4.362   1.00 18.59 ? 31  PHE A CB  1 
ATOM   163  C  CG  . PHE A 1 31  ? -2.567  -5.588  3.419   1.00 16.07 ? 31  PHE A CG  1 
ATOM   164  C  CD1 . PHE A 1 31  ? -2.024  -4.462  2.822   1.00 15.93 ? 31  PHE A CD1 1 
ATOM   165  C  CD2 . PHE A 1 31  ? -2.005  -6.825  3.141   1.00 16.94 ? 31  PHE A CD2 1 
ATOM   166  C  CE1 . PHE A 1 31  ? -0.951  -4.568  1.956   1.00 14.70 ? 31  PHE A CE1 1 
ATOM   167  C  CE2 . PHE A 1 31  ? -0.932  -6.937  2.277   1.00 23.65 ? 31  PHE A CE2 1 
ATOM   168  C  CZ  . PHE A 1 31  ? -0.403  -5.807  1.684   1.00 21.07 ? 31  PHE A CZ  1 
ATOM   169  N  N   . LYS A 1 32  ? -5.466  -7.913  3.494   1.00 16.12 ? 32  LYS A N   1 
ATOM   170  C  CA  . LYS A 1 32  ? -5.558  -9.183  2.779   1.00 19.71 ? 32  LYS A CA  1 
ATOM   171  C  C   . LYS A 1 32  ? -6.734  -9.192  1.812   1.00 20.14 ? 32  LYS A C   1 
ATOM   172  O  O   . LYS A 1 32  ? -6.620  -9.692  0.687   1.00 25.18 ? 32  LYS A O   1 
ATOM   173  C  CB  . LYS A 1 32  ? -5.674  -10.332 3.781   1.00 16.82 ? 32  LYS A CB  1 
ATOM   174  C  CG  . LYS A 1 32  ? -5.504  -11.719 3.182   1.00 28.50 ? 32  LYS A CG  1 
ATOM   175  C  CD  . LYS A 1 32  ? -5.229  -12.748 4.271   1.00 32.64 ? 32  LYS A CD  1 
ATOM   176  C  CE  . LYS A 1 32  ? -5.026  -14.140 3.692   1.00 40.64 ? 32  LYS A CE  1 
ATOM   177  N  NZ  . LYS A 1 32  ? -4.983  -14.128 2.205   1.00 37.83 ? 32  LYS A NZ  1 
ATOM   178  N  N   . ARG A 1 33  ? -7.873  -8.634  2.230   1.00 17.74 ? 33  ARG A N   1 
ATOM   179  C  CA  . ARG A 1 33  ? -9.061  -8.642  1.382   1.00 18.06 ? 33  ARG A CA  1 
ATOM   180  C  C   . ARG A 1 33  ? -8.863  -7.793  0.133   1.00 20.43 ? 33  ARG A C   1 
ATOM   181  O  O   . ARG A 1 33  ? -9.248  -8.199  -0.969  1.00 21.32 ? 33  ARG A O   1 
ATOM   182  C  CB  . ARG A 1 33  ? -10.270 -8.140  2.168   1.00 28.68 ? 33  ARG A CB  1 
ATOM   183  C  CG  . ARG A 1 33  ? -11.586 -8.245  1.416   1.00 32.42 ? 33  ARG A CG  1 
ATOM   184  C  CD  . ARG A 1 33  ? -12.760 -7.979  2.339   1.00 33.05 ? 33  ARG A CD  1 
ATOM   185  N  NE  . ARG A 1 33  ? -13.124 -6.569  2.329   1.00 38.74 ? 33  ARG A NE  1 
ATOM   186  C  CZ  . ARG A 1 33  ? -13.101 -5.781  3.395   1.00 41.76 ? 33  ARG A CZ  1 
ATOM   187  N  NH1 . ARG A 1 33  ? -12.742 -6.237  4.584   1.00 40.15 ? 33  ARG A NH1 1 
ATOM   188  N  NH2 . ARG A 1 33  ? -13.441 -4.501  3.264   1.00 43.91 ? 33  ARG A NH2 1 
ATOM   189  N  N   . ASN A 1 34  ? -8.271  -6.612  0.283   1.00 16.02 ? 34  ASN A N   1 
ATOM   190  C  CA  . ASN A 1 34  ? -8.155  -5.668  -0.820  1.00 18.03 ? 34  ASN A CA  1 
ATOM   191  C  C   . ASN A 1 34  ? -6.935  -5.910  -1.697  1.00 14.58 ? 34  ASN A C   1 
ATOM   192  O  O   . ASN A 1 34  ? -6.761  -5.202  -2.694  1.00 16.11 ? 34  ASN A O   1 
ATOM   193  C  CB  . ASN A 1 34  ? -8.137  -4.235  -0.280  1.00 14.46 ? 34  ASN A CB  1 
ATOM   194  C  CG  . ASN A 1 34  ? -9.485  -3.804  0.262   1.00 21.39 ? 34  ASN A CG  1 
ATOM   195  O  OD1 . ASN A 1 34  ? -10.417 -3.542  -0.500  1.00 17.26 ? 34  ASN A OD1 1 
ATOM   196  N  ND2 . ASN A 1 34  ? -9.598  -3.735  1.584   1.00 18.65 ? 34  ASN A ND2 1 
ATOM   197  N  N   . THR A 1 35  ? -6.091  -6.888  -1.364  1.00 14.48 ? 35  THR A N   1 
ATOM   198  C  CA  . THR A 1 35  ? -4.946  -7.224  -2.194  1.00 19.71 ? 35  THR A CA  1 
ATOM   199  C  C   . THR A 1 35  ? -4.992  -8.632  -2.770  1.00 20.64 ? 35  THR A C   1 
ATOM   200  O  O   . THR A 1 35  ? -4.175  -8.946  -3.641  1.00 16.48 ? 35  THR A O   1 
ATOM   201  C  CB  . THR A 1 35  ? -3.635  -7.058  -1.407  1.00 19.51 ? 35  THR A CB  1 
ATOM   202  O  OG1 . THR A 1 35  ? -3.620  -7.963  -0.295  1.00 16.03 ? 35  THR A OG1 1 
ATOM   203  C  CG2 . THR A 1 35  ? -3.485  -5.628  -0.909  1.00 17.47 ? 35  THR A CG2 1 
ATOM   204  N  N   . LEU A 1 36  ? -5.921  -9.478  -2.326  1.00 26.88 ? 36  LEU A N   1 
ATOM   205  C  CA  . LEU A 1 36  ? -5.943  -10.869 -2.763  1.00 25.93 ? 36  LEU A CA  1 
ATOM   206  C  C   . LEU A 1 36  ? -6.178  -10.970 -4.265  1.00 15.78 ? 36  LEU A C   1 
ATOM   207  O  O   . LEU A 1 36  ? -7.033  -10.281 -4.828  1.00 19.97 ? 36  LEU A O   1 
ATOM   208  C  CB  . LEU A 1 36  ? -7.026  -11.641 -2.010  1.00 25.18 ? 36  LEU A CB  1 
ATOM   209  C  CG  . LEU A 1 36  ? -6.662  -13.074 -1.617  1.00 32.46 ? 36  LEU A CG  1 
ATOM   210  C  CD1 . LEU A 1 36  ? -5.278  -13.117 -0.983  1.00 32.92 ? 36  LEU A CD1 1 
ATOM   211  C  CD2 . LEU A 1 36  ? -7.705  -13.654 -0.676  1.00 43.25 ? 36  LEU A CD2 1 
ATOM   212  N  N   . ASN A 1 37  ? -5.404  -11.847 -4.912  1.00 21.41 ? 37  ASN A N   1 
ATOM   213  C  CA  . ASN A 1 37  ? -5.478  -12.078 -6.357  1.00 25.85 ? 37  ASN A CA  1 
ATOM   214  C  C   . ASN A 1 37  ? -5.227  -10.799 -7.151  1.00 24.84 ? 37  ASN A C   1 
ATOM   215  O  O   . ASN A 1 37  ? -5.789  -10.601 -8.231  1.00 26.80 ? 37  ASN A O   1 
ATOM   216  C  CB  . ASN A 1 37  ? -6.832  -12.679 -6.736  1.00 30.00 ? 37  ASN A CB  1 
ATOM   217  C  CG  . ASN A 1 37  ? -6.982  -14.116 -6.277  1.00 30.00 ? 37  ASN A CG  1 
ATOM   218  O  OD1 . ASN A 1 37  ? -5.993  -14.816 -6.058  1.00 30.00 ? 37  ASN A OD1 1 
ATOM   219  N  ND2 . ASN A 1 37  ? -8.224  -14.563 -6.127  1.00 30.00 ? 37  ASN A ND2 1 
ATOM   220  N  N   . LYS A 1 38  ? -4.378  -9.924  -6.614  1.00 14.40 ? 38  LYS A N   1 
ATOM   221  C  CA  . LYS A 1 38  ? -3.942  -8.712  -7.282  1.00 18.84 ? 38  LYS A CA  1 
ATOM   222  C  C   . LYS A 1 38  ? -2.422  -8.641  -7.238  1.00 16.53 ? 38  LYS A C   1 
ATOM   223  O  O   . LYS A 1 38  ? -1.810  -9.079  -6.254  1.00 19.71 ? 38  LYS A O   1 
ATOM   224  C  CB  . LYS A 1 38  ? -4.534  -7.460  -6.615  1.00 13.67 ? 38  LYS A CB  1 
ATOM   225  C  CG  . LYS A 1 38  ? -6.029  -7.530  -6.349  1.00 17.26 ? 38  LYS A CG  1 
ATOM   226  C  CD  . LYS A 1 38  ? -6.549  -6.201  -5.825  1.00 17.42 ? 38  LYS A CD  1 
ATOM   227  C  CE  . LYS A 1 38  ? -8.052  -6.229  -5.608  1.00 18.09 ? 38  LYS A CE  1 
ATOM   228  N  NZ  . LYS A 1 38  ? -8.495  -5.098  -4.743  1.00 17.19 ? 38  LYS A NZ  1 
ATOM   229  N  N   . PRO A 1 39  ? -1.784  -8.112  -8.279  1.00 16.84 ? 39  PRO A N   1 
ATOM   230  C  CA  . PRO A 1 39  ? -0.334  -7.897  -8.205  1.00 17.01 ? 39  PRO A CA  1 
ATOM   231  C  C   . PRO A 1 39  ? -0.005  -6.842  -7.164  1.00 11.55 ? 39  PRO A C   1 
ATOM   232  O  O   . PRO A 1 39  ? -0.711  -5.841  -7.024  1.00 16.55 ? 39  PRO A O   1 
ATOM   233  C  CB  . PRO A 1 39  ? 0.040   -7.430  -9.618  1.00 13.55 ? 39  PRO A CB  1 
ATOM   234  C  CG  . PRO A 1 39  ? -1.229  -7.003  -10.257 1.00 18.38 ? 39  PRO A CG  1 
ATOM   235  C  CD  . PRO A 1 39  ? -2.363  -7.692  -9.566  1.00 15.22 ? 39  PRO A CD  1 
ATOM   236  N  N   . VAL A 1 40  ? 1.073   -7.079  -6.419  1.00 15.98 ? 40  VAL A N   1 
ATOM   237  C  CA  . VAL A 1 40  ? 1.528   -6.164  -5.380  1.00 11.65 ? 40  VAL A CA  1 
ATOM   238  C  C   . VAL A 1 40  ? 2.914   -5.656  -5.756  1.00 16.16 ? 40  VAL A C   1 
ATOM   239  O  O   . VAL A 1 40  ? 3.808   -6.448  -6.075  1.00 15.44 ? 40  VAL A O   1 
ATOM   240  C  CB  . VAL A 1 40  ? 1.536   -6.831  -3.991  1.00 17.93 ? 40  VAL A CB  1 
ATOM   241  C  CG1 . VAL A 1 40  ? 0.117   -6.941  -3.454  1.00 12.88 ? 40  VAL A CG1 1 
ATOM   242  C  CG2 . VAL A 1 40  ? 2.184   -8.206  -4.055  1.00 17.06 ? 40  VAL A CG2 1 
ATOM   243  N  N   . ILE A 1 41  ? 3.080   -4.335  -5.737  1.00 6.21  ? 41  ILE A N   1 
ATOM   244  C  CA  . ILE A 1 41  ? 4.348   -3.680  -6.039  1.00 8.70  ? 41  ILE A CA  1 
ATOM   245  C  C   . ILE A 1 41  ? 4.900   -3.105  -4.744  1.00 12.74 ? 41  ILE A C   1 
ATOM   246  O  O   . ILE A 1 41  ? 4.212   -2.339  -4.058  1.00 12.21 ? 41  ILE A O   1 
ATOM   247  C  CB  . ILE A 1 41  ? 4.179   -2.576  -7.097  1.00 9.86  ? 41  ILE A CB  1 
ATOM   248  C  CG1 . ILE A 1 41  ? 3.868   -3.186  -8.465  1.00 11.81 ? 41  ILE A CG1 1 
ATOM   249  C  CG2 . ILE A 1 41  ? 5.432   -1.714  -7.173  1.00 12.72 ? 41  ILE A CG2 1 
ATOM   250  C  CD1 . ILE A 1 41  ? 3.317   -2.187  -9.456  1.00 10.93 ? 41  ILE A CD1 1 
ATOM   251  N  N   . MET A 1 42  ? 6.135   -3.466  -4.408  1.00 12.74 ? 42  MET A N   1 
ATOM   252  C  CA  . MET A 1 42  ? 6.730   -3.017  -3.160  1.00 12.00 ? 42  MET A CA  1 
ATOM   253  C  C   . MET A 1 42  ? 8.180   -2.619  -3.390  1.00 17.51 ? 42  MET A C   1 
ATOM   254  O  O   . MET A 1 42  ? 8.796   -2.987  -4.392  1.00 13.13 ? 42  MET A O   1 
ATOM   255  C  CB  . MET A 1 42  ? 6.651   -4.101  -2.075  1.00 13.84 ? 42  MET A CB  1 
ATOM   256  C  CG  . MET A 1 42  ? 7.724   -5.172  -2.191  1.00 13.61 ? 42  MET A CG  1 
ATOM   257  S  SD  . MET A 1 42  ? 7.283   -6.715  -1.376  1.00 17.80 ? 42  MET A SD  1 
ATOM   258  C  CE  . MET A 1 42  ? 5.677   -7.030  -2.092  1.00 15.65 ? 42  MET A CE  1 
ATOM   259  N  N   . GLY A 1 43  ? 8.723   -1.850  -2.440  1.00 13.67 ? 43  GLY A N   1 
ATOM   260  C  CA  . GLY A 1 43  ? 10.132  -1.530  -2.454  1.00 16.79 ? 43  GLY A CA  1 
ATOM   261  C  C   . GLY A 1 43  ? 10.976  -2.642  -1.859  1.00 13.58 ? 43  GLY A C   1 
ATOM   262  O  O   . GLY A 1 43  ? 10.467  -3.613  -1.299  1.00 16.44 ? 43  GLY A O   1 
ATOM   263  N  N   . ARG A 1 44  ? 12.276  -2.495  -1.999  1.00 13.41 ? 44  ARG A N   1 
ATOM   264  C  CA  . ARG A 1 44  ? 13.192  -3.517  -1.524  1.00 18.24 ? 44  ARG A CA  1 
ATOM   265  C  C   . ARG A 1 44  ? 13.206  -3.690  -0.036  1.00 23.25 ? 44  ARG A C   1 
ATOM   266  O  O   . ARG A 1 44  ? 13.208  -4.773  0.466   1.00 20.10 ? 44  ARG A O   1 
ATOM   267  C  CB  . ARG A 1 44  ? 14.576  -3.269  -2.010  1.00 18.39 ? 44  ARG A CB  1 
ATOM   268  C  CG  . ARG A 1 44  ? 15.278  -4.559  -2.078  1.00 24.03 ? 44  ARG A CG  1 
ATOM   269  C  CD  . ARG A 1 44  ? 16.710  -4.429  -2.342  1.00 23.56 ? 44  ARG A CD  1 
ATOM   270  N  NE  . ARG A 1 44  ? 16.990  -4.551  -3.724  1.00 29.50 ? 44  ARG A NE  1 
ATOM   271  C  CZ  . ARG A 1 44  ? 17.583  -5.566  -4.314  1.00 32.04 ? 44  ARG A CZ  1 
ATOM   272  N  NH1 . ARG A 1 44  ? 17.939  -6.620  -3.631  1.00 37.62 ? 44  ARG A NH1 1 
ATOM   273  N  NH2 . ARG A 1 44  ? 17.834  -5.521  -5.602  1.00 23.32 ? 44  ARG A NH2 1 
ATOM   274  N  N   . HIS A 1 45  ? 13.187  -2.574  0.661   1.00 15.89 ? 45  HIS A N   1 
ATOM   275  C  CA  . HIS A 1 45  ? 13.137  -2.603  2.098   1.00 23.59 ? 45  HIS A CA  1 
ATOM   276  C  C   . HIS A 1 45  ? 11.846  -3.319  2.531   1.00 21.67 ? 45  HIS A C   1 
ATOM   277  O  O   . HIS A 1 45  ? 11.899  -4.114  3.399   1.00 25.42 ? 45  HIS A O   1 
ATOM   278  C  CB  . HIS A 1 45  ? 13.336  -1.259  2.739   1.00 21.82 ? 45  HIS A CB  1 
ATOM   279  C  CG  . HIS A 1 45  ? 14.660  -0.645  2.426   1.00 41.95 ? 45  HIS A CG  1 
ATOM   280  N  ND1 . HIS A 1 45  ? 15.854  -1.302  2.643   1.00 39.08 ? 45  HIS A ND1 1 
ATOM   281  C  CD2 . HIS A 1 45  ? 14.993  0.584   1.948   1.00 48.34 ? 45  HIS A CD2 1 
ATOM   282  C  CE1 . HIS A 1 45  ? 16.859  -0.523  2.291   1.00 44.69 ? 45  HIS A CE1 1 
ATOM   283  N  NE2 . HIS A 1 45  ? 16.366  0.622   1.853   1.00 48.97 ? 45  HIS A NE2 1 
ATOM   284  N  N   . THR A 1 46  ? 10.729  -3.037  1.889   1.00 16.27 ? 46  THR A N   1 
ATOM   285  C  CA  . THR A 1 46  ? 9.503   -3.724  2.188   1.00 18.17 ? 46  THR A CA  1 
ATOM   286  C  C   . THR A 1 46  ? 9.637   -5.209  1.846   1.00 24.01 ? 46  THR A C   1 
ATOM   287  O  O   . THR A 1 46  ? 9.173   -6.038  2.577   1.00 23.23 ? 46  THR A O   1 
ATOM   288  C  CB  . THR A 1 46  ? 8.300   -3.112  1.449   1.00 21.50 ? 46  THR A CB  1 
ATOM   289  O  OG1 . THR A 1 46  ? 8.117   -1.752  1.820   1.00 22.15 ? 46  THR A OG1 1 
ATOM   290  C  CG2 . THR A 1 46  ? 7.048   -3.910  1.681   1.00 18.05 ? 46  THR A CG2 1 
ATOM   291  N  N   . TRP A 1 47  ? 10.273  -5.522  0.723   1.00 20.31 ? 47  TRP A N   1 
ATOM   292  C  CA  . TRP A 1 47  ? 10.456  -6.923  0.348   1.00 15.21 ? 47  TRP A CA  1 
ATOM   293  C  C   . TRP A 1 47  ? 11.305  -7.677  1.367   1.00 18.42 ? 47  TRP A C   1 
ATOM   294  O  O   . TRP A 1 47  ? 10.998  -8.826  1.710   1.00 23.26 ? 47  TRP A O   1 
ATOM   295  C  CB  . TRP A 1 47  ? 11.080  -7.016  -1.044  1.00 16.83 ? 47  TRP A CB  1 
ATOM   296  C  CG  . TRP A 1 47  ? 11.709  -8.347  -1.327  1.00 16.02 ? 47  TRP A CG  1 
ATOM   297  C  CD1 . TRP A 1 47  ? 13.024  -8.587  -1.607  1.00 19.16 ? 47  TRP A CD1 1 
ATOM   298  C  CD2 . TRP A 1 47  ? 11.058  -9.624  -1.334  1.00 16.42 ? 47  TRP A CD2 1 
ATOM   299  N  NE1 . TRP A 1 47  ? 13.229  -9.933  -1.799  1.00 17.52 ? 47  TRP A NE1 1 
ATOM   300  C  CE2 . TRP A 1 47  ? 12.039  -10.590 -1.637  1.00 14.14 ? 47  TRP A CE2 1 
ATOM   301  C  CE3 . TRP A 1 47  ? 9.741   -10.044 -1.118  1.00 20.17 ? 47  TRP A CE3 1 
ATOM   302  C  CZ2 . TRP A 1 47  ? 11.745  -11.950 -1.727  1.00 13.85 ? 47  TRP A CZ2 1 
ATOM   303  C  CZ3 . TRP A 1 47  ? 9.452   -11.394 -1.208  1.00 14.71 ? 47  TRP A CZ3 1 
ATOM   304  C  CH2 . TRP A 1 47  ? 10.450  -12.330 -1.510  1.00 15.59 ? 47  TRP A CH2 1 
ATOM   305  N  N   . GLU A 1 48  ? 12.369  -7.049  1.870   1.00 18.13 ? 48  GLU A N   1 
ATOM   306  C  CA  . GLU A 1 48  ? 13.197  -7.690  2.886   1.00 23.57 ? 48  GLU A CA  1 
ATOM   307  C  C   . GLU A 1 48  ? 12.446  -7.899  4.195   1.00 29.22 ? 48  GLU A C   1 
ATOM   308  O  O   . GLU A 1 48  ? 12.884  -8.705  5.023   1.00 29.90 ? 48  GLU A O   1 
ATOM   309  C  CB  . GLU A 1 48  ? 14.460  -6.864  3.132   1.00 28.14 ? 48  GLU A CB  1 
ATOM   310  C  CG  . GLU A 1 48  ? 15.349  -6.717  1.905   1.00 26.30 ? 48  GLU A CG  1 
ATOM   311  C  CD  . GLU A 1 48  ? 16.412  -5.646  2.070   1.00 31.16 ? 48  GLU A CD  1 
ATOM   312  O  OE1 . GLU A 1 48  ? 16.454  -5.003  3.140   1.00 36.16 ? 48  GLU A OE1 1 
ATOM   313  O  OE2 . GLU A 1 48  ? 17.209  -5.451  1.128   1.00 35.87 ? 48  GLU A OE2 1 
ATOM   314  N  N   . SER A 1 49  ? 11.321  -7.207  4.396   1.00 25.34 ? 49  SER A N   1 
ATOM   315  C  CA  . SER A 1 49  ? 10.603  -7.301  5.662   1.00 30.01 ? 49  SER A CA  1 
ATOM   316  C  C   . SER A 1 49  ? 9.698   -8.527  5.718   1.00 28.63 ? 49  SER A C   1 
ATOM   317  O  O   . SER A 1 49  ? 9.689   -9.249  6.721   1.00 37.93 ? 49  SER A O   1 
ATOM   318  C  CB  . SER A 1 49  ? 9.791   -6.028  5.905   1.00 33.48 ? 49  SER A CB  1 
ATOM   319  O  OG  . SER A 1 49  ? 10.640  -4.934  6.197   1.00 39.99 ? 49  SER A OG  1 
ATOM   320  N  N   . ILE A 1 50  ? 8.914   -8.772  4.663   1.00 27.10 ? 50  ILE A N   1 
ATOM   321  C  CA  . ILE A 1 50  ? 8.031   -9.938  4.682   1.00 27.52 ? 50  ILE A CA  1 
ATOM   322  C  C   . ILE A 1 50  ? 8.837   -11.237 4.608   1.00 27.72 ? 50  ILE A C   1 
ATOM   323  O  O   . ILE A 1 50  ? 8.422   -12.262 5.158   1.00 37.67 ? 50  ILE A O   1 
ATOM   324  C  CB  . ILE A 1 50  ? 6.965   -9.873  3.561   1.00 29.41 ? 50  ILE A CB  1 
ATOM   325  C  CG1 . ILE A 1 50  ? 6.206   -8.538  3.540   1.00 32.42 ? 50  ILE A CG1 1 
ATOM   326  C  CG2 . ILE A 1 50  ? 5.951   -10.999 3.714   1.00 39.16 ? 50  ILE A CG2 1 
ATOM   327  C  CD1 . ILE A 1 50  ? 6.821   -7.455  2.677   1.00 39.17 ? 50  ILE A CD1 1 
ATOM   328  N  N   . GLY A 1 51  ? 9.988   -11.226 3.947   1.00 24.23 ? 51  GLY A N   1 
ATOM   329  C  CA  . GLY A 1 51  ? 10.851  -12.400 3.845   1.00 16.72 ? 51  GLY A CA  1 
ATOM   330  C  C   . GLY A 1 51  ? 10.489  -13.424 2.779   1.00 25.97 ? 51  GLY A C   1 
ATOM   331  O  O   . GLY A 1 51  ? 11.372  -14.089 2.234   1.00 20.16 ? 51  GLY A O   1 
ATOM   332  N  N   . ARG A 1 52  ? 9.206   -13.558 2.470   1.00 14.45 ? 52  ARG A N   1 
ATOM   333  C  CA  . ARG A 1 52  ? 8.730   -14.482 1.455   1.00 18.77 ? 52  ARG A CA  1 
ATOM   334  C  C   . ARG A 1 52  ? 7.539   -13.849 0.757   1.00 17.78 ? 52  ARG A C   1 
ATOM   335  O  O   . ARG A 1 52  ? 6.867   -12.983 1.330   1.00 18.45 ? 52  ARG A O   1 
ATOM   336  C  CB  . ARG A 1 52  ? 8.349   -15.842 2.060   1.00 19.44 ? 52  ARG A CB  1 
ATOM   337  C  CG  . ARG A 1 52  ? 7.121   -15.841 2.949   1.00 24.77 ? 52  ARG A CG  1 
ATOM   338  C  CD  . ARG A 1 52  ? 6.683   -17.272 3.237   1.00 26.24 ? 52  ARG A CD  1 
ATOM   339  N  NE  . ARG A 1 52  ? 5.235   -17.392 3.337   1.00 36.83 ? 52  ARG A NE  1 
ATOM   340  C  CZ  . ARG A 1 52  ? 4.530   -18.394 2.829   1.00 34.27 ? 52  ARG A CZ  1 
ATOM   341  N  NH1 . ARG A 1 52  ? 5.110   -19.386 2.170   1.00 29.52 ? 52  ARG A NH1 1 
ATOM   342  N  NH2 . ARG A 1 52  ? 3.209   -18.400 2.983   1.00 33.31 ? 52  ARG A NH2 1 
ATOM   343  N  N   . PRO A 1 53  ? 7.259   -14.245 -0.486  1.00 16.57 ? 53  PRO A N   1 
ATOM   344  C  CA  . PRO A 1 53  ? 6.202   -13.574 -1.252  1.00 14.16 ? 53  PRO A CA  1 
ATOM   345  C  C   . PRO A 1 53  ? 4.843   -13.693 -0.578  1.00 20.11 ? 53  PRO A C   1 
ATOM   346  O  O   . PRO A 1 53  ? 4.533   -14.688 0.079   1.00 22.17 ? 53  PRO A O   1 
ATOM   347  C  CB  . PRO A 1 53  ? 6.224   -14.312 -2.597  1.00 18.82 ? 53  PRO A CB  1 
ATOM   348  C  CG  . PRO A 1 53  ? 7.613   -14.860 -2.690  1.00 17.71 ? 53  PRO A CG  1 
ATOM   349  C  CD  . PRO A 1 53  ? 7.921   -15.288 -1.288  1.00 17.65 ? 53  PRO A CD  1 
ATOM   350  N  N   . LEU A 1 54  ? 4.037   -12.651 -0.739  1.00 21.53 ? 54  LEU A N   1 
ATOM   351  C  CA  . LEU A 1 54  ? 2.675   -12.665 -0.224  1.00 18.72 ? 54  LEU A CA  1 
ATOM   352  C  C   . LEU A 1 54  ? 1.871   -13.732 -0.958  1.00 18.40 ? 54  LEU A C   1 
ATOM   353  O  O   . LEU A 1 54  ? 1.785   -13.688 -2.195  1.00 20.33 ? 54  LEU A O   1 
ATOM   354  C  CB  . LEU A 1 54  ? 2.019   -11.296 -0.382  1.00 16.40 ? 54  LEU A CB  1 
ATOM   355  C  CG  . LEU A 1 54  ? 2.623   -10.165 0.456   1.00 23.43 ? 54  LEU A CG  1 
ATOM   356  C  CD1 . LEU A 1 54  ? 2.064   -8.813  0.034   1.00 19.16 ? 54  LEU A CD1 1 
ATOM   357  C  CD2 . LEU A 1 54  ? 2.387   -10.408 1.942   1.00 20.69 ? 54  LEU A CD2 1 
ATOM   358  N  N   . PRO A 1 55  ? 1.297   -14.706 -0.255  1.00 25.97 ? 55  PRO A N   1 
ATOM   359  C  CA  . PRO A 1 55  ? 0.589   -15.795 -0.937  1.00 27.80 ? 55  PRO A CA  1 
ATOM   360  C  C   . PRO A 1 55  ? -0.553  -15.283 -1.802  1.00 26.67 ? 55  PRO A C   1 
ATOM   361  O  O   . PRO A 1 55  ? -1.209  -14.288 -1.482  1.00 32.76 ? 55  PRO A O   1 
ATOM   362  C  CB  . PRO A 1 55  ? 0.067   -16.647 0.223   1.00 29.63 ? 55  PRO A CB  1 
ATOM   363  C  CG  . PRO A 1 55  ? 1.097   -16.456 1.287   1.00 32.57 ? 55  PRO A CG  1 
ATOM   364  C  CD  . PRO A 1 55  ? 1.520   -15.008 1.171   1.00 29.40 ? 55  PRO A CD  1 
ATOM   365  N  N   . GLY A 1 56  ? -0.779  -15.979 -2.915  1.00 27.27 ? 56  GLY A N   1 
ATOM   366  C  CA  . GLY A 1 56  ? -1.886  -15.658 -3.797  1.00 31.37 ? 56  GLY A CA  1 
ATOM   367  C  C   . GLY A 1 56  ? -1.798  -14.315 -4.483  1.00 31.86 ? 56  GLY A C   1 
ATOM   368  O  O   . GLY A 1 56  ? -2.821  -13.795 -4.935  1.00 29.28 ? 56  GLY A O   1 
ATOM   369  N  N   . ARG A 1 57  ? -0.603  -13.734 -4.576  1.00 28.08 ? 57  ARG A N   1 
ATOM   370  C  CA  . ARG A 1 57  ? -0.420  -12.430 -5.194  1.00 23.95 ? 57  ARG A CA  1 
ATOM   371  C  C   . ARG A 1 57  ? 0.902   -12.405 -5.943  1.00 20.04 ? 57  ARG A C   1 
ATOM   372  O  O   . ARG A 1 57  ? 1.920   -12.886 -5.437  1.00 20.52 ? 57  ARG A O   1 
ATOM   373  C  CB  . ARG A 1 57  ? -0.452  -11.307 -4.146  1.00 18.90 ? 57  ARG A CB  1 
ATOM   374  C  CG  . ARG A 1 57  ? -1.832  -11.025 -3.576  1.00 20.87 ? 57  ARG A CG  1 
ATOM   375  C  CD  . ARG A 1 57  ? -1.763  -10.499 -2.152  1.00 20.33 ? 57  ARG A CD  1 
ATOM   376  N  NE  . ARG A 1 57  ? -1.647  -11.576 -1.177  1.00 21.88 ? 57  ARG A NE  1 
ATOM   377  C  CZ  . ARG A 1 57  ? -1.643  -11.400 0.138   1.00 27.09 ? 57  ARG A CZ  1 
ATOM   378  N  NH1 . ARG A 1 57  ? -1.754  -10.196 0.675   1.00 21.95 ? 57  ARG A NH1 1 
ATOM   379  N  NH2 . ARG A 1 57  ? -1.526  -12.460 0.934   1.00 32.77 ? 57  ARG A NH2 1 
ATOM   380  N  N   . LYS A 1 58  ? 0.882   -11.849 -7.151  1.00 23.34 ? 58  LYS A N   1 
ATOM   381  C  CA  . LYS A 1 58  ? 2.114   -11.634 -7.897  1.00 18.21 ? 58  LYS A CA  1 
ATOM   382  C  C   . LYS A 1 58  ? 2.923   -10.532 -7.225  1.00 19.46 ? 58  LYS A C   1 
ATOM   383  O  O   . LYS A 1 58  ? 2.470   -9.386  -7.141  1.00 18.28 ? 58  LYS A O   1 
ATOM   384  C  CB  . LYS A 1 58  ? 1.802   -11.266 -9.346  1.00 14.84 ? 58  LYS A CB  1 
ATOM   385  C  CG  . LYS A 1 58  ? 3.025   -11.173 -10.242 1.00 16.98 ? 58  LYS A CG  1 
ATOM   386  C  CD  . LYS A 1 58  ? 2.640   -10.703 -11.634 1.00 17.39 ? 58  LYS A CD  1 
ATOM   387  C  CE  . LYS A 1 58  ? 3.729   -11.009 -12.647 1.00 18.80 ? 58  LYS A CE  1 
ATOM   388  N  NZ  . LYS A 1 58  ? 3.200   -10.993 -14.040 1.00 25.33 ? 58  LYS A NZ  1 
ATOM   389  N  N   . ASN A 1 59  ? 4.113   -10.877 -6.739  1.00 16.69 ? 59  ASN A N   1 
ATOM   390  C  CA  . ASN A 1 59  ? 4.951   -9.936  -6.005  1.00 13.03 ? 59  ASN A CA  1 
ATOM   391  C  C   . ASN A 1 59  ? 5.940   -9.282  -6.961  1.00 14.28 ? 59  ASN A C   1 
ATOM   392  O  O   . ASN A 1 59  ? 6.735   -9.973  -7.609  1.00 15.67 ? 59  ASN A O   1 
ATOM   393  C  CB  . ASN A 1 59  ? 5.695   -10.638 -4.866  1.00 14.02 ? 59  ASN A CB  1 
ATOM   394  C  CG  . ASN A 1 59  ? 4.782   -11.027 -3.714  1.00 13.41 ? 59  ASN A CG  1 
ATOM   395  O  OD1 . ASN A 1 59  ? 5.089   -10.752 -2.555  1.00 17.34 ? 59  ASN A OD1 1 
ATOM   396  N  ND2 . ASN A 1 59  ? 3.669   -11.684 -4.025  1.00 14.63 ? 59  ASN A ND2 1 
ATOM   397  N  N   . ILE A 1 60  ? 5.898   -7.954  -7.043  1.00 12.82 ? 60  ILE A N   1 
ATOM   398  C  CA  . ILE A 1 60  ? 6.805   -7.180  -7.880  1.00 11.17 ? 60  ILE A CA  1 
ATOM   399  C  C   . ILE A 1 60  ? 7.601   -6.240  -6.985  1.00 14.84 ? 60  ILE A C   1 
ATOM   400  O  O   . ILE A 1 60  ? 7.019   -5.489  -6.192  1.00 10.42 ? 60  ILE A O   1 
ATOM   401  C  CB  . ILE A 1 60  ? 6.047   -6.399  -8.968  1.00 9.34  ? 60  ILE A CB  1 
ATOM   402  C  CG1 . ILE A 1 60  ? 5.383   -7.375  -9.941  1.00 14.32 ? 60  ILE A CG1 1 
ATOM   403  C  CG2 . ILE A 1 60  ? 6.983   -5.457  -9.707  1.00 13.97 ? 60  ILE A CG2 1 
ATOM   404  C  CD1 . ILE A 1 60  ? 4.322   -6.748  -10.805 1.00 15.97 ? 60  ILE A CD1 1 
ATOM   405  N  N   . ILE A 1 61  ? 8.925   -6.292  -7.104  1.00 12.14 ? 61  ILE A N   1 
ATOM   406  C  CA  . ILE A 1 61  ? 9.833   -5.475  -6.305  1.00 10.89 ? 61  ILE A CA  1 
ATOM   407  C  C   . ILE A 1 61  ? 10.442  -4.410  -7.204  1.00 13.38 ? 61  ILE A C   1 
ATOM   408  O  O   . ILE A 1 61  ? 11.003  -4.726  -8.262  1.00 13.69 ? 61  ILE A O   1 
ATOM   409  C  CB  . ILE A 1 61  ? 10.941  -6.317  -5.641  1.00 14.25 ? 61  ILE A CB  1 
ATOM   410  C  CG1 . ILE A 1 61  ? 10.456  -7.717  -5.238  1.00 13.42 ? 61  ILE A CG1 1 
ATOM   411  C  CG2 . ILE A 1 61  ? 11.508  -5.580  -4.434  1.00 15.62 ? 61  ILE A CG2 1 
ATOM   412  C  CD1 . ILE A 1 61  ? 9.171   -7.759  -4.417  1.00 10.99 ? 61  ILE A CD1 1 
ATOM   413  N  N   . LEU A 1 62  ? 10.339  -3.151  -6.784  1.00 12.08 ? 62  LEU A N   1 
ATOM   414  C  CA  . LEU A 1 62  ? 10.930  -2.029  -7.502  1.00 8.79  ? 62  LEU A CA  1 
ATOM   415  C  C   . LEU A 1 62  ? 12.273  -1.715  -6.851  1.00 15.58 ? 62  LEU A C   1 
ATOM   416  O  O   . LEU A 1 62  ? 12.326  -1.291  -5.693  1.00 19.34 ? 62  LEU A O   1 
ATOM   417  C  CB  . LEU A 1 62  ? 10.003  -0.815  -7.482  1.00 12.32 ? 62  LEU A CB  1 
ATOM   418  C  CG  . LEU A 1 62  ? 10.580  0.523   -7.954  1.00 17.95 ? 62  LEU A CG  1 
ATOM   419  C  CD1 . LEU A 1 62  ? 11.259  0.376   -9.312  1.00 17.44 ? 62  LEU A CD1 1 
ATOM   420  C  CD2 . LEU A 1 62  ? 9.493   1.586   -8.011  1.00 13.39 ? 62  LEU A CD2 1 
ATOM   421  N  N   . SER A 1 63  ? 13.355  -1.931  -7.596  1.00 15.41 ? 63  SER A N   1 
ATOM   422  C  CA  . SER A 1 63  ? 14.701  -1.692  -7.095  1.00 16.14 ? 63  SER A CA  1 
ATOM   423  C  C   . SER A 1 63  ? 15.623  -1.412  -8.271  1.00 14.35 ? 63  SER A C   1 
ATOM   424  O  O   . SER A 1 63  ? 15.511  -2.053  -9.319  1.00 15.48 ? 63  SER A O   1 
ATOM   425  C  CB  . SER A 1 63  ? 15.217  -2.891  -6.287  1.00 17.83 ? 63  SER A CB  1 
ATOM   426  O  OG  . SER A 1 63  ? 16.502  -2.631  -5.746  1.00 24.43 ? 63  SER A OG  1 
ATOM   427  N  N   . SER A 1 64  ? 16.530  -0.452  -8.093  1.00 19.04 ? 64  SER A N   1 
ATOM   428  C  CA  . SER A 1 64  ? 17.497  -0.132  -9.133  1.00 24.45 ? 64  SER A CA  1 
ATOM   429  C  C   . SER A 1 64  ? 18.614  -1.161  -9.239  1.00 23.44 ? 64  SER A C   1 
ATOM   430  O  O   . SER A 1 64  ? 19.387  -1.116  -10.203 1.00 24.44 ? 64  SER A O   1 
ATOM   431  C  CB  . SER A 1 64  ? 18.100  1.254   -8.887  1.00 24.45 ? 64  SER A CB  1 
ATOM   432  O  OG  . SER A 1 64  ? 18.610  1.363   -7.570  1.00 32.37 ? 64  SER A OG  1 
ATOM   433  N  N   . GLN A 1 65  ? 18.713  -2.076  -8.289  1.00 26.11 ? 65  GLN A N   1 
ATOM   434  C  CA  . GLN A 1 65  ? 19.744  -3.094  -8.248  1.00 31.44 ? 65  GLN A CA  1 
ATOM   435  C  C   . GLN A 1 65  ? 19.199  -4.435  -8.723  1.00 26.31 ? 65  GLN A C   1 
ATOM   436  O  O   . GLN A 1 65  ? 18.009  -4.722  -8.557  1.00 23.53 ? 65  GLN A O   1 
ATOM   437  C  CB  . GLN A 1 65  ? 20.295  -3.241  -6.827  1.00 29.95 ? 65  GLN A CB  1 
ATOM   438  C  CG  . GLN A 1 65  ? 21.327  -2.188  -6.465  1.00 36.21 ? 65  GLN A CG  1 
ATOM   439  C  CD  . GLN A 1 65  ? 20.695  -0.870  -6.058  1.00 38.94 ? 65  GLN A CD  1 
ATOM   440  O  OE1 . GLN A 1 65  ? 21.019  0.182   -6.610  1.00 35.70 ? 65  GLN A OE1 1 
ATOM   441  N  NE2 . GLN A 1 65  ? 19.787  -0.921  -5.090  1.00 38.78 ? 65  GLN A NE2 1 
ATOM   442  N  N   . PRO A 1 66  ? 20.052  -5.255  -9.337  1.00 24.41 ? 66  PRO A N   1 
ATOM   443  C  CA  . PRO A 1 66  ? 19.608  -6.566  -9.823  1.00 29.54 ? 66  PRO A CA  1 
ATOM   444  C  C   . PRO A 1 66  ? 18.940  -7.383  -8.724  1.00 27.12 ? 66  PRO A C   1 
ATOM   445  O  O   . PRO A 1 66  ? 19.252  -7.246  -7.540  1.00 19.62 ? 66  PRO A O   1 
ATOM   446  C  CB  . PRO A 1 66  ? 20.907  -7.231  -10.294 1.00 25.68 ? 66  PRO A CB  1 
ATOM   447  C  CG  . PRO A 1 66  ? 21.923  -6.130  -10.406 1.00 31.22 ? 66  PRO A CG  1 
ATOM   448  C  CD  . PRO A 1 66  ? 21.330  -4.842  -9.931  1.00 25.58 ? 66  PRO A CD  1 
ATOM   449  N  N   . GLY A 1 67  ? 18.015  -8.246  -9.136  1.00 17.09 ? 67  GLY A N   1 
ATOM   450  C  CA  . GLY A 1 67  ? 17.276  -9.042  -8.180  1.00 19.45 ? 67  GLY A CA  1 
ATOM   451  C  C   . GLY A 1 67  ? 18.119  -10.138 -7.558  1.00 20.44 ? 67  GLY A C   1 
ATOM   452  O  O   . GLY A 1 67  ? 19.112  -10.600 -8.122  1.00 18.81 ? 67  GLY A O   1 
ATOM   453  N  N   . THR A 1 68  ? 17.701  -10.564 -6.363  1.00 18.04 ? 68  THR A N   1 
ATOM   454  C  CA  . THR A 1 68  ? 18.409  -11.590 -5.604  1.00 18.15 ? 68  THR A CA  1 
ATOM   455  C  C   . THR A 1 68  ? 17.456  -12.668 -5.097  1.00 20.66 ? 68  THR A C   1 
ATOM   456  O  O   . THR A 1 68  ? 17.737  -13.327 -4.092  1.00 20.82 ? 68  THR A O   1 
ATOM   457  C  CB  . THR A 1 68  ? 19.179  -10.973 -4.437  1.00 16.30 ? 68  THR A CB  1 
ATOM   458  O  OG1 . THR A 1 68  ? 18.310  -10.112 -3.689  1.00 24.09 ? 68  THR A OG1 1 
ATOM   459  C  CG2 . THR A 1 68  ? 20.369  -10.170 -4.944  1.00 21.60 ? 68  THR A CG2 1 
ATOM   460  N  N   . ASP A 1 69  ? 16.329  -12.863 -5.784  1.00 17.12 ? 69  ASP A N   1 
ATOM   461  C  CA  . ASP A 1 69  ? 15.365  -13.890 -5.390  1.00 14.92 ? 69  ASP A CA  1 
ATOM   462  C  C   . ASP A 1 69  ? 14.415  -14.126 -6.561  1.00 16.42 ? 69  ASP A C   1 
ATOM   463  O  O   . ASP A 1 69  ? 13.632  -13.236 -6.910  1.00 13.66 ? 69  ASP A O   1 
ATOM   464  C  CB  . ASP A 1 69  ? 14.610  -13.466 -4.131  1.00 15.60 ? 69  ASP A CB  1 
ATOM   465  C  CG  . ASP A 1 69  ? 13.811  -14.600 -3.508  1.00 14.42 ? 69  ASP A CG  1 
ATOM   466  O  OD1 . ASP A 1 69  ? 13.193  -15.392 -4.249  1.00 12.68 ? 69  ASP A OD1 1 
ATOM   467  O  OD2 . ASP A 1 69  ? 13.798  -14.698 -2.262  1.00 14.06 ? 69  ASP A OD2 1 
ATOM   468  N  N   . ASP A 1 70  ? 14.474  -15.319 -7.153  1.00 15.40 ? 70  ASP A N   1 
ATOM   469  C  CA  . ASP A 1 70  ? 13.672  -15.622 -8.333  1.00 17.43 ? 70  ASP A CA  1 
ATOM   470  C  C   . ASP A 1 70  ? 12.213  -15.927 -8.016  1.00 14.67 ? 70  ASP A C   1 
ATOM   471  O  O   . ASP A 1 70  ? 11.440  -16.193 -8.944  1.00 15.36 ? 70  ASP A O   1 
ATOM   472  C  CB  . ASP A 1 70  ? 14.283  -16.795 -9.105  1.00 14.85 ? 70  ASP A CB  1 
ATOM   473  C  CG  . ASP A 1 70  ? 15.583  -16.427 -9.794  1.00 24.26 ? 70  ASP A CG  1 
ATOM   474  O  OD1 . ASP A 1 70  ? 15.888  -15.220 -9.893  1.00 21.72 ? 70  ASP A OD1 1 
ATOM   475  O  OD2 . ASP A 1 70  ? 16.294  -17.346 -10.250 1.00 24.28 ? 70  ASP A OD2 1 
ATOM   476  N  N   . ARG A 1 71  ? 11.811  -15.903 -6.745  1.00 8.86  ? 71  ARG A N   1 
ATOM   477  C  CA  . ARG A 1 71  ? 10.415  -16.132 -6.397  1.00 10.53 ? 71  ARG A CA  1 
ATOM   478  C  C   . ARG A 1 71  ? 9.542   -14.907 -6.626  1.00 19.36 ? 71  ARG A C   1 
ATOM   479  O  O   . ARG A 1 71  ? 8.315   -15.011 -6.525  1.00 14.63 ? 71  ARG A O   1 
ATOM   480  C  CB  . ARG A 1 71  ? 10.301  -16.575 -4.936  1.00 18.31 ? 71  ARG A CB  1 
ATOM   481  C  CG  . ARG A 1 71  ? 11.112  -17.816 -4.602  1.00 15.62 ? 71  ARG A CG  1 
ATOM   482  C  CD  . ARG A 1 71  ? 11.083  -18.106 -3.111  1.00 11.95 ? 71  ARG A CD  1 
ATOM   483  N  NE  . ARG A 1 71  ? 11.718  -17.048 -2.334  1.00 16.04 ? 71  ARG A NE  1 
ATOM   484  C  CZ  . ARG A 1 71  ? 11.495  -16.831 -1.045  1.00 14.18 ? 71  ARG A CZ  1 
ATOM   485  N  NH1 . ARG A 1 71  ? 10.659  -17.586 -0.350  1.00 17.79 ? 71  ARG A NH1 1 
ATOM   486  N  NH2 . ARG A 1 71  ? 12.127  -15.832 -0.437  1.00 18.79 ? 71  ARG A NH2 1 
ATOM   487  N  N   . VAL A 1 72  ? 10.143  -13.755 -6.929  1.00 16.73 ? 72  VAL A N   1 
ATOM   488  C  CA  . VAL A 1 72  ? 9.420   -12.514 -7.157  1.00 18.26 ? 72  VAL A CA  1 
ATOM   489  C  C   . VAL A 1 72  ? 9.912   -11.895 -8.460  1.00 14.76 ? 72  VAL A C   1 
ATOM   490  O  O   . VAL A 1 72  ? 10.909  -12.321 -9.044  1.00 15.64 ? 72  VAL A O   1 
ATOM   491  C  CB  . VAL A 1 72  ? 9.580   -11.518 -5.991  1.00 21.17 ? 72  VAL A CB  1 
ATOM   492  C  CG1 . VAL A 1 72  ? 9.012   -12.106 -4.713  1.00 13.86 ? 72  VAL A CG1 1 
ATOM   493  C  CG2 . VAL A 1 72  ? 11.047  -11.166 -5.804  1.00 17.41 ? 72  VAL A CG2 1 
ATOM   494  N  N   . THR A 1 73  ? 9.192   -10.870 -8.907  1.00 11.19 ? 73  THR A N   1 
ATOM   495  C  CA  . THR A 1 73  ? 9.478   -10.187 -10.162 1.00 13.49 ? 73  THR A CA  1 
ATOM   496  C  C   . THR A 1 73  ? 10.191  -8.873  -9.862  1.00 13.42 ? 73  THR A C   1 
ATOM   497  O  O   . THR A 1 73  ? 9.634   -8.003  -9.184  1.00 11.04 ? 73  THR A O   1 
ATOM   498  C  CB  . THR A 1 73  ? 8.188   -9.942  -10.946 1.00 11.63 ? 73  THR A CB  1 
ATOM   499  O  OG1 . THR A 1 73  ? 7.671   -11.194 -11.411 1.00 13.52 ? 73  THR A OG1 1 
ATOM   500  C  CG2 . THR A 1 73  ? 8.445   -9.032  -12.134 1.00 13.13 ? 73  THR A CG2 1 
ATOM   501  N  N   . TRP A 1 74  ? 11.415  -8.734  -10.362 1.00 14.23 ? 74  TRP A N   1 
ATOM   502  C  CA  . TRP A 1 74  ? 12.247  -7.568  -10.092 1.00 12.62 ? 74  TRP A CA  1 
ATOM   503  C  C   . TRP A 1 74  ? 12.172  -6.591  -11.257 1.00 16.59 ? 74  TRP A C   1 
ATOM   504  O  O   . TRP A 1 74  ? 12.333  -6.986  -12.416 1.00 17.42 ? 74  TRP A O   1 
ATOM   505  C  CB  . TRP A 1 74  ? 13.698  -7.985  -9.848  1.00 12.12 ? 74  TRP A CB  1 
ATOM   506  C  CG  . TRP A 1 74  ? 13.894  -8.780  -8.595  1.00 18.48 ? 74  TRP A CG  1 
ATOM   507  C  CD1 . TRP A 1 74  ? 13.840  -10.138 -8.470  1.00 16.20 ? 74  TRP A CD1 1 
ATOM   508  C  CD2 . TRP A 1 74  ? 14.185  -8.268  -7.288  1.00 14.89 ? 74  TRP A CD2 1 
ATOM   509  N  NE1 . TRP A 1 74  ? 14.077  -10.503 -7.167  1.00 15.59 ? 74  TRP A NE1 1 
ATOM   510  C  CE2 . TRP A 1 74  ? 14.294  -9.374  -6.422  1.00 17.40 ? 74  TRP A CE2 1 
ATOM   511  C  CE3 . TRP A 1 74  ? 14.372  -6.984  -6.769  1.00 15.62 ? 74  TRP A CE3 1 
ATOM   512  C  CZ2 . TRP A 1 74  ? 14.574  -9.236  -5.063  1.00 18.08 ? 74  TRP A CZ2 1 
ATOM   513  C  CZ3 . TRP A 1 74  ? 14.650  -6.847  -5.420  1.00 16.82 ? 74  TRP A CZ3 1 
ATOM   514  C  CH2 . TRP A 1 74  ? 14.747  -7.967  -4.583  1.00 22.06 ? 74  TRP A CH2 1 
ATOM   515  N  N   . VAL A 1 75  ? 11.934  -5.314  -10.942 1.00 15.05 ? 75  VAL A N   1 
ATOM   516  C  CA  . VAL A 1 75  ? 11.844  -4.251  -11.936 1.00 14.45 ? 75  VAL A CA  1 
ATOM   517  C  C   . VAL A 1 75  ? 12.619  -3.042  -11.429 1.00 9.68  ? 75  VAL A C   1 
ATOM   518  O  O   . VAL A 1 75  ? 12.814  -2.860  -10.226 1.00 11.68 ? 75  VAL A O   1 
ATOM   519  C  CB  . VAL A 1 75  ? 10.382  -3.856  -12.243 1.00 12.30 ? 75  VAL A CB  1 
ATOM   520  C  CG1 . VAL A 1 75  ? 9.600   -5.053  -12.773 1.00 10.86 ? 75  VAL A CG1 1 
ATOM   521  C  CG2 . VAL A 1 75  ? 9.717   -3.293  -10.998 1.00 13.17 ? 75  VAL A CG2 1 
ATOM   522  N  N   . LYS A 1 76  ? 13.059  -2.201  -12.367 1.00 14.95 ? 76  LYS A N   1 
ATOM   523  C  CA  . LYS A 1 76  ? 13.912  -1.064  -12.035 1.00 17.12 ? 76  LYS A CA  1 
ATOM   524  C  C   . LYS A 1 76  ? 13.282  0.290   -12.349 1.00 15.78 ? 76  LYS A C   1 
ATOM   525  O  O   . LYS A 1 76  ? 13.976  1.311   -12.266 1.00 13.96 ? 76  LYS A O   1 
ATOM   526  C  CB  . LYS A 1 76  ? 15.262  -1.183  -12.751 1.00 15.45 ? 76  LYS A CB  1 
ATOM   527  C  CG  . LYS A 1 76  ? 15.904  -2.555  -12.643 1.00 21.74 ? 76  LYS A CG  1 
ATOM   528  C  CD  . LYS A 1 76  ? 17.363  -2.515  -13.074 1.00 22.45 ? 76  LYS A CD  1 
ATOM   529  C  CE  . LYS A 1 76  ? 17.842  -3.884  -13.533 1.00 26.27 ? 76  LYS A CE  1 
ATOM   530  N  NZ  . LYS A 1 76  ? 19.327  -3.975  -13.548 1.00 31.70 ? 76  LYS A NZ  1 
ATOM   531  N  N   . SER A 1 77  ? 12.000  0.336   -12.700 1.00 11.09 ? 77  SER A N   1 
ATOM   532  C  CA  . SER A 1 77  ? 11.336  1.614   -12.917 1.00 13.99 ? 77  SER A CA  1 
ATOM   533  C  C   . SER A 1 77  ? 9.842   1.439   -12.694 1.00 13.75 ? 77  SER A C   1 
ATOM   534  O  O   . SER A 1 77  ? 9.322   0.321   -12.683 1.00 13.66 ? 77  SER A O   1 
ATOM   535  C  CB  . SER A 1 77  ? 11.614  2.168   -14.320 1.00 14.61 ? 77  SER A CB  1 
ATOM   536  O  OG  . SER A 1 77  ? 10.953  1.407   -15.316 1.00 9.83  ? 77  SER A OG  1 
ATOM   537  N  N   . VAL A 1 78  ? 9.157   2.573   -12.514 1.00 15.70 ? 78  VAL A N   1 
ATOM   538  C  CA  . VAL A 1 78  ? 7.712   2.547   -12.301 1.00 12.62 ? 78  VAL A CA  1 
ATOM   539  C  C   . VAL A 1 78  ? 7.004   1.994   -13.532 1.00 13.91 ? 78  VAL A C   1 
ATOM   540  O  O   . VAL A 1 78  ? 6.099   1.157   -13.428 1.00 17.65 ? 78  VAL A O   1 
ATOM   541  C  CB  . VAL A 1 78  ? 7.197   3.953   -11.941 1.00 15.79 ? 78  VAL A CB  1 
ATOM   542  C  CG1 . VAL A 1 78  ? 5.686   4.030   -12.107 1.00 17.63 ? 78  VAL A CG1 1 
ATOM   543  C  CG2 . VAL A 1 78  ? 7.601   4.312   -10.523 1.00 10.65 ? 78  VAL A CG2 1 
ATOM   544  N  N   . ASP A 1 79  ? 7.409   2.451   -14.719 1.00 17.15 ? 79  ASP A N   1 
ATOM   545  C  CA  . ASP A 1 79  ? 6.755   1.992   -15.940 1.00 16.43 ? 79  ASP A CA  1 
ATOM   546  C  C   . ASP A 1 79  ? 7.006   0.511   -16.196 1.00 12.06 ? 79  ASP A C   1 
ATOM   547  O  O   . ASP A 1 79  ? 6.140   -0.174  -16.752 1.00 11.95 ? 79  ASP A O   1 
ATOM   548  C  CB  . ASP A 1 79  ? 7.214   2.831   -17.131 1.00 15.38 ? 79  ASP A CB  1 
ATOM   549  C  CG  . ASP A 1 79  ? 6.721   4.266   -17.055 1.00 27.49 ? 79  ASP A CG  1 
ATOM   550  O  OD1 . ASP A 1 79  ? 5.502   4.467   -16.871 1.00 27.84 ? 79  ASP A OD1 1 
ATOM   551  O  OD2 . ASP A 1 79  ? 7.551   5.191   -17.180 1.00 34.16 ? 79  ASP A OD2 1 
ATOM   552  N  N   . GLU A 1 80  ? 8.173   -0.006  -15.797 1.00 14.43 ? 80  GLU A N   1 
ATOM   553  C  CA  . GLU A 1 80  ? 8.406   -1.439  -15.941 1.00 13.59 ? 80  GLU A CA  1 
ATOM   554  C  C   . GLU A 1 80  ? 7.582   -2.237  -14.939 1.00 13.18 ? 80  GLU A C   1 
ATOM   555  O  O   . GLU A 1 80  ? 7.113   -3.336  -15.258 1.00 16.80 ? 80  GLU A O   1 
ATOM   556  C  CB  . GLU A 1 80  ? 9.894   -1.759  -15.788 1.00 12.42 ? 80  GLU A CB  1 
ATOM   557  C  CG  . GLU A 1 80  ? 10.196  -3.251  -15.853 1.00 12.82 ? 80  GLU A CG  1 
ATOM   558  C  CD  . GLU A 1 80  ? 11.664  -3.576  -15.670 1.00 17.45 ? 80  GLU A CD  1 
ATOM   559  O  OE1 . GLU A 1 80  ? 12.431  -2.678  -15.265 1.00 14.32 ? 80  GLU A OE1 1 
ATOM   560  O  OE2 . GLU A 1 80  ? 12.049  -4.737  -15.925 1.00 16.90 ? 80  GLU A OE2 1 
ATOM   561  N  N   . ALA A 1 81  ? 7.385   -1.698  -13.733 1.00 11.80 ? 81  ALA A N   1 
ATOM   562  C  CA  . ALA A 1 81  ? 6.528   -2.361  -12.754 1.00 9.45  ? 81  ALA A CA  1 
ATOM   563  C  C   . ALA A 1 81  ? 5.091   -2.451  -13.252 1.00 10.88 ? 81  ALA A C   1 
ATOM   564  O  O   . ALA A 1 81  ? 4.433   -3.487  -13.095 1.00 14.61 ? 81  ALA A O   1 
ATOM   565  C  CB  . ALA A 1 81  ? 6.581   -1.617  -11.421 1.00 10.57 ? 81  ALA A CB  1 
ATOM   566  N  N   . ILE A 1 82  ? 4.587   -1.371  -13.854 1.00 13.14 ? 82  ILE A N   1 
ATOM   567  C  CA  . ILE A 1 82  ? 3.220   -1.362  -14.368 1.00 12.63 ? 82  ILE A CA  1 
ATOM   568  C  C   . ILE A 1 82  ? 3.071   -2.362  -15.506 1.00 15.03 ? 82  ILE A C   1 
ATOM   569  O  O   . ILE A 1 82  ? 2.091   -3.116  -15.568 1.00 14.88 ? 82  ILE A O   1 
ATOM   570  C  CB  . ILE A 1 82  ? 2.835   0.061   -14.811 1.00 18.04 ? 82  ILE A CB  1 
ATOM   571  C  CG1 . ILE A 1 82  ? 2.948   1.037   -13.637 1.00 21.56 ? 82  ILE A CG1 1 
ATOM   572  C  CG2 . ILE A 1 82  ? 1.431   0.081   -15.392 1.00 15.40 ? 82  ILE A CG2 1 
ATOM   573  C  CD1 . ILE A 1 82  ? 2.705   2.480   -14.023 1.00 18.88 ? 82  ILE A CD1 1 
ATOM   574  N  N   . ALA A 1 83  ? 4.037   -2.382  -16.426 1.00 12.51 ? 83  ALA A N   1 
ATOM   575  C  CA  . ALA A 1 83  ? 3.986   -3.319  -17.542 1.00 16.51 ? 83  ALA A CA  1 
ATOM   576  C  C   . ALA A 1 83  ? 4.078   -4.763  -17.070 1.00 12.48 ? 83  ALA A C   1 
ATOM   577  O  O   . ALA A 1 83  ? 3.477   -5.652  -17.684 1.00 13.69 ? 83  ALA A O   1 
ATOM   578  C  CB  . ALA A 1 83  ? 5.108   -3.013  -18.534 1.00 13.81 ? 83  ALA A CB  1 
ATOM   579  N  N   . ALA A 1 84  ? 4.815   -5.015  -15.986 1.00 12.44 ? 84  ALA A N   1 
ATOM   580  C  CA  . ALA A 1 84  ? 4.965   -6.379  -15.490 1.00 10.86 ? 84  ALA A CA  1 
ATOM   581  C  C   . ALA A 1 84  ? 3.649   -6.962  -14.997 1.00 15.09 ? 84  ALA A C   1 
ATOM   582  O  O   . ALA A 1 84  ? 3.521   -8.189  -14.913 1.00 17.95 ? 84  ALA A O   1 
ATOM   583  C  CB  . ALA A 1 84  ? 6.007   -6.420  -14.373 1.00 13.31 ? 84  ALA A CB  1 
ATOM   584  N  N   . CYS A 1 85  ? 2.670   -6.117  -14.668 1.00 11.31 ? 85  CYS A N   1 
ATOM   585  C  CA  . CYS A 1 85  ? 1.375   -6.596  -14.204 1.00 15.15 ? 85  CYS A CA  1 
ATOM   586  C  C   . CYS A 1 85  ? 0.473   -7.061  -15.339 1.00 22.05 ? 85  CYS A C   1 
ATOM   587  O  O   . CYS A 1 85  ? -0.445  -7.851  -15.097 1.00 18.97 ? 85  CYS A O   1 
ATOM   588  C  CB  . CYS A 1 85  ? 0.660   -5.501  -13.411 1.00 11.01 ? 85  CYS A CB  1 
ATOM   589  S  SG  . CYS A 1 85  ? 1.566   -4.920  -11.963 1.00 16.55 ? 85  CYS A SG  1 
ATOM   590  N  N   . GLY A 1 86  ? 0.707   -6.591  -16.563 1.00 15.09 ? 86  GLY A N   1 
ATOM   591  C  CA  . GLY A 1 86  ? -0.181  -6.947  -17.648 1.00 20.60 ? 86  GLY A CA  1 
ATOM   592  C  C   . GLY A 1 86  ? -1.527  -6.247  -17.514 1.00 24.02 ? 86  GLY A C   1 
ATOM   593  O  O   . GLY A 1 86  ? -1.690  -5.272  -16.776 1.00 20.81 ? 86  GLY A O   1 
ATOM   594  N  N   . ASP A 1 87  ? -2.505  -6.770  -18.248 1.00 17.09 ? 87  ASP A N   1 
ATOM   595  C  CA  . ASP A 1 87  ? -3.864  -6.232  -18.222 1.00 23.40 ? 87  ASP A CA  1 
ATOM   596  C  C   . ASP A 1 87  ? -4.604  -6.893  -17.065 1.00 20.92 ? 87  ASP A C   1 
ATOM   597  O  O   . ASP A 1 87  ? -5.130  -8.001  -17.198 1.00 17.04 ? 87  ASP A O   1 
ATOM   598  C  CB  . ASP A 1 87  ? -4.567  -6.469  -19.555 1.00 31.97 ? 87  ASP A CB  1 
ATOM   599  C  CG  . ASP A 1 87  ? -5.852  -5.665  -19.695 1.00 37.53 ? 87  ASP A CG  1 
ATOM   600  O  OD1 . ASP A 1 87  ? -6.462  -5.306  -18.666 1.00 35.05 ? 87  ASP A OD1 1 
ATOM   601  O  OD2 . ASP A 1 87  ? -6.257  -5.392  -20.846 1.00 52.07 ? 87  ASP A OD2 1 
ATOM   602  N  N   . VAL A 1 88  ? -4.640  -6.211  -15.925 1.00 17.76 ? 88  VAL A N   1 
ATOM   603  C  CA  . VAL A 1 88  ? -5.338  -6.701  -14.739 1.00 15.16 ? 88  VAL A CA  1 
ATOM   604  C  C   . VAL A 1 88  ? -6.303  -5.618  -14.270 1.00 18.01 ? 88  VAL A C   1 
ATOM   605  O  O   . VAL A 1 88  ? -6.084  -4.431  -14.556 1.00 14.81 ? 88  VAL A O   1 
ATOM   606  C  CB  . VAL A 1 88  ? -4.351  -7.099  -13.630 1.00 12.77 ? 88  VAL A CB  1 
ATOM   607  C  CG1 . VAL A 1 88  ? -3.608  -8.369  -14.013 1.00 15.22 ? 88  VAL A CG1 1 
ATOM   608  C  CG2 . VAL A 1 88  ? -3.372  -5.966  -13.356 1.00 16.62 ? 88  VAL A CG2 1 
ATOM   609  N  N   . PRO A 1 89  ? -7.385  -5.971  -13.572 1.00 17.51 ? 89  PRO A N   1 
ATOM   610  C  CA  . PRO A 1 89  ? -8.345  -4.936  -13.150 1.00 14.19 ? 89  PRO A CA  1 
ATOM   611  C  C   . PRO A 1 89  ? -7.768  -3.916  -12.184 1.00 16.86 ? 89  PRO A C   1 
ATOM   612  O  O   . PRO A 1 89  ? -8.167  -2.745  -12.233 1.00 20.40 ? 89  PRO A O   1 
ATOM   613  C  CB  . PRO A 1 89  ? -9.477  -5.745  -12.499 1.00 25.32 ? 89  PRO A CB  1 
ATOM   614  C  CG  . PRO A 1 89  ? -9.341  -7.125  -13.038 1.00 25.74 ? 89  PRO A CG  1 
ATOM   615  C  CD  . PRO A 1 89  ? -7.894  -7.337  -13.358 1.00 19.28 ? 89  PRO A CD  1 
ATOM   616  N  N   . GLU A 1 90  ? -6.841  -4.308  -11.313 1.00 12.60 ? 90  GLU A N   1 
ATOM   617  C  CA  . GLU A 1 90  ? -6.354  -3.388  -10.295 1.00 16.19 ? 90  GLU A CA  1 
ATOM   618  C  C   . GLU A 1 90  ? -4.963  -3.804  -9.838  1.00 12.90 ? 90  GLU A C   1 
ATOM   619  O  O   . GLU A 1 90  ? -4.700  -4.990  -9.627  1.00 10.71 ? 90  GLU A O   1 
ATOM   620  C  CB  . GLU A 1 90  ? -7.311  -3.335  -9.098  1.00 14.99 ? 90  GLU A CB  1 
ATOM   621  C  CG  . GLU A 1 90  ? -7.076  -2.156  -8.171  1.00 10.97 ? 90  GLU A CG  1 
ATOM   622  C  CD  . GLU A 1 90  ? -7.957  -2.200  -6.941  1.00 18.35 ? 90  GLU A CD  1 
ATOM   623  O  OE1 . GLU A 1 90  ? -8.737  -3.165  -6.803  1.00 16.30 ? 90  GLU A OE1 1 
ATOM   624  O  OE2 . GLU A 1 90  ? -7.877  -1.262  -6.119  1.00 13.18 ? 90  GLU A OE2 1 
ATOM   625  N  N   . ILE A 1 91  ? -4.085  -2.814  -9.680  1.00 18.44 ? 91  ILE A N   1 
ATOM   626  C  CA  . ILE A 1 91  ? -2.717  -3.012  -9.213  1.00 16.45 ? 91  ILE A CA  1 
ATOM   627  C  C   . ILE A 1 91  ? -2.585  -2.352  -7.846  1.00 10.52 ? 91  ILE A C   1 
ATOM   628  O  O   . ILE A 1 91  ? -2.998  -1.200  -7.667  1.00 13.08 ? 91  ILE A O   1 
ATOM   629  C  CB  . ILE A 1 91  ? -1.697  -2.426  -10.205 1.00 14.36 ? 91  ILE A CB  1 
ATOM   630  C  CG1 . ILE A 1 91  ? -1.756  -3.163  -11.545 1.00 19.19 ? 91  ILE A CG1 1 
ATOM   631  C  CG2 . ILE A 1 91  ? -0.293  -2.491  -9.631  1.00 12.73 ? 91  ILE A CG2 1 
ATOM   632  C  CD1 . ILE A 1 91  ? -1.179  -2.372  -12.701 1.00 13.32 ? 91  ILE A CD1 1 
ATOM   633  N  N   . MET A 1 92  ? -2.016  -3.079  -6.886  1.00 16.09 ? 92  MET A N   1 
ATOM   634  C  CA  . MET A 1 92  ? -1.846  -2.597  -5.521  1.00 9.73  ? 92  MET A CA  1 
ATOM   635  C  C   . MET A 1 92  ? -0.383  -2.272  -5.252  1.00 11.78 ? 92  MET A C   1 
ATOM   636  O  O   . MET A 1 92  ? 0.493   -3.121  -5.447  1.00 12.58 ? 92  MET A O   1 
ATOM   637  C  CB  . MET A 1 92  ? -2.343  -3.627  -4.502  1.00 14.13 ? 92  MET A CB  1 
ATOM   638  C  CG  . MET A 1 92  ? -3.726  -4.192  -4.779  1.00 11.37 ? 92  MET A CG  1 
ATOM   639  S  SD  . MET A 1 92  ? -4.986  -2.906  -4.887  1.00 13.42 ? 92  MET A SD  1 
ATOM   640  C  CE  . MET A 1 92  ? -5.056  -2.360  -3.183  1.00 12.24 ? 92  MET A CE  1 
ATOM   641  N  N   . VAL A 1 93  ? -0.126  -1.052  -4.793  1.00 9.71  ? 93  VAL A N   1 
ATOM   642  C  CA  . VAL A 1 93  ? 1.192   -0.637  -4.327  1.00 10.89 ? 93  VAL A CA  1 
ATOM   643  C  C   . VAL A 1 93  ? 1.148   -0.612  -2.805  1.00 10.11 ? 93  VAL A C   1 
ATOM   644  O  O   . VAL A 1 93  ? 0.286   0.050   -2.215  1.00 12.26 ? 93  VAL A O   1 
ATOM   645  C  CB  . VAL A 1 93  ? 1.582   0.735   -4.897  1.00 11.19 ? 93  VAL A CB  1 
ATOM   646  C  CG1 . VAL A 1 93  ? 3.009   1.089   -4.508  1.00 11.14 ? 93  VAL A CG1 1 
ATOM   647  C  CG2 . VAL A 1 93  ? 1.403   0.751   -6.413  1.00 8.52  ? 93  VAL A CG2 1 
ATOM   648  N  N   . ILE A 1 94  ? 2.063   -1.337  -2.159  1.00 9.65  ? 94  ILE A N   1 
ATOM   649  C  CA  . ILE A 1 94  ? 1.998   -1.538  -0.716  1.00 10.53 ? 94  ILE A CA  1 
ATOM   650  C  C   . ILE A 1 94  ? 3.158   -0.873  0.016   1.00 15.02 ? 94  ILE A C   1 
ATOM   651  O  O   . ILE A 1 94  ? 3.319   -1.080  1.224   1.00 12.11 ? 94  ILE A O   1 
ATOM   652  C  CB  . ILE A 1 94  ? 1.918   -3.031  -0.358  1.00 15.65 ? 94  ILE A CB  1 
ATOM   653  C  CG1 . ILE A 1 94  ? 3.250   -3.726  -0.645  1.00 9.55  ? 94  ILE A CG1 1 
ATOM   654  C  CG2 . ILE A 1 94  ? 0.797   -3.702  -1.134  1.00 11.90 ? 94  ILE A CG2 1 
ATOM   655  C  CD1 . ILE A 1 94  ? 3.213   -5.213  -0.386  1.00 14.59 ? 94  ILE A CD1 1 
ATOM   656  N  N   . GLY A 1 95  ? 3.971   -0.083  -0.672  1.00 12.51 ? 95  GLY A N   1 
ATOM   657  C  CA  . GLY A 1 95  ? 5.007   0.696   -0.021  1.00 13.27 ? 95  GLY A CA  1 
ATOM   658  C  C   . GLY A 1 95  ? 6.404   0.253   -0.425  1.00 15.44 ? 95  GLY A C   1 
ATOM   659  O  O   . GLY A 1 95  ? 6.594   -0.625  -1.266  1.00 15.92 ? 95  GLY A O   1 
ATOM   660  N  N   . GLY A 1 96  ? 7.394   0.879   0.210   1.00 16.26 ? 96  GLY A N   1 
ATOM   661  C  CA  . GLY A 1 96  ? 7.166   1.845   1.270   1.00 16.17 ? 96  GLY A CA  1 
ATOM   662  C  C   . GLY A 1 96  ? 6.955   3.285   0.835   1.00 14.41 ? 96  GLY A C   1 
ATOM   663  O  O   . GLY A 1 96  ? 6.365   3.547   -0.214  1.00 14.18 ? 96  GLY A O   1 
ATOM   664  N  N   . GLY A 1 97  ? 7.450   4.219   1.650   1.00 15.55 ? 97  GLY A N   1 
ATOM   665  C  CA  . GLY A 1 97  ? 7.119   5.622   1.444   1.00 13.11 ? 97  GLY A CA  1 
ATOM   666  C  C   . GLY A 1 97  ? 7.610   6.164   0.115   1.00 12.56 ? 97  GLY A C   1 
ATOM   667  O  O   . GLY A 1 97  ? 6.863   6.818   -0.617  1.00 11.93 ? 97  GLY A O   1 
ATOM   668  N  N   . ARG A 1 98  ? 8.876   5.903   -0.214  1.00 11.15 ? 98  ARG A N   1 
ATOM   669  C  CA  . ARG A 1 98  ? 9.428   6.429   -1.458  1.00 10.68 ? 98  ARG A CA  1 
ATOM   670  C  C   . ARG A 1 98  ? 8.810   5.754   -2.676  1.00 16.89 ? 98  ARG A C   1 
ATOM   671  O  O   . ARG A 1 98  ? 8.716   6.371   -3.744  1.00 16.52 ? 98  ARG A O   1 
ATOM   672  C  CB  . ARG A 1 98  ? 10.948  6.274   -1.464  1.00 15.12 ? 98  ARG A CB  1 
ATOM   673  C  CG  . ARG A 1 98  ? 11.651  7.195   -0.475  1.00 23.25 ? 98  ARG A CG  1 
ATOM   674  C  CD  . ARG A 1 98  ? 13.137  7.305   -0.767  1.00 24.48 ? 98  ARG A CD  1 
ATOM   675  N  NE  . ARG A 1 98  ? 13.389  8.041   -1.999  1.00 21.14 ? 98  ARG A NE  1 
ATOM   676  C  CZ  . ARG A 1 98  ? 13.375  9.362   -2.102  1.00 17.21 ? 98  ARG A CZ  1 
ATOM   677  N  NH1 . ARG A 1 98  ? 13.112  10.134  -1.059  1.00 25.94 ? 98  ARG A NH1 1 
ATOM   678  N  NH2 . ARG A 1 98  ? 13.625  9.925   -3.280  1.00 16.67 ? 98  ARG A NH2 1 
ATOM   679  N  N   . VAL A 1 99  ? 8.382   4.498   -2.539  1.00 18.37 ? 99  VAL A N   1 
ATOM   680  C  CA  . VAL A 1 99  ? 7.660   3.844   -3.625  1.00 9.49  ? 99  VAL A CA  1 
ATOM   681  C  C   . VAL A 1 99  ? 6.259   4.432   -3.756  1.00 12.04 ? 99  VAL A C   1 
ATOM   682  O  O   . VAL A 1 99  ? 5.767   4.657   -4.868  1.00 12.54 ? 99  VAL A O   1 
ATOM   683  C  CB  . VAL A 1 99  ? 7.625   2.322   -3.399  1.00 17.84 ? 99  VAL A CB  1 
ATOM   684  C  CG1 . VAL A 1 99  ? 6.597   1.664   -4.309  1.00 16.00 ? 99  VAL A CG1 1 
ATOM   685  C  CG2 . VAL A 1 99  ? 9.002   1.725   -3.622  1.00 14.51 ? 99  VAL A CG2 1 
ATOM   686  N  N   . PHE A 1 100 ? 5.601   4.697   -2.623  1.00 11.20 ? 100 PHE A N   1 
ATOM   687  C  CA  . PHE A 1 100 ? 4.302   5.364   -2.654  1.00 8.53  ? 100 PHE A CA  1 
ATOM   688  C  C   . PHE A 1 100 ? 4.384   6.696   -3.389  1.00 13.52 ? 100 PHE A C   1 
ATOM   689  O  O   . PHE A 1 100 ? 3.483   7.047   -4.160  1.00 9.43  ? 100 PHE A O   1 
ATOM   690  C  CB  . PHE A 1 100 ? 3.787   5.593   -1.232  1.00 12.65 ? 100 PHE A CB  1 
ATOM   691  C  CG  . PHE A 1 100 ? 3.171   4.384   -0.590  1.00 11.51 ? 100 PHE A CG  1 
ATOM   692  C  CD1 . PHE A 1 100 ? 2.315   3.562   -1.298  1.00 9.93  ? 100 PHE A CD1 1 
ATOM   693  C  CD2 . PHE A 1 100 ? 3.404   4.105   0.749   1.00 18.50 ? 100 PHE A CD2 1 
ATOM   694  C  CE1 . PHE A 1 100 ? 1.734   2.461   -0.697  1.00 13.75 ? 100 PHE A CE1 1 
ATOM   695  C  CE2 . PHE A 1 100 ? 2.824   3.011   1.357   1.00 11.01 ? 100 PHE A CE2 1 
ATOM   696  C  CZ  . PHE A 1 100 ? 1.986   2.187   0.633   1.00 13.14 ? 100 PHE A CZ  1 
ATOM   697  N  N   . GLU A 1 101 ? 5.457   7.456   -3.154  1.00 10.93 ? 101 GLU A N   1 
ATOM   698  C  CA  . GLU A 1 101 ? 5.600   8.759   -3.793  1.00 13.44 ? 101 GLU A CA  1 
ATOM   699  C  C   . GLU A 1 101 ? 5.690   8.628   -5.310  1.00 9.66  ? 101 GLU A C   1 
ATOM   700  O  O   . GLU A 1 101 ? 5.157   9.468   -6.045  1.00 15.54 ? 101 GLU A O   1 
ATOM   701  C  CB  . GLU A 1 101 ? 6.832   9.478   -3.242  1.00 15.11 ? 101 GLU A CB  1 
ATOM   702  C  CG  . GLU A 1 101 ? 7.095   10.836  -3.872  1.00 13.02 ? 101 GLU A CG  1 
ATOM   703  C  CD  . GLU A 1 101 ? 8.305   11.534  -3.278  1.00 22.65 ? 101 GLU A CD  1 
ATOM   704  O  OE1 . GLU A 1 101 ? 8.301   12.782  -3.222  1.00 19.75 ? 101 GLU A OE1 1 
ATOM   705  O  OE2 . GLU A 1 101 ? 9.260   10.837  -2.874  1.00 19.09 ? 101 GLU A OE2 1 
ATOM   706  N  N   . GLN A 1 102 ? 6.349   7.575   -5.799  1.00 11.68 ? 102 GLN A N   1 
ATOM   707  C  CA  . GLN A 1 102 ? 6.518   7.426   -7.240  1.00 10.79 ? 102 GLN A CA  1 
ATOM   708  C  C   . GLN A 1 102 ? 5.223   7.007   -7.927  1.00 12.90 ? 102 GLN A C   1 
ATOM   709  O  O   . GLN A 1 102 ? 4.986   7.390   -9.079  1.00 13.98 ? 102 GLN A O   1 
ATOM   710  C  CB  . GLN A 1 102 ? 7.625   6.418   -7.550  1.00 13.90 ? 102 GLN A CB  1 
ATOM   711  C  CG  . GLN A 1 102 ? 8.996   6.789   -7.011  1.00 15.00 ? 102 GLN A CG  1 
ATOM   712  C  CD  . GLN A 1 102 ? 9.929   5.594   -6.924  1.00 17.92 ? 102 GLN A CD  1 
ATOM   713  O  OE1 . GLN A 1 102 ? 10.139  5.029   -5.850  1.00 22.78 ? 102 GLN A OE1 1 
ATOM   714  N  NE2 . GLN A 1 102 ? 10.496  5.206   -8.060  1.00 23.65 ? 102 GLN A NE2 1 
ATOM   715  N  N   . PHE A 1 103 ? 4.381   6.226   -7.253  1.00 12.07 ? 103 PHE A N   1 
ATOM   716  C  CA  . PHE A 1 103 ? 3.146   5.744   -7.855  1.00 11.55 ? 103 PHE A CA  1 
ATOM   717  C  C   . PHE A 1 103 ? 1.946   6.638   -7.567  1.00 13.61 ? 103 PHE A C   1 
ATOM   718  O  O   . PHE A 1 103 ? 0.900   6.462   -8.201  1.00 16.58 ? 103 PHE A O   1 
ATOM   719  C  CB  . PHE A 1 103 ? 2.841   4.318   -7.382  1.00 11.77 ? 103 PHE A CB  1 
ATOM   720  C  CG  . PHE A 1 103 ? 3.674   3.265   -8.057  1.00 7.83  ? 103 PHE A CG  1 
ATOM   721  C  CD1 . PHE A 1 103 ? 4.907   2.899   -7.541  1.00 11.41 ? 103 PHE A CD1 1 
ATOM   722  C  CD2 . PHE A 1 103 ? 3.230   2.653   -9.218  1.00 9.80  ? 103 PHE A CD2 1 
ATOM   723  C  CE1 . PHE A 1 103 ? 5.676   1.932   -8.163  1.00 11.90 ? 103 PHE A CE1 1 
ATOM   724  C  CE2 . PHE A 1 103 ? 3.994   1.686   -9.847  1.00 8.88  ? 103 PHE A CE2 1 
ATOM   725  C  CZ  . PHE A 1 103 ? 5.219   1.326   -9.318  1.00 11.59 ? 103 PHE A CZ  1 
ATOM   726  N  N   . LEU A 1 104 ? 2.070   7.583   -6.634  1.00 12.83 ? 104 LEU A N   1 
ATOM   727  C  CA  . LEU A 1 104 ? 0.965   8.494   -6.334  1.00 11.99 ? 104 LEU A CA  1 
ATOM   728  C  C   . LEU A 1 104 ? 0.450   9.252   -7.555  1.00 13.22 ? 104 LEU A C   1 
ATOM   729  O  O   . LEU A 1 104 ? -0.779  9.313   -7.734  1.00 13.59 ? 104 LEU A O   1 
ATOM   730  C  CB  . LEU A 1 104 ? 1.386   9.460   -5.221  1.00 8.10  ? 104 LEU A CB  1 
ATOM   731  C  CG  . LEU A 1 104 ? 0.280   10.367  -4.675  1.00 21.02 ? 104 LEU A CG  1 
ATOM   732  C  CD1 . LEU A 1 104 ? -0.969  9.561   -4.345  1.00 11.85 ? 104 LEU A CD1 1 
ATOM   733  C  CD2 . LEU A 1 104 ? 0.757   11.151  -3.462  1.00 15.48 ? 104 LEU A CD2 1 
ATOM   734  N  N   . PRO A 1 105 ? 1.290   9.852   -8.412  1.00 18.25 ? 105 PRO A N   1 
ATOM   735  C  CA  . PRO A 1 105 ? 0.726   10.610  -9.547  1.00 16.07 ? 105 PRO A CA  1 
ATOM   736  C  C   . PRO A 1 105 ? -0.087  9.759   -10.509 1.00 22.36 ? 105 PRO A C   1 
ATOM   737  O  O   . PRO A 1 105 ? -1.004  10.282  -11.156 1.00 20.92 ? 105 PRO A O   1 
ATOM   738  C  CB  . PRO A 1 105 ? 1.956   11.212  -10.243 1.00 18.26 ? 105 PRO A CB  1 
ATOM   739  C  CG  . PRO A 1 105 ? 3.126   10.897  -9.416  1.00 22.84 ? 105 PRO A CG  1 
ATOM   740  C  CD  . PRO A 1 105 ? 2.762   9.932   -8.350  1.00 16.50 ? 105 PRO A CD  1 
ATOM   741  N  N   . LYS A 1 106 ? 0.213   8.468   -10.628 1.00 18.14 ? 106 LYS A N   1 
ATOM   742  C  CA  . LYS A 1 106 ? -0.536  7.581   -11.510 1.00 18.71 ? 106 LYS A CA  1 
ATOM   743  C  C   . LYS A 1 106 ? -1.656  6.836   -10.795 1.00 19.50 ? 106 LYS A C   1 
ATOM   744  O  O   . LYS A 1 106 ? -2.413  6.114   -11.450 1.00 20.30 ? 106 LYS A O   1 
ATOM   745  C  CB  . LYS A 1 106 ? 0.406   6.567   -12.167 1.00 19.24 ? 106 LYS A CB  1 
ATOM   746  C  CG  . LYS A 1 106 ? 1.708   7.162   -12.670 1.00 27.36 ? 106 LYS A CG  1 
ATOM   747  C  CD  . LYS A 1 106 ? 2.443   6.181   -13.565 1.00 24.14 ? 106 LYS A CD  1 
ATOM   748  C  CE  . LYS A 1 106 ? 2.978   6.867   -14.810 1.00 34.99 ? 106 LYS A CE  1 
ATOM   749  N  NZ  . LYS A 1 106 ? 4.296   7.512   -14.557 1.00 40.35 ? 106 LYS A NZ  1 
ATOM   750  N  N   . ALA A 1 107 ? -1.781  6.992   -9.481  1.00 14.54 ? 107 ALA A N   1 
ATOM   751  C  CA  . ALA A 1 107 ? -2.776  6.250   -8.722  1.00 13.89 ? 107 ALA A CA  1 
ATOM   752  C  C   . ALA A 1 107 ? -4.162  6.850   -8.910  1.00 17.61 ? 107 ALA A C   1 
ATOM   753  O  O   . ALA A 1 107 ? -4.325  8.071   -8.990  1.00 13.84 ? 107 ALA A O   1 
ATOM   754  C  CB  . ALA A 1 107 ? -2.413  6.235   -7.236  1.00 14.19 ? 107 ALA A CB  1 
ATOM   755  N  N   . GLN A 1 108 ? -5.167  5.976   -8.989  1.00 15.46 ? 108 GLN A N   1 
ATOM   756  C  CA  . GLN A 1 108 ? -6.559  6.392   -9.041  1.00 15.03 ? 108 GLN A CA  1 
ATOM   757  C  C   . GLN A 1 108 ? -7.338  6.026   -7.787  1.00 15.09 ? 108 GLN A C   1 
ATOM   758  O  O   . GLN A 1 108 ? -8.455  6.523   -7.607  1.00 14.36 ? 108 GLN A O   1 
ATOM   759  C  CB  . GLN A 1 108 ? -7.257  5.780   -10.267 1.00 20.57 ? 108 GLN A CB  1 
ATOM   760  C  CG  . GLN A 1 108 ? -6.933  6.474   -11.579 1.00 26.89 ? 108 GLN A CG  1 
ATOM   761  C  CD  . GLN A 1 108 ? -7.755  7.729   -11.797 1.00 26.28 ? 108 GLN A CD  1 
ATOM   762  O  OE1 . GLN A 1 108 ? -8.975  7.731   -11.614 1.00 31.43 ? 108 GLN A OE1 1 
ATOM   763  N  NE2 . GLN A 1 108 ? -7.091  8.807   -12.195 1.00 23.79 ? 108 GLN A NE2 1 
ATOM   764  N  N   . LYS A 1 109 ? -6.782  5.178   -6.922  1.00 13.32 ? 109 LYS A N   1 
ATOM   765  C  CA  A LYS A 1 109 ? -7.439  4.781   -5.686  0.45 15.45 ? 109 LYS A CA  1 
ATOM   766  C  CA  B LYS A 1 109 ? -7.437  4.779   -5.686  0.55 15.41 ? 109 LYS A CA  1 
ATOM   767  C  C   . LYS A 1 109 ? -6.435  4.801   -4.544  1.00 16.38 ? 109 LYS A C   1 
ATOM   768  O  O   . LYS A 1 109 ? -5.250  4.514   -4.731  1.00 14.73 ? 109 LYS A O   1 
ATOM   769  C  CB  A LYS A 1 109 ? -8.063  3.382   -5.790  0.45 17.23 ? 109 LYS A CB  1 
ATOM   770  C  CB  B LYS A 1 109 ? -8.052  3.377   -5.786  0.55 17.21 ? 109 LYS A CB  1 
ATOM   771  C  CG  A LYS A 1 109 ? -9.547  3.364   -6.112  0.45 21.09 ? 109 LYS A CG  1 
ATOM   772  C  CG  B LYS A 1 109 ? -9.537  3.342   -6.086  0.55 21.13 ? 109 LYS A CG  1 
ATOM   773  C  CD  A LYS A 1 109 ? -10.145 1.999   -5.796  0.45 20.52 ? 109 LYS A CD  1 
ATOM   774  C  CD  B LYS A 1 109 ? -10.117 1.994   -5.684  0.55 20.54 ? 109 LYS A CD  1 
ATOM   775  C  CE  A LYS A 1 109 ? -11.176 1.577   -6.830  0.45 22.76 ? 109 LYS A CE  1 
ATOM   776  C  CE  B LYS A 1 109 ? -11.162 1.503   -6.669  0.55 22.73 ? 109 LYS A CE  1 
ATOM   777  N  NZ  A LYS A 1 109 ? -11.816 2.744   -7.496  0.45 21.56 ? 109 LYS A NZ  1 
ATOM   778  N  NZ  B LYS A 1 109 ? -12.036 0.464   -6.055  0.55 23.19 ? 109 LYS A NZ  1 
ATOM   779  N  N   . LEU A 1 110 ? -6.929  5.138   -3.355  1.00 12.94 ? 110 LEU A N   1 
ATOM   780  C  CA  . LEU A 1 110 ? -6.147  5.103   -2.126  1.00 9.88  ? 110 LEU A CA  1 
ATOM   781  C  C   . LEU A 1 110 ? -6.931  4.304   -1.097  1.00 15.12 ? 110 LEU A C   1 
ATOM   782  O  O   . LEU A 1 110 ? -8.079  4.642   -0.796  1.00 13.17 ? 110 LEU A O   1 
ATOM   783  C  CB  . LEU A 1 110 ? -5.859  6.511   -1.596  1.00 14.97 ? 110 LEU A CB  1 
ATOM   784  C  CG  . LEU A 1 110 ? -4.968  7.457   -2.403  1.00 14.89 ? 110 LEU A CG  1 
ATOM   785  C  CD1 . LEU A 1 110 ? -4.777  8.762   -1.643  1.00 18.39 ? 110 LEU A CD1 1 
ATOM   786  C  CD2 . LEU A 1 110 ? -3.625  6.815   -2.705  1.00 15.90 ? 110 LEU A CD2 1 
ATOM   787  N  N   . TYR A 1 111 ? -6.323  3.242   -0.575  1.00 11.69 ? 111 TYR A N   1 
ATOM   788  C  CA  . TYR A 1 111 ? -6.891  2.474   0.532   1.00 11.29 ? 111 TYR A CA  1 
ATOM   789  C  C   . TYR A 1 111 ? -6.106  2.856   1.781   1.00 13.06 ? 111 TYR A C   1 
ATOM   790  O  O   . TYR A 1 111 ? -5.009  2.344   2.017   1.00 13.73 ? 111 TYR A O   1 
ATOM   791  C  CB  . TYR A 1 111 ? -6.819  0.971   0.279   1.00 12.99 ? 111 TYR A CB  1 
ATOM   792  C  CG  . TYR A 1 111 ? -7.585  0.469   -0.929  1.00 11.43 ? 111 TYR A CG  1 
ATOM   793  C  CD1 . TYR A 1 111 ? -7.142  0.733   -2.220  1.00 13.51 ? 111 TYR A CD1 1 
ATOM   794  C  CD2 . TYR A 1 111 ? -8.750  -0.270  -0.777  1.00 13.14 ? 111 TYR A CD2 1 
ATOM   795  C  CE1 . TYR A 1 111 ? -7.835  0.269   -3.322  1.00 18.83 ? 111 TYR A CE1 1 
ATOM   796  C  CE2 . TYR A 1 111 ? -9.451  -0.737  -1.875  1.00 10.59 ? 111 TYR A CE2 1 
ATOM   797  C  CZ  . TYR A 1 111 ? -8.989  -0.464  -3.145  1.00 18.77 ? 111 TYR A CZ  1 
ATOM   798  O  OH  . TYR A 1 111 ? -9.683  -0.926  -4.241  1.00 20.30 ? 111 TYR A OH  1 
ATOM   799  N  N   . LEU A 1 112 ? -6.664  3.757   2.583   1.00 11.68 ? 112 LEU A N   1 
ATOM   800  C  CA  . LEU A 1 112 ? -5.985  4.271   3.765   1.00 15.12 ? 112 LEU A CA  1 
ATOM   801  C  C   . LEU A 1 112 ? -6.680  3.779   5.026   1.00 15.72 ? 112 LEU A C   1 
ATOM   802  O  O   . LEU A 1 112 ? -7.904  3.886   5.149   1.00 15.23 ? 112 LEU A O   1 
ATOM   803  C  CB  . LEU A 1 112 ? -5.939  5.801   3.753   1.00 13.84 ? 112 LEU A CB  1 
ATOM   804  C  CG  . LEU A 1 112 ? -5.306  6.461   2.527   1.00 12.44 ? 112 LEU A CG  1 
ATOM   805  C  CD1 . LEU A 1 112 ? -5.295  7.974   2.685   1.00 16.30 ? 112 LEU A CD1 1 
ATOM   806  C  CD2 . LEU A 1 112 ? -3.900  5.933   2.297   1.00 14.93 ? 112 LEU A CD2 1 
ATOM   807  N  N   . THR A 1 113 ? -5.893  3.244   5.955   1.00 14.96 ? 113 THR A N   1 
ATOM   808  C  CA  . THR A 1 113 ? -6.360  2.869   7.287   1.00 15.06 ? 113 THR A CA  1 
ATOM   809  C  C   . THR A 1 113 ? -5.800  3.899   8.263   1.00 13.99 ? 113 THR A C   1 
ATOM   810  O  O   . THR A 1 113 ? -4.617  3.854   8.613   1.00 12.36 ? 113 THR A O   1 
ATOM   811  C  CB  . THR A 1 113 ? -5.920  1.455   7.659   1.00 15.67 ? 113 THR A CB  1 
ATOM   812  O  OG1 . THR A 1 113 ? -6.462  0.516   6.722   1.00 13.41 ? 113 THR A OG1 1 
ATOM   813  C  CG2 . THR A 1 113 ? -6.397  1.097   9.061   1.00 15.28 ? 113 THR A CG2 1 
ATOM   814  N  N   . HIS A 1 114 ? -6.648  4.833   8.689   1.00 19.00 ? 114 HIS A N   1 
ATOM   815  C  CA  . HIS A 1 114 ? -6.238  5.884   9.616   1.00 16.00 ? 114 HIS A CA  1 
ATOM   816  C  C   . HIS A 1 114 ? -6.264  5.329   11.035  1.00 20.67 ? 114 HIS A C   1 
ATOM   817  O  O   . HIS A 1 114 ? -7.338  5.081   11.591  1.00 17.41 ? 114 HIS A O   1 
ATOM   818  C  CB  . HIS A 1 114 ? -7.152  7.100   9.491   1.00 16.34 ? 114 HIS A CB  1 
ATOM   819  C  CG  . HIS A 1 114 ? -7.327  7.589   8.086   1.00 19.20 ? 114 HIS A CG  1 
ATOM   820  N  ND1 . HIS A 1 114 ? -6.441  8.457   7.484   1.00 18.45 ? 114 HIS A ND1 1 
ATOM   821  C  CD2 . HIS A 1 114 ? -8.294  7.342   7.171   1.00 18.18 ? 114 HIS A CD2 1 
ATOM   822  C  CE1 . HIS A 1 114 ? -6.851  8.718   6.255   1.00 16.65 ? 114 HIS A CE1 1 
ATOM   823  N  NE2 . HIS A 1 114 ? -7.973  8.055   6.040   1.00 21.65 ? 114 HIS A NE2 1 
ATOM   824  N  N   . ILE A 1 115 ? -5.087  5.142   11.624  1.00 15.23 ? 115 ILE A N   1 
ATOM   825  C  CA  . ILE A 1 115 ? -4.951  4.592   12.968  1.00 17.22 ? 115 ILE A CA  1 
ATOM   826  C  C   . ILE A 1 115 ? -4.582  5.731   13.909  1.00 10.27 ? 115 ILE A C   1 
ATOM   827  O  O   . ILE A 1 115 ? -3.556  6.396   13.719  1.00 14.85 ? 115 ILE A O   1 
ATOM   828  C  CB  . ILE A 1 115 ? -3.902  3.471   13.018  1.00 20.28 ? 115 ILE A CB  1 
ATOM   829  C  CG1 . ILE A 1 115 ? -4.266  2.360   12.031  1.00 20.60 ? 115 ILE A CG1 1 
ATOM   830  C  CG2 . ILE A 1 115 ? -3.784  2.913   14.429  1.00 22.62 ? 115 ILE A CG2 1 
ATOM   831  C  CD1 . ILE A 1 115 ? -3.154  1.364   11.794  1.00 22.24 ? 115 ILE A CD1 1 
ATOM   832  N  N   . ASP A 1 116 ? -5.419  5.954   14.924  1.00 16.19 ? 116 ASP A N   1 
ATOM   833  C  CA  . ASP A 1 116 ? -5.176  7.004   15.915  1.00 16.57 ? 116 ASP A CA  1 
ATOM   834  C  C   . ASP A 1 116 ? -4.117  6.522   16.908  1.00 18.15 ? 116 ASP A C   1 
ATOM   835  O  O   . ASP A 1 116 ? -4.392  6.172   18.057  1.00 18.89 ? 116 ASP A O   1 
ATOM   836  C  CB  . ASP A 1 116 ? -6.470  7.386   16.619  1.00 16.14 ? 116 ASP A CB  1 
ATOM   837  C  CG  . ASP A 1 116 ? -6.289  8.539   17.590  1.00 23.56 ? 116 ASP A CG  1 
ATOM   838  O  OD1 . ASP A 1 116 ? -5.384  9.372   17.364  1.00 26.93 ? 116 ASP A OD1 1 
ATOM   839  O  OD2 . ASP A 1 116 ? -7.044  8.609   18.582  1.00 26.71 ? 116 ASP A OD2 1 
ATOM   840  N  N   . ALA A 1 117 ? -2.872  6.510   16.435  1.00 17.81 ? 117 ALA A N   1 
ATOM   841  C  CA  . ALA A 1 117 ? -1.744  6.038   17.224  1.00 13.14 ? 117 ALA A CA  1 
ATOM   842  C  C   . ALA A 1 117 ? -0.517  6.879   16.914  1.00 18.05 ? 117 ALA A C   1 
ATOM   843  O  O   . ALA A 1 117 ? -0.268  7.227   15.758  1.00 18.43 ? 117 ALA A O   1 
ATOM   844  C  CB  . ALA A 1 117 ? -1.439  4.562   16.941  1.00 15.88 ? 117 ALA A CB  1 
ATOM   845  N  N   . GLU A 1 118 ? 0.248   7.201   17.952  1.00 16.45 ? 118 GLU A N   1 
ATOM   846  C  CA  . GLU A 1 118 ? 1.537   7.868   17.801  1.00 18.87 ? 118 GLU A CA  1 
ATOM   847  C  C   . GLU A 1 118 ? 2.632   6.826   17.990  1.00 23.73 ? 118 GLU A C   1 
ATOM   848  O  O   . GLU A 1 118 ? 2.820   6.306   19.095  1.00 20.07 ? 118 GLU A O   1 
ATOM   849  C  CB  . GLU A 1 118 ? 1.692   9.013   18.798  1.00 24.46 ? 118 GLU A CB  1 
ATOM   850  C  CG  . GLU A 1 118 ? 3.058   9.682   18.739  1.00 24.66 ? 118 GLU A CG  1 
ATOM   851  C  CD  . GLU A 1 118 ? 3.114   10.977  19.523  1.00 37.46 ? 118 GLU A CD  1 
ATOM   852  O  OE1 . GLU A 1 118 ? 4.095   11.734  19.355  1.00 48.21 ? 118 GLU A OE1 1 
ATOM   853  O  OE2 . GLU A 1 118 ? 2.180   11.239  20.310  1.00 45.66 ? 118 GLU A OE2 1 
ATOM   854  N  N   . VAL A 1 119 ? 3.343   6.513   16.911  1.00 25.17 ? 119 VAL A N   1 
ATOM   855  C  CA  . VAL A 1 119 ? 4.438   5.555   16.952  1.00 33.22 ? 119 VAL A CA  1 
ATOM   856  C  C   . VAL A 1 119 ? 5.693   6.226   16.413  1.00 37.75 ? 119 VAL A C   1 
ATOM   857  O  O   . VAL A 1 119 ? 5.627   7.192   15.645  1.00 36.54 ? 119 VAL A O   1 
ATOM   858  C  CB  . VAL A 1 119 ? 4.117   4.267   16.157  1.00 39.65 ? 119 VAL A CB  1 
ATOM   859  C  CG1 . VAL A 1 119 ? 2.670   3.845   16.378  1.00 32.85 ? 119 VAL A CG1 1 
ATOM   860  C  CG2 . VAL A 1 119 ? 4.397   4.458   14.675  1.00 31.50 ? 119 VAL A CG2 1 
ATOM   861  N  N   . GLU A 1 120 ? 6.847   5.718   16.841  1.00 36.70 ? 120 GLU A N   1 
ATOM   862  C  CA  . GLU A 1 120 ? 8.126   6.215   16.353  1.00 42.78 ? 120 GLU A CA  1 
ATOM   863  C  C   . GLU A 1 120 ? 8.385   5.644   14.965  1.00 35.78 ? 120 GLU A C   1 
ATOM   864  O  O   . GLU A 1 120 ? 8.462   4.422   14.795  1.00 35.53 ? 120 GLU A O   1 
ATOM   865  C  CB  . GLU A 1 120 ? 9.250   5.838   17.315  1.00 38.70 ? 120 GLU A CB  1 
ATOM   866  N  N   . GLY A 1 121 ? 8.511   6.517   13.979  1.00 34.76 ? 121 GLY A N   1 
ATOM   867  C  CA  . GLY A 1 121 ? 8.707   6.076   12.610  1.00 33.43 ? 121 GLY A CA  1 
ATOM   868  C  C   . GLY A 1 121 ? 9.540   7.065   11.832  1.00 33.15 ? 121 GLY A C   1 
ATOM   869  O  O   . GLY A 1 121 ? 9.532   8.269   12.108  1.00 32.66 ? 121 GLY A O   1 
ATOM   870  N  N   . ASP A 1 122 ? 10.067  6.436   10.738  1.00 34.07 ? 122 ASP A N   1 
ATOM   871  C  CA  . ASP A 1 122 ? 10.863  7.326   9.915   1.00 32.28 ? 122 ASP A CA  1 
ATOM   872  C  C   . ASP A 1 122 ? 10.248  7.726   8.625   1.00 29.67 ? 122 ASP A C   1 
ATOM   873  O  O   . ASP A 1 122 ? 10.483  8.775   8.155   1.00 32.74 ? 122 ASP A O   1 
ATOM   874  C  CB  . ASP A 1 122 ? 12.181  6.670   9.604   1.00 32.54 ? 122 ASP A CB  1 
ATOM   875  C  CG  . ASP A 1 122 ? 12.586  5.788   10.667  1.00 35.68 ? 122 ASP A CG  1 
ATOM   876  O  OD1 . ASP A 1 122 ? 13.165  6.331   11.606  1.00 35.63 ? 122 ASP A OD1 1 
ATOM   877  O  OD2 . ASP A 1 122 ? 12.389  4.587   10.574  1.00 38.73 ? 122 ASP A OD2 1 
ATOM   878  N  N   . THR A 1 123 ? 9.572   6.778   8.167   1.00 28.14 ? 123 THR A N   1 
ATOM   879  C  CA  . THR A 1 123 ? 8.940   6.908   6.865   1.00 24.74 ? 123 THR A CA  1 
ATOM   880  C  C   . THR A 1 123 ? 7.477   7.303   7.019   1.00 20.00 ? 123 THR A C   1 
ATOM   881  O  O   . THR A 1 123 ? 6.801   6.897   7.969   1.00 18.20 ? 123 THR A O   1 
ATOM   882  C  CB  . THR A 1 123 ? 9.043   5.602   6.073   1.00 27.73 ? 123 THR A CB  1 
ATOM   883  O  OG1 . THR A 1 123 ? 8.130   4.640   6.615   1.00 32.97 ? 123 THR A OG1 1 
ATOM   884  C  CG2 . THR A 1 123 ? 10.458  5.049   6.145   1.00 24.07 ? 123 THR A CG2 1 
ATOM   885  N  N   . HIS A 1 124 ? 6.995   8.099   6.067   1.00 16.18 ? 124 HIS A N   1 
ATOM   886  C  CA  . HIS A 1 124 ? 5.628   8.591   6.081   1.00 17.67 ? 124 HIS A CA  1 
ATOM   887  C  C   . HIS A 1 124 ? 4.969   8.328   4.734   1.00 17.94 ? 124 HIS A C   1 
ATOM   888  O  O   . HIS A 1 124 ? 5.641   8.212   3.705   1.00 16.37 ? 124 HIS A O   1 
ATOM   889  C  CB  . HIS A 1 124 ? 5.565   10.096  6.393   1.00 16.67 ? 124 HIS A CB  1 
ATOM   890  C  CG  . HIS A 1 124 ? 6.224   10.478  7.681   1.00 22.99 ? 124 HIS A CG  1 
ATOM   891  N  ND1 . HIS A 1 124 ? 5.526   11.017  8.742   1.00 23.04 ? 124 HIS A ND1 1 
ATOM   892  C  CD2 . HIS A 1 124 ? 7.518   10.415  8.077   1.00 21.92 ? 124 HIS A CD2 1 
ATOM   893  C  CE1 . HIS A 1 124 ? 6.360   11.263  9.736   1.00 18.46 ? 124 HIS A CE1 1 
ATOM   894  N  NE2 . HIS A 1 124 ? 7.575   10.905  9.360   1.00 20.74 ? 124 HIS A NE2 1 
ATOM   895  N  N   . PHE A 1 125 ? 3.644   8.228   4.756   1.00 18.87 ? 125 PHE A N   1 
ATOM   896  C  CA  . PHE A 1 125 ? 2.889   8.185   3.518   1.00 14.89 ? 125 PHE A CA  1 
ATOM   897  C  C   . PHE A 1 125 ? 2.975   9.553   2.839   1.00 18.64 ? 125 PHE A C   1 
ATOM   898  O  O   . PHE A 1 125 ? 3.083   10.579  3.515   1.00 16.91 ? 125 PHE A O   1 
ATOM   899  C  CB  . PHE A 1 125 ? 1.432   7.817   3.797   1.00 15.15 ? 125 PHE A CB  1 
ATOM   900  C  CG  . PHE A 1 125 ? 0.649   7.452   2.567   1.00 16.55 ? 125 PHE A CG  1 
ATOM   901  C  CD1 . PHE A 1 125 ? 0.831   6.219   1.958   1.00 11.56 ? 125 PHE A CD1 1 
ATOM   902  C  CD2 . PHE A 1 125 ? -0.264  8.337   2.017   1.00 14.25 ? 125 PHE A CD2 1 
ATOM   903  C  CE1 . PHE A 1 125 ? 0.114   5.876   0.827   1.00 13.26 ? 125 PHE A CE1 1 
ATOM   904  C  CE2 . PHE A 1 125 ? -0.983  7.999   0.885   1.00 17.96 ? 125 PHE A CE2 1 
ATOM   905  C  CZ  . PHE A 1 125 ? -0.794  6.767   0.289   1.00 16.59 ? 125 PHE A CZ  1 
ATOM   906  N  N   . PRO A 1 126 ? 2.971   9.592   1.506   1.00 17.55 ? 126 PRO A N   1 
ATOM   907  C  CA  . PRO A 1 126 ? 3.082   10.881  0.811   1.00 18.01 ? 126 PRO A CA  1 
ATOM   908  C  C   . PRO A 1 126 ? 1.997   11.857  1.238   1.00 16.93 ? 126 PRO A C   1 
ATOM   909  O  O   . PRO A 1 126 ? 0.897   11.471  1.637   1.00 15.93 ? 126 PRO A O   1 
ATOM   910  C  CB  . PRO A 1 126 ? 2.937   10.513  -0.670  1.00 17.63 ? 126 PRO A CB  1 
ATOM   911  C  CG  . PRO A 1 126 ? 3.021   9.040   -0.760  1.00 18.99 ? 126 PRO A CG  1 
ATOM   912  C  CD  . PRO A 1 126 ? 3.135   8.444   0.602   1.00 16.41 ? 126 PRO A CD  1 
ATOM   913  N  N   . ASP A 1 127 ? 2.331   13.145  1.148   1.00 18.91 ? 127 ASP A N   1 
ATOM   914  C  CA  . ASP A 1 127 ? 1.406   14.227  1.481   1.00 15.06 ? 127 ASP A CA  1 
ATOM   915  C  C   . ASP A 1 127 ? 0.512   14.480  0.269   1.00 17.04 ? 127 ASP A C   1 
ATOM   916  O  O   . ASP A 1 127 ? 0.675   15.445  -0.482  1.00 15.55 ? 127 ASP A O   1 
ATOM   917  C  CB  . ASP A 1 127 ? 2.175   15.476  1.893   1.00 15.03 ? 127 ASP A CB  1 
ATOM   918  C  CG  . ASP A 1 127 ? 1.276   16.566  2.443   1.00 21.24 ? 127 ASP A CG  1 
ATOM   919  O  OD1 . ASP A 1 127 ? 0.173   16.245  2.934   1.00 18.11 ? 127 ASP A OD1 1 
ATOM   920  O  OD2 . ASP A 1 127 ? 1.678   17.747  2.388   1.00 21.78 ? 127 ASP A OD2 1 
ATOM   921  N  N   . TYR A 1 128 ? -0.448  13.579  0.074   1.00 13.55 ? 128 TYR A N   1 
ATOM   922  C  CA  . TYR A 1 128 ? -1.356  13.701  -1.057  1.00 16.58 ? 128 TYR A CA  1 
ATOM   923  C  C   . TYR A 1 128 ? -2.268  14.910  -0.885  1.00 16.52 ? 128 TYR A C   1 
ATOM   924  O  O   . TYR A 1 128 ? -2.582  15.327  0.232   1.00 19.79 ? 128 TYR A O   1 
ATOM   925  C  CB  . TYR A 1 128 ? -2.195  12.433  -1.224  1.00 14.34 ? 128 TYR A CB  1 
ATOM   926  C  CG  . TYR A 1 128 ? -3.147  12.146  -0.082  1.00 17.76 ? 128 TYR A CG  1 
ATOM   927  C  CD1 . TYR A 1 128 ? -2.691  11.593  1.108   1.00 17.53 ? 128 TYR A CD1 1 
ATOM   928  C  CD2 . TYR A 1 128 ? -4.502  12.435  -0.193  1.00 11.57 ? 128 TYR A CD2 1 
ATOM   929  C  CE1 . TYR A 1 128 ? -3.558  11.329  2.152   1.00 18.72 ? 128 TYR A CE1 1 
ATOM   930  C  CE2 . TYR A 1 128 ? -5.377  12.177  0.847   1.00 14.70 ? 128 TYR A CE2 1 
ATOM   931  C  CZ  . TYR A 1 128 ? -4.900  11.624  2.016   1.00 18.46 ? 128 TYR A CZ  1 
ATOM   932  O  OH  . TYR A 1 128 ? -5.765  11.364  3.055   1.00 20.86 ? 128 TYR A OH  1 
ATOM   933  N  N   . GLU A 1 129 ? -2.690  15.474  -2.015  1.00 14.60 ? 129 GLU A N   1 
ATOM   934  C  CA  . GLU A 1 129 ? -3.541  16.656  -2.053  1.00 16.38 ? 129 GLU A CA  1 
ATOM   935  C  C   . GLU A 1 129 ? -4.983  16.259  -1.760  1.00 16.89 ? 129 GLU A C   1 
ATOM   936  O  O   . GLU A 1 129 ? -5.626  15.613  -2.597  1.00 13.80 ? 129 GLU A O   1 
ATOM   937  C  CB  . GLU A 1 129 ? -3.436  17.339  -3.421  1.00 16.61 ? 129 GLU A CB  1 
ATOM   938  C  CG  . GLU A 1 129 ? -4.177  18.666  -3.557  1.00 18.91 ? 129 GLU A CG  1 
ATOM   939  C  CD  . GLU A 1 129 ? -4.183  19.480  -2.278  1.00 19.97 ? 129 GLU A CD  1 
ATOM   940  O  OE1 . GLU A 1 129 ? -3.112  20.003  -1.903  1.00 29.33 ? 129 GLU A OE1 1 
ATOM   941  O  OE2 . GLU A 1 129 ? -5.258  19.615  -1.658  1.00 15.32 ? 129 GLU A OE2 1 
ATOM   942  N  N   . PRO A 1 130 ? -5.523  16.617  -0.591  1.00 17.89 ? 130 PRO A N   1 
ATOM   943  C  CA  . PRO A 1 130 ? -6.915  16.240  -0.289  1.00 15.96 ? 130 PRO A CA  1 
ATOM   944  C  C   . PRO A 1 130 ? -7.916  16.797  -1.283  1.00 14.79 ? 130 PRO A C   1 
ATOM   945  O  O   . PRO A 1 130 ? -8.981  16.199  -1.479  1.00 13.72 ? 130 PRO A O   1 
ATOM   946  C  CB  . PRO A 1 130 ? -7.143  16.812  1.118   1.00 16.86 ? 130 PRO A CB  1 
ATOM   947  C  CG  . PRO A 1 130 ? -6.050  17.805  1.333   1.00 21.80 ? 130 PRO A CG  1 
ATOM   948  C  CD  . PRO A 1 130 ? -4.888  17.355  0.513   1.00 16.25 ? 130 PRO A CD  1 
ATOM   949  N  N   . ASP A 1 131 ? -7.605  17.928  -1.920  1.00 16.12 ? 131 ASP A N   1 
ATOM   950  C  CA  . ASP A 1 131 ? -8.517  18.515  -2.895  1.00 12.64 ? 131 ASP A CA  1 
ATOM   951  C  C   . ASP A 1 131 ? -8.718  17.619  -4.109  1.00 11.17 ? 131 ASP A C   1 
ATOM   952  O  O   . ASP A 1 131 ? -9.747  17.730  -4.783  1.00 12.30 ? 131 ASP A O   1 
ATOM   953  C  CB  . ASP A 1 131 ? -7.995  19.878  -3.350  1.00 12.48 ? 131 ASP A CB  1 
ATOM   954  C  CG  . ASP A 1 131 ? -8.064  20.925  -2.260  1.00 17.90 ? 131 ASP A CG  1 
ATOM   955  O  OD1 . ASP A 1 131 ? -8.430  20.577  -1.118  1.00 14.73 ? 131 ASP A OD1 1 
ATOM   956  O  OD2 . ASP A 1 131 ? -7.755  22.100  -2.547  1.00 15.42 ? 131 ASP A OD2 1 
ATOM   957  N  N   . ASP A 1 132 ? -7.764  16.734  -4.396  1.00 8.86  ? 132 ASP A N   1 
ATOM   958  C  CA  . ASP A 1 132 ? -7.770  15.931  -5.611  1.00 13.41 ? 132 ASP A CA  1 
ATOM   959  C  C   . ASP A 1 132 ? -8.336  14.533  -5.410  1.00 18.29 ? 132 ASP A C   1 
ATOM   960  O  O   . ASP A 1 132 ? -8.374  13.752  -6.367  1.00 13.44 ? 132 ASP A O   1 
ATOM   961  C  CB  . ASP A 1 132 ? -6.347  15.830  -6.171  1.00 15.55 ? 132 ASP A CB  1 
ATOM   962  C  CG  . ASP A 1 132 ? -5.839  17.150  -6.710  1.00 23.83 ? 132 ASP A CG  1 
ATOM   963  O  OD1 . ASP A 1 132 ? -6.657  18.079  -6.873  1.00 20.36 ? 132 ASP A OD1 1 
ATOM   964  O  OD2 . ASP A 1 132 ? -4.620  17.261  -6.960  1.00 18.39 ? 132 ASP A OD2 1 
ATOM   965  N  N   . TRP A 1 133 ? -8.780  14.198  -4.200  1.00 12.04 ? 133 TRP A N   1 
ATOM   966  C  CA  . TRP A 1 133 ? -9.271  12.860  -3.894  1.00 13.51 ? 133 TRP A CA  1 
ATOM   967  C  C   . TRP A 1 133 ? -10.672 12.924  -3.305  1.00 18.89 ? 133 TRP A C   1 
ATOM   968  O  O   . TRP A 1 133 ? -10.946 13.735  -2.415  1.00 19.07 ? 133 TRP A O   1 
ATOM   969  C  CB  . TRP A 1 133 ? -8.318  12.131  -2.942  1.00 13.28 ? 133 TRP A CB  1 
ATOM   970  C  CG  . TRP A 1 133 ? -6.965  11.909  -3.543  1.00 12.33 ? 133 TRP A CG  1 
ATOM   971  C  CD1 . TRP A 1 133 ? -5.890  12.747  -3.488  1.00 13.02 ? 133 TRP A CD1 1 
ATOM   972  C  CD2 . TRP A 1 133 ? -6.545  10.768  -4.301  1.00 15.35 ? 133 TRP A CD2 1 
ATOM   973  N  NE1 . TRP A 1 133 ? -4.826  12.198  -4.163  1.00 11.23 ? 133 TRP A NE1 1 
ATOM   974  C  CE2 . TRP A 1 133 ? -5.203  10.982  -4.672  1.00 13.93 ? 133 TRP A CE2 1 
ATOM   975  C  CE3 . TRP A 1 133 ? -7.174  9.584   -4.699  1.00 13.87 ? 133 TRP A CE3 1 
ATOM   976  C  CZ2 . TRP A 1 133 ? -4.479  10.058  -5.421  1.00 16.52 ? 133 TRP A CZ2 1 
ATOM   977  C  CZ3 . TRP A 1 133 ? -6.455  8.670   -5.443  1.00 12.51 ? 133 TRP A CZ3 1 
ATOM   978  C  CH2 . TRP A 1 133 ? -5.121  8.911   -5.797  1.00 12.38 ? 133 TRP A CH2 1 
ATOM   979  N  N   . GLU A 1 134 ? -11.544 12.055  -3.807  1.00 17.55 ? 134 GLU A N   1 
ATOM   980  C  CA  . GLU A 1 134 ? -12.926 11.948  -3.361  1.00 13.53 ? 134 GLU A CA  1 
ATOM   981  C  C   . GLU A 1 134 ? -13.042 10.758  -2.418  1.00 11.27 ? 134 GLU A C   1 
ATOM   982  O  O   . GLU A 1 134 ? -12.689 9.635   -2.790  1.00 14.99 ? 134 GLU A O   1 
ATOM   983  C  CB  . GLU A 1 134 ? -13.860 11.776  -4.560  1.00 15.07 ? 134 GLU A CB  1 
ATOM   984  C  CG  . GLU A 1 134 ? -15.310 11.508  -4.204  1.00 20.15 ? 134 GLU A CG  1 
ATOM   985  C  CD  . GLU A 1 134 ? -16.041 12.756  -3.756  1.00 25.03 ? 134 GLU A CD  1 
ATOM   986  O  OE1 . GLU A 1 134 ? -15.542 13.866  -4.036  1.00 20.99 ? 134 GLU A OE1 1 
ATOM   987  O  OE2 . GLU A 1 134 ? -17.116 12.628  -3.131  1.00 30.90 ? 134 GLU A OE2 1 
ATOM   988  N  N   . SER A 1 135 ? -13.520 11.003  -1.202  1.00 16.77 ? 135 SER A N   1 
ATOM   989  C  CA  . SER A 1 135 ? -13.740 9.925   -0.243  1.00 15.60 ? 135 SER A CA  1 
ATOM   990  C  C   . SER A 1 135 ? -15.009 9.179   -0.639  1.00 18.27 ? 135 SER A C   1 
ATOM   991  O  O   . SER A 1 135 ? -16.116 9.713   -0.518  1.00 15.48 ? 135 SER A O   1 
ATOM   992  C  CB  . SER A 1 135 ? -13.841 10.475  1.176   1.00 16.97 ? 135 SER A CB  1 
ATOM   993  O  OG  . SER A 1 135 ? -14.181 9.450   2.095   1.00 17.05 ? 135 SER A OG  1 
ATOM   994  N  N   . VAL A 1 136 ? -14.849 7.948   -1.127  1.00 17.12 ? 136 VAL A N   1 
ATOM   995  C  CA  . VAL A 1 136 ? -15.986 7.141   -1.560  1.00 13.45 ? 136 VAL A CA  1 
ATOM   996  C  C   . VAL A 1 136 ? -16.370 6.075   -0.545  1.00 17.33 ? 136 VAL A C   1 
ATOM   997  O  O   . VAL A 1 136 ? -17.404 5.410   -0.726  1.00 20.06 ? 136 VAL A O   1 
ATOM   998  C  CB  . VAL A 1 136 ? -15.712 6.478   -2.928  1.00 19.06 ? 136 VAL A CB  1 
ATOM   999  C  CG1 . VAL A 1 136 ? -15.311 7.528   -3.952  1.00 28.76 ? 136 VAL A CG1 1 
ATOM   1000 C  CG2 . VAL A 1 136 ? -14.630 5.416   -2.796  1.00 19.03 ? 136 VAL A CG2 1 
ATOM   1001 N  N   . PHE A 1 137 ? -15.583 5.892   0.513   1.00 16.04 ? 137 PHE A N   1 
ATOM   1002 C  CA  . PHE A 1 137 ? -15.863 4.875   1.516   1.00 18.46 ? 137 PHE A CA  1 
ATOM   1003 C  C   . PHE A 1 137 ? -15.129 5.244   2.794   1.00 18.50 ? 137 PHE A C   1 
ATOM   1004 O  O   . PHE A 1 137 ? -13.936 5.559   2.754   1.00 24.59 ? 137 PHE A O   1 
ATOM   1005 C  CB  . PHE A 1 137 ? -15.436 3.484   1.022   1.00 18.64 ? 137 PHE A CB  1 
ATOM   1006 C  CG  . PHE A 1 137 ? -15.591 2.394   2.049   1.00 15.18 ? 137 PHE A CG  1 
ATOM   1007 C  CD1 . PHE A 1 137 ? -16.780 1.693   2.157   1.00 24.46 ? 137 PHE A CD1 1 
ATOM   1008 C  CD2 . PHE A 1 137 ? -14.538 2.052   2.884   1.00 16.13 ? 137 PHE A CD2 1 
ATOM   1009 C  CE1 . PHE A 1 137 ? -16.924 0.685   3.092   1.00 26.56 ? 137 PHE A CE1 1 
ATOM   1010 C  CE2 . PHE A 1 137 ? -14.676 1.045   3.821   1.00 21.75 ? 137 PHE A CE2 1 
ATOM   1011 C  CZ  . PHE A 1 137 ? -15.872 0.360   3.924   1.00 22.76 ? 137 PHE A CZ  1 
ATOM   1012 N  N   . SER A 1 138 ? -15.846 5.218   3.915   1.00 16.57 ? 138 SER A N   1 
ATOM   1013 C  CA  . SER A 1 138 ? -15.255 5.454   5.225   1.00 20.15 ? 138 SER A CA  1 
ATOM   1014 C  C   . SER A 1 138 ? -16.019 4.632   6.250   1.00 23.51 ? 138 SER A C   1 
ATOM   1015 O  O   . SER A 1 138 ? -17.252 4.605   6.240   1.00 29.59 ? 138 SER A O   1 
ATOM   1016 C  CB  . SER A 1 138 ? -15.275 6.939   5.603   1.00 21.44 ? 138 SER A CB  1 
ATOM   1017 O  OG  . SER A 1 138 ? -16.427 7.582   5.089   1.00 37.62 ? 138 SER A OG  1 
ATOM   1018 N  N   . GLU A 1 139 ? -15.281 3.957   7.126   1.00 17.50 ? 139 GLU A N   1 
ATOM   1019 C  CA  . GLU A 1 139 ? -15.869 3.038   8.095   1.00 19.87 ? 139 GLU A CA  1 
ATOM   1020 C  C   . GLU A 1 139 ? -15.067 3.140   9.385   1.00 20.04 ? 139 GLU A C   1 
ATOM   1021 O  O   . GLU A 1 139 ? -13.944 2.633   9.462   1.00 21.38 ? 139 GLU A O   1 
ATOM   1022 C  CB  . GLU A 1 139 ? -15.880 1.610   7.549   1.00 22.55 ? 139 GLU A CB  1 
ATOM   1023 C  CG  . GLU A 1 139 ? -16.210 0.521   8.552   1.00 27.97 ? 139 GLU A CG  1 
ATOM   1024 C  CD  . GLU A 1 139 ? -16.016 -0.866  7.967   1.00 27.21 ? 139 GLU A CD  1 
ATOM   1025 O  OE1 . GLU A 1 139 ? -16.430 -1.082  6.809   1.00 33.57 ? 139 GLU A OE1 1 
ATOM   1026 O  OE2 . GLU A 1 139 ? -15.446 -1.739  8.653   1.00 26.28 ? 139 GLU A OE2 1 
ATOM   1027 N  N   . PHE A 1 140 ? -15.639 3.803   10.388  1.00 19.39 ? 140 PHE A N   1 
ATOM   1028 C  CA  . PHE A 1 140 ? -14.953 4.072   11.643  1.00 18.79 ? 140 PHE A CA  1 
ATOM   1029 C  C   . PHE A 1 140 ? -15.173 2.940   12.639  1.00 22.33 ? 140 PHE A C   1 
ATOM   1030 O  O   . PHE A 1 140 ? -16.287 2.426   12.781  1.00 19.80 ? 140 PHE A O   1 
ATOM   1031 C  CB  . PHE A 1 140 ? -15.436 5.394   12.243  1.00 17.78 ? 140 PHE A CB  1 
ATOM   1032 C  CG  . PHE A 1 140 ? -14.904 5.668   13.621  1.00 23.52 ? 140 PHE A CG  1 
ATOM   1033 C  CD1 . PHE A 1 140 ? -13.594 6.082   13.807  1.00 22.19 ? 140 PHE A CD1 1 
ATOM   1034 C  CD2 . PHE A 1 140 ? -15.717 5.514   14.732  1.00 24.20 ? 140 PHE A CD2 1 
ATOM   1035 C  CE1 . PHE A 1 140 ? -13.106 6.336   15.077  1.00 24.56 ? 140 PHE A CE1 1 
ATOM   1036 C  CE2 . PHE A 1 140 ? -15.235 5.765   16.005  1.00 20.69 ? 140 PHE A CE2 1 
ATOM   1037 C  CZ  . PHE A 1 140 ? -13.927 6.176   16.178  1.00 18.83 ? 140 PHE A CZ  1 
ATOM   1038 N  N   . HIS A 1 141 ? -14.102 2.563   13.332  1.00 17.71 ? 141 HIS A N   1 
ATOM   1039 C  CA  . HIS A 1 141 ? -14.147 1.550   14.376  1.00 15.56 ? 141 HIS A CA  1 
ATOM   1040 C  C   . HIS A 1 141 ? -13.481 2.090   15.631  1.00 22.14 ? 141 HIS A C   1 
ATOM   1041 O  O   . HIS A 1 141 ? -12.468 2.792   15.552  1.00 17.66 ? 141 HIS A O   1 
ATOM   1042 C  CB  . HIS A 1 141 ? -13.437 0.261   13.953  1.00 18.49 ? 141 HIS A CB  1 
ATOM   1043 C  CG  . HIS A 1 141 ? -14.092 -0.455  12.815  1.00 22.16 ? 141 HIS A CG  1 
ATOM   1044 N  ND1 . HIS A 1 141 ? -14.851 -1.592  12.992  1.00 23.22 ? 141 HIS A ND1 1 
ATOM   1045 C  CD2 . HIS A 1 141 ? -14.078 -0.216  11.483  1.00 25.90 ? 141 HIS A CD2 1 
ATOM   1046 C  CE1 . HIS A 1 141 ? -15.290 -2.012  11.820  1.00 28.60 ? 141 HIS A CE1 1 
ATOM   1047 N  NE2 . HIS A 1 141 ? -14.832 -1.197  10.887  1.00 24.31 ? 141 HIS A NE2 1 
ATOM   1048 N  N   . ASP A 1 142 ? -14.046 1.755   16.784  1.00 18.32 ? 142 ASP A N   1 
ATOM   1049 C  CA  . ASP A 1 142 ? -13.426 2.086   18.056  1.00 20.26 ? 142 ASP A CA  1 
ATOM   1050 C  C   . ASP A 1 142 ? -12.438 0.997   18.460  1.00 17.54 ? 142 ASP A C   1 
ATOM   1051 O  O   . ASP A 1 142 ? -12.476 -0.129  17.960  1.00 16.53 ? 142 ASP A O   1 
ATOM   1052 C  CB  . ASP A 1 142 ? -14.482 2.262   19.148  1.00 16.31 ? 142 ASP A CB  1 
ATOM   1053 C  CG  . ASP A 1 142 ? -15.040 3.668   19.199  1.00 18.55 ? 142 ASP A CG  1 
ATOM   1054 O  OD1 . ASP A 1 142 ? -14.256 4.611   19.438  1.00 20.60 ? 142 ASP A OD1 1 
ATOM   1055 O  OD2 . ASP A 1 142 ? -16.263 3.833   19.005  1.00 24.38 ? 142 ASP A OD2 1 
ATOM   1056 N  N   . ALA A 1 143 ? -11.541 1.352   19.375  1.00 20.67 ? 143 ALA A N   1 
ATOM   1057 C  CA  . ALA A 1 143 ? -10.636 0.363   19.942  1.00 14.83 ? 143 ALA A CA  1 
ATOM   1058 C  C   . ALA A 1 143 ? -11.427 -0.683  20.720  1.00 18.51 ? 143 ALA A C   1 
ATOM   1059 O  O   . ALA A 1 143 ? -12.512 -0.414  21.241  1.00 17.99 ? 143 ALA A O   1 
ATOM   1060 C  CB  . ALA A 1 143 ? -9.611  1.035   20.854  1.00 16.67 ? 143 ALA A CB  1 
ATOM   1061 N  N   . ASP A 1 144 ? -10.875 -1.890  20.792  1.00 20.05 ? 144 ASP A N   1 
ATOM   1062 C  CA  . ASP A 1 144 ? -11.531 -2.991  21.488  1.00 21.97 ? 144 ASP A CA  1 
ATOM   1063 C  C   . ASP A 1 144 ? -10.463 -3.888  22.105  1.00 24.99 ? 144 ASP A C   1 
ATOM   1064 O  O   . ASP A 1 144 ? -9.290  -3.512  22.198  1.00 23.42 ? 144 ASP A O   1 
ATOM   1065 C  CB  . ASP A 1 144 ? -12.487 -3.731  20.537  1.00 24.47 ? 144 ASP A CB  1 
ATOM   1066 C  CG  . ASP A 1 144 ? -11.783 -4.335  19.327  1.00 25.37 ? 144 ASP A CG  1 
ATOM   1067 O  OD1 . ASP A 1 144 ? -10.561 -4.589  19.379  1.00 25.41 ? 144 ASP A OD1 1 
ATOM   1068 O  OD2 . ASP A 1 144 ? -12.468 -4.552  18.306  1.00 27.16 ? 144 ASP A OD2 1 
ATOM   1069 N  N   . ALA A 1 145 ? -10.876 -5.085  22.531  1.00 25.52 ? 145 ALA A N   1 
ATOM   1070 C  CA  . ALA A 1 145 ? -9.963  -6.000  23.209  1.00 23.64 ? 145 ALA A CA  1 
ATOM   1071 C  C   . ALA A 1 145 ? -8.883  -6.544  22.285  1.00 22.55 ? 145 ALA A C   1 
ATOM   1072 O  O   . ALA A 1 145 ? -7.863  -7.044  22.772  1.00 25.90 ? 145 ALA A O   1 
ATOM   1073 C  CB  . ALA A 1 145 ? -10.746 -7.158  23.833  1.00 29.00 ? 145 ALA A CB  1 
ATOM   1074 N  N   . GLN A 1 146 ? -9.083  -6.466  20.971  1.00 27.34 ? 146 GLN A N   1 
ATOM   1075 C  CA  . GLN A 1 146 ? -8.077  -6.907  20.016  1.00 25.79 ? 146 GLN A CA  1 
ATOM   1076 C  C   . GLN A 1 146 ? -7.345  -5.752  19.352  1.00 27.31 ? 146 GLN A C   1 
ATOM   1077 O  O   . GLN A 1 146 ? -6.174  -5.901  18.993  1.00 24.03 ? 146 GLN A O   1 
ATOM   1078 C  CB  . GLN A 1 146 ? -8.714  -7.782  18.929  1.00 24.80 ? 146 GLN A CB  1 
ATOM   1079 C  CG  . GLN A 1 146 ? -9.284  -9.102  19.433  1.00 23.04 ? 146 GLN A CG  1 
ATOM   1080 C  CD  . GLN A 1 146 ? -10.611 -8.930  20.147  1.00 30.82 ? 146 GLN A CD  1 
ATOM   1081 O  OE1 . GLN A 1 146 ? -11.447 -8.125  19.738  1.00 28.46 ? 146 GLN A OE1 1 
ATOM   1082 N  NE2 . GLN A 1 146 ? -10.806 -9.682  21.225  1.00 27.06 ? 146 GLN A NE2 1 
ATOM   1083 N  N   . ASN A 1 147 ? -8.003  -4.608  19.191  1.00 20.79 ? 147 ASN A N   1 
ATOM   1084 C  CA  . ASN A 1 147 ? -7.429  -3.442  18.533  1.00 21.54 ? 147 ASN A CA  1 
ATOM   1085 C  C   . ASN A 1 147 ? -7.259  -2.339  19.569  1.00 22.49 ? 147 ASN A C   1 
ATOM   1086 O  O   . ASN A 1 147 ? -8.246  -1.868  20.145  1.00 23.50 ? 147 ASN A O   1 
ATOM   1087 C  CB  . ASN A 1 147 ? -8.321  -2.979  17.382  1.00 21.23 ? 147 ASN A CB  1 
ATOM   1088 C  CG  . ASN A 1 147 ? -8.409  -4.007  16.270  1.00 26.69 ? 147 ASN A CG  1 
ATOM   1089 O  OD1 . ASN A 1 147 ? -7.493  -4.141  15.460  1.00 25.35 ? 147 ASN A OD1 1 
ATOM   1090 N  ND2 . ASN A 1 147 ? -9.512  -4.747  16.235  1.00 26.80 ? 147 ASN A ND2 1 
ATOM   1091 N  N   . SER A 1 148 ? -6.014  -1.930  19.803  1.00 17.14 ? 148 SER A N   1 
ATOM   1092 C  CA  . SER A 1 148 ? -5.714  -0.996  20.880  1.00 22.41 ? 148 SER A CA  1 
ATOM   1093 C  C   . SER A 1 148 ? -5.916  0.464   20.489  1.00 18.54 ? 148 SER A C   1 
ATOM   1094 O  O   . SER A 1 148 ? -5.715  1.344   21.334  1.00 20.17 ? 148 SER A O   1 
ATOM   1095 C  CB  . SER A 1 148 ? -4.280  -1.216  21.374  1.00 23.62 ? 148 SER A CB  1 
ATOM   1096 O  OG  . SER A 1 148 ? -3.382  -0.281  20.812  1.00 32.68 ? 148 SER A OG  1 
ATOM   1097 N  N   . HIS A 1 149 ? -6.312  0.749   19.250  1.00 18.93 ? 149 HIS A N   1 
ATOM   1098 C  CA  . HIS A 1 149 ? -6.591  2.116   18.830  1.00 16.10 ? 149 HIS A CA  1 
ATOM   1099 C  C   . HIS A 1 149 ? -7.852  2.141   17.983  1.00 20.51 ? 149 HIS A C   1 
ATOM   1100 O  O   . HIS A 1 149 ? -8.249  1.135   17.390  1.00 15.56 ? 149 HIS A O   1 
ATOM   1101 C  CB  . HIS A 1 149 ? -5.441  2.731   18.018  1.00 17.78 ? 149 HIS A CB  1 
ATOM   1102 C  CG  . HIS A 1 149 ? -4.093  2.564   18.643  1.00 20.39 ? 149 HIS A CG  1 
ATOM   1103 N  ND1 . HIS A 1 149 ? -3.507  3.540   19.418  1.00 17.20 ? 149 HIS A ND1 1 
ATOM   1104 C  CD2 . HIS A 1 149 ? -3.196  1.552   18.568  1.00 24.87 ? 149 HIS A CD2 1 
ATOM   1105 C  CE1 . HIS A 1 149 ? -2.319  3.125   19.821  1.00 22.14 ? 149 HIS A CE1 1 
ATOM   1106 N  NE2 . HIS A 1 149 ? -2.106  1.922   19.318  1.00 22.87 ? 149 HIS A NE2 1 
ATOM   1107 N  N   . SER A 1 150 ? -8.478  3.313   17.925  1.00 21.51 ? 150 SER A N   1 
ATOM   1108 C  CA  . SER A 1 150 ? -9.543  3.527   16.959  1.00 16.08 ? 150 SER A CA  1 
ATOM   1109 C  C   . SER A 1 150 ? -8.954  3.610   15.555  1.00 18.83 ? 150 SER A C   1 
ATOM   1110 O  O   . SER A 1 150 ? -7.815  4.040   15.360  1.00 20.08 ? 150 SER A O   1 
ATOM   1111 C  CB  . SER A 1 150 ? -10.320 4.803   17.284  1.00 22.94 ? 150 SER A CB  1 
ATOM   1112 O  OG  . SER A 1 150 ? -9.444  5.891   17.514  1.00 27.78 ? 150 SER A OG  1 
ATOM   1113 N  N   . TYR A 1 151 ? -9.739  3.182   14.572  1.00 13.93 ? 151 TYR A N   1 
ATOM   1114 C  CA  . TYR A 1 151 ? -9.255  3.119   13.202  1.00 20.50 ? 151 TYR A CA  1 
ATOM   1115 C  C   . TYR A 1 151 ? -10.410 3.313   12.233  1.00 20.99 ? 151 TYR A C   1 
ATOM   1116 O  O   . TYR A 1 151 ? -11.548 2.919   12.506  1.00 20.95 ? 151 TYR A O   1 
ATOM   1117 C  CB  . TYR A 1 151 ? -8.525  1.797   12.919  1.00 18.17 ? 151 TYR A CB  1 
ATOM   1118 C  CG  . TYR A 1 151 ? -9.336  0.549   13.193  1.00 21.18 ? 151 TYR A CG  1 
ATOM   1119 C  CD1 . TYR A 1 151 ? -9.585  0.132   14.495  1.00 22.05 ? 151 TYR A CD1 1 
ATOM   1120 C  CD2 . TYR A 1 151 ? -9.852  -0.213  12.152  1.00 20.11 ? 151 TYR A CD2 1 
ATOM   1121 C  CE1 . TYR A 1 151 ? -10.318 -1.006  14.754  1.00 23.82 ? 151 TYR A CE1 1 
ATOM   1122 C  CE2 . TYR A 1 151 ? -10.592 -1.352  12.402  1.00 24.35 ? 151 TYR A CE2 1 
ATOM   1123 C  CZ  . TYR A 1 151 ? -10.820 -1.745  13.706  1.00 22.79 ? 151 TYR A CZ  1 
ATOM   1124 O  OH  . TYR A 1 151 ? -11.557 -2.876  13.968  1.00 25.60 ? 151 TYR A OH  1 
ATOM   1125 N  N   . CYS A 1 152 ? -10.098 3.929   11.094  1.00 21.98 ? 152 CYS A N   1 
ATOM   1126 C  CA  . CYS A 1 152 ? -11.079 4.265   10.071  1.00 17.41 ? 152 CYS A CA  1 
ATOM   1127 C  C   . CYS A 1 152 ? -10.586 3.737   8.732   1.00 14.99 ? 152 CYS A C   1 
ATOM   1128 O  O   . CYS A 1 152 ? -9.514  4.133   8.265   1.00 14.17 ? 152 CYS A O   1 
ATOM   1129 C  CB  . CYS A 1 152 ? -11.303 5.779   10.006  1.00 24.05 ? 152 CYS A CB  1 
ATOM   1130 S  SG  . CYS A 1 152 ? -12.651 6.310   8.921   1.00 26.42 ? 152 CYS A SG  1 
ATOM   1131 N  N   . PHE A 1 153 ? -11.358 2.838   8.127   1.00 15.48 ? 153 PHE A N   1 
ATOM   1132 C  CA  . PHE A 1 153 ? -11.040 2.323   6.801   1.00 17.34 ? 153 PHE A CA  1 
ATOM   1133 C  C   . PHE A 1 153 ? -11.573 3.294   5.756   1.00 20.96 ? 153 PHE A C   1 
ATOM   1134 O  O   . PHE A 1 153 ? -12.788 3.489   5.650   1.00 19.78 ? 153 PHE A O   1 
ATOM   1135 C  CB  . PHE A 1 153 ? -11.656 0.940   6.597   1.00 16.31 ? 153 PHE A CB  1 
ATOM   1136 C  CG  . PHE A 1 153 ? -11.045 -0.135  7.449   1.00 15.27 ? 153 PHE A CG  1 
ATOM   1137 C  CD1 . PHE A 1 153 ? -9.671  -0.301  7.504   1.00 15.03 ? 153 PHE A CD1 1 
ATOM   1138 C  CD2 . PHE A 1 153 ? -11.849 -0.991  8.183   1.00 18.06 ? 153 PHE A CD2 1 
ATOM   1139 C  CE1 . PHE A 1 153 ? -9.112  -1.295  8.286   1.00 16.73 ? 153 PHE A CE1 1 
ATOM   1140 C  CE2 . PHE A 1 153 ? -11.296 -1.988  8.965   1.00 20.09 ? 153 PHE A CE2 1 
ATOM   1141 C  CZ  . PHE A 1 153 ? -9.924  -2.140  9.014   1.00 18.33 ? 153 PHE A CZ  1 
ATOM   1142 N  N   . GLU A 1 154 ? -10.679 3.901   4.982   1.00 17.46 ? 154 GLU A N   1 
ATOM   1143 C  CA  . GLU A 1 154 ? -11.074 4.866   3.967   1.00 12.71 ? 154 GLU A CA  1 
ATOM   1144 C  C   . GLU A 1 154 ? -10.586 4.436   2.594   1.00 16.83 ? 154 GLU A C   1 
ATOM   1145 O  O   . GLU A 1 154 ? -9.475  3.913   2.450   1.00 14.44 ? 154 GLU A O   1 
ATOM   1146 C  CB  . GLU A 1 154 ? -10.545 6.272   4.279   1.00 11.99 ? 154 GLU A CB  1 
ATOM   1147 C  CG  . GLU A 1 154 ? -11.263 7.361   3.491   1.00 17.38 ? 154 GLU A CG  1 
ATOM   1148 C  CD  . GLU A 1 154 ? -10.803 8.759   3.848   1.00 16.63 ? 154 GLU A CD  1 
ATOM   1149 O  OE1 . GLU A 1 154 ? -9.681  8.905   4.376   1.00 20.90 ? 154 GLU A OE1 1 
ATOM   1150 O  OE2 . GLU A 1 154 ? -11.564 9.715   3.590   1.00 22.75 ? 154 GLU A OE2 1 
ATOM   1151 N  N   . ILE A 1 155 ? -11.427 4.659   1.589   1.00 14.59 ? 155 ILE A N   1 
ATOM   1152 C  CA  . ILE A 1 155 ? -11.066 4.485   0.188   1.00 11.04 ? 155 ILE A CA  1 
ATOM   1153 C  C   . ILE A 1 155 ? -11.347 5.801   -0.519  1.00 14.50 ? 155 ILE A C   1 
ATOM   1154 O  O   . ILE A 1 155 ? -12.465 6.326   -0.446  1.00 15.95 ? 155 ILE A O   1 
ATOM   1155 C  CB  . ILE A 1 155 ? -11.836 3.328   -0.469  1.00 12.11 ? 155 ILE A CB  1 
ATOM   1156 C  CG1 . ILE A 1 155 ? -11.488 2.003   0.211   1.00 12.81 ? 155 ILE A CG1 1 
ATOM   1157 C  CG2 . ILE A 1 155 ? -11.530 3.262   -1.959  1.00 14.76 ? 155 ILE A CG2 1 
ATOM   1158 C  CD1 . ILE A 1 155 ? -12.372 0.847   -0.217  1.00 20.68 ? 155 ILE A CD1 1 
ATOM   1159 N  N   . LEU A 1 156 ? -10.332 6.343   -1.185  1.00 13.76 ? 156 LEU A N   1 
ATOM   1160 C  CA  . LEU A 1 156 ? -10.460 7.583   -1.931  1.00 12.80 ? 156 LEU A CA  1 
ATOM   1161 C  C   . LEU A 1 156 ? -10.185 7.331   -3.405  1.00 10.37 ? 156 LEU A C   1 
ATOM   1162 O  O   . LEU A 1 156 ? -9.368  6.479   -3.766  1.00 16.36 ? 156 LEU A O   1 
ATOM   1163 C  CB  . LEU A 1 156 ? -9.511  8.663   -1.402  1.00 12.52 ? 156 LEU A CB  1 
ATOM   1164 C  CG  . LEU A 1 156 ? -9.563  8.932   0.102   1.00 17.12 ? 156 LEU A CG  1 
ATOM   1165 C  CD1 . LEU A 1 156 ? -8.366  8.314   0.797   1.00 14.25 ? 156 LEU A CD1 1 
ATOM   1166 C  CD2 . LEU A 1 156 ? -9.634  10.427  0.376   1.00 18.29 ? 156 LEU A CD2 1 
ATOM   1167 N  N   . GLU A 1 157 ? -10.876 8.082   -4.253  1.00 14.21 ? 157 GLU A N   1 
ATOM   1168 C  CA  . GLU A 1 157 ? -10.733 7.981   -5.697  1.00 14.66 ? 157 GLU A CA  1 
ATOM   1169 C  C   . GLU A 1 157 ? -10.307 9.335   -6.241  1.00 17.17 ? 157 GLU A C   1 
ATOM   1170 O  O   . GLU A 1 157 ? -10.873 10.365  -5.858  1.00 15.15 ? 157 GLU A O   1 
ATOM   1171 C  CB  . GLU A 1 157 ? -12.045 7.518   -6.337  1.00 20.47 ? 157 GLU A CB  1 
ATOM   1172 C  CG  . GLU A 1 157 ? -12.463 6.119   -5.895  1.00 16.51 ? 157 GLU A CG  1 
ATOM   1173 C  CD  . GLU A 1 157 ? -13.739 5.643   -6.557  1.00 25.56 ? 157 GLU A CD  1 
ATOM   1174 O  OE1 . GLU A 1 157 ? -14.413 6.462   -7.216  1.00 26.32 ? 157 GLU A OE1 1 
ATOM   1175 O  OE2 . GLU A 1 157 ? -14.067 4.445   -6.421  1.00 25.41 ? 157 GLU A OE2 1 
ATOM   1176 N  N   . ARG A 1 158 ? -9.296  9.332   -7.109  1.00 14.42 ? 158 ARG A N   1 
ATOM   1177 C  CA  . ARG A 1 158 ? -8.838  10.573  -7.718  1.00 16.75 ? 158 ARG A CA  1 
ATOM   1178 C  C   . ARG A 1 158 ? -9.990  11.260  -8.437  1.00 17.24 ? 158 ARG A C   1 
ATOM   1179 O  O   . ARG A 1 158 ? -10.799 10.611  -9.105  1.00 20.67 ? 158 ARG A O   1 
ATOM   1180 C  CB  . ARG A 1 158 ? -7.693  10.303  -8.695  1.00 12.15 ? 158 ARG A CB  1 
ATOM   1181 C  CG  . ARG A 1 158 ? -6.859  11.534  -9.009  1.00 14.26 ? 158 ARG A CG  1 
ATOM   1182 C  CD  . ARG A 1 158 ? -5.698  11.207  -9.934  1.00 19.64 ? 158 ARG A CD  1 
ATOM   1183 N  NE  . ARG A 1 158 ? -4.489  10.847  -9.201  1.00 17.42 ? 158 ARG A NE  1 
ATOM   1184 C  CZ  . ARG A 1 158 ? -3.712  11.711  -8.565  1.00 21.42 ? 158 ARG A CZ  1 
ATOM   1185 N  NH1 . ARG A 1 158 ? -3.991  13.005  -8.539  1.00 17.54 ? 158 ARG A NH1 1 
ATOM   1186 N  NH2 . ARG A 1 158 ? -2.625  11.269  -7.940  1.00 23.87 ? 158 ARG A NH2 1 
ATOM   1187 N  N   . ARG A 1 159 ? -10.071 12.575  -8.282  1.00 12.06 ? 159 ARG A N   1 
ATOM   1188 C  CA  . ARG A 1 159 ? -11.162 13.342  -8.865  1.00 12.83 ? 159 ARG A CA  1 
ATOM   1189 C  C   . ARG A 1 159 ? -10.879 13.685  -10.324 1.00 16.38 ? 159 ARG A C   1 
ATOM   1190 O  O   . ARG A 1 159 ? -11.797 13.765  -11.141 1.00 17.48 ? 159 ARG A O   1 
ATOM   1191 C  CB  . ARG A 1 159 ? -11.405 14.620  -8.057  1.00 13.79 ? 159 ARG A CB  1 
ATOM   1192 C  CG  . ARG A 1 159 ? -12.281 14.408  -6.833  1.00 15.70 ? 159 ARG A CG  1 
ATOM   1193 C  CD  . ARG A 1 159 ? -12.404 15.672  -5.998  1.00 14.85 ? 159 ARG A CD  1 
ATOM   1194 N  NE  . ARG A 1 159 ? -13.162 15.436  -4.775  1.00 18.10 ? 159 ARG A NE  1 
ATOM   1195 C  CZ  . ARG A 1 159 ? -12.876 15.974  -3.597  1.00 16.30 ? 159 ARG A CZ  1 
ATOM   1196 N  NH1 . ARG A 1 159 ? -11.854 16.800  -3.444  1.00 17.31 ? 159 ARG A NH1 1 
ATOM   1197 N  NH2 . ARG A 1 159 ? -13.636 15.676  -2.547  1.00 18.00 ? 159 ARG A NH2 1 
ATOM   1198 O  OXT . ARG A 1 159 ? -9.731  13.885  -10.719 1.00 16.88 ? 159 ARG A OXT 1 
HETATM 1199 MN MN  . MN  B 2 .   ? 3.267   12.377  23.322  1.00 52.92 ? 201 MN  A MN  1 
HETATM 1200 MN MN  . MN  C 2 .   ? -4.583  5.584   20.185  1.00 20.47 ? 202 MN  A MN  1 
HETATM 1201 MN MN  . MN  D 2 .   ? 17.775  -16.237 -13.970 1.00 44.42 ? 203 MN  A MN  1 
HETATM 1202 MN MN  . MN  E 2 .   ? -17.983 2.119   20.010  1.00 67.92 ? 204 MN  A MN  1 
HETATM 1203 O  O   . HOH F 3 .   ? 16.781  -19.533 -9.937  1.00 25.72 ? 301 HOH A O   1 
HETATM 1204 O  O   . HOH F 3 .   ? -5.117  10.823  15.558  1.00 25.24 ? 302 HOH A O   1 
HETATM 1205 O  O   . HOH F 3 .   ? -4.946  -4.790  -22.689 1.00 35.94 ? 303 HOH A O   1 
HETATM 1206 O  O   . HOH F 3 .   ? -2.294  21.536  -0.323  1.00 22.67 ? 304 HOH A O   1 
HETATM 1207 O  O   . HOH F 3 .   ? -11.838 -5.655  6.683   1.00 30.78 ? 305 HOH A O   1 
HETATM 1208 O  O   . HOH F 3 .   ? -12.477 -4.143  12.202  1.00 26.99 ? 306 HOH A O   1 
HETATM 1209 O  O   . HOH F 3 .   ? 6.390   7.284   -15.678 1.00 32.77 ? 307 HOH A O   1 
HETATM 1210 O  O   . HOH F 3 .   ? 10.677  11.968  -1.319  1.00 12.24 ? 308 HOH A O   1 
HETATM 1211 O  O   . HOH F 3 .   ? -18.548 14.157  -1.974  1.00 26.56 ? 309 HOH A O   1 
HETATM 1212 O  O   . HOH F 3 .   ? -12.684 -3.371  0.253   1.00 29.88 ? 310 HOH A O   1 
HETATM 1213 O  O   . HOH F 3 .   ? -15.219 8.707   -7.440  1.00 20.09 ? 311 HOH A O   1 
HETATM 1214 O  O   . HOH F 3 .   ? 8.846   -12.366 -13.162 1.00 26.61 ? 312 HOH A O   1 
HETATM 1215 O  O   . HOH F 3 .   ? -3.891  19.123  -8.310  1.00 30.41 ? 313 HOH A O   1 
HETATM 1216 O  O   . HOH F 3 .   ? -16.997 8.541   2.946   1.00 25.90 ? 314 HOH A O   1 
HETATM 1217 O  O   . HOH F 3 .   ? 6.529   -12.205 6.658   1.00 37.10 ? 315 HOH A O   1 
HETATM 1218 O  O   . HOH F 3 .   ? -11.524 12.110  3.913   1.00 21.96 ? 316 HOH A O   1 
HETATM 1219 O  O   . HOH F 3 .   ? -12.018 -2.779  16.711  1.00 27.03 ? 317 HOH A O   1 
HETATM 1220 O  O   A HOH F 3 .   ? 4.125   -15.404 4.261   0.52 17.06 ? 318 HOH A O   1 
HETATM 1221 O  O   B HOH F 3 .   ? 5.211   -15.394 6.123   0.48 26.50 ? 318 HOH A O   1 
HETATM 1222 O  O   . HOH F 3 .   ? -19.295 5.888   -2.245  1.00 24.71 ? 319 HOH A O   1 
HETATM 1223 O  O   . HOH F 3 .   ? -1.287  0.350   21.986  1.00 28.30 ? 320 HOH A O   1 
HETATM 1224 O  O   . HOH F 3 .   ? -4.960  -2.389  -13.362 1.00 19.78 ? 321 HOH A O   1 
HETATM 1225 O  O   . HOH F 3 .   ? -4.722  21.126  0.262   1.00 20.52 ? 322 HOH A O   1 
HETATM 1226 O  O   . HOH F 3 .   ? 0.858   10.019  22.052  1.00 22.02 ? 323 HOH A O   1 
HETATM 1227 O  O   . HOH F 3 .   ? -10.626 -5.684  9.318   1.00 26.35 ? 324 HOH A O   1 
HETATM 1228 O  O   . HOH F 3 .   ? -15.209 -2.299  15.387  1.00 29.81 ? 325 HOH A O   1 
HETATM 1229 O  O   . HOH F 3 .   ? 12.893  -5.658  -18.155 1.00 23.03 ? 326 HOH A O   1 
HETATM 1230 O  O   . HOH F 3 .   ? -14.938 -4.233  8.403   1.00 25.94 ? 327 HOH A O   1 
HETATM 1231 O  O   . HOH F 3 .   ? -10.308 -3.969  -3.318  1.00 18.76 ? 328 HOH A O   1 
HETATM 1232 O  O   . HOH F 3 .   ? 12.920  -0.269  -16.011 1.00 13.85 ? 329 HOH A O   1 
HETATM 1233 O  O   . HOH F 3 .   ? -5.010  -8.172  19.329  1.00 30.13 ? 330 HOH A O   1 
HETATM 1234 O  O   . HOH F 3 .   ? -2.931  15.303  -7.079  1.00 24.32 ? 331 HOH A O   1 
HETATM 1235 O  O   . HOH F 3 .   ? -17.462 15.585  -3.689  1.00 17.49 ? 332 HOH A O   1 
HETATM 1236 O  O   . HOH F 3 .   ? 6.380   8.797   -10.777 1.00 25.94 ? 333 HOH A O   1 
HETATM 1237 O  O   . HOH F 3 .   ? 15.211  -13.481 -0.437  1.00 13.46 ? 334 HOH A O   1 
HETATM 1238 O  O   . HOH F 3 .   ? 18.428  -17.146 -11.740 1.00 36.67 ? 335 HOH A O   1 
HETATM 1239 O  O   . HOH F 3 .   ? 13.397  -0.156  -3.597  1.00 20.97 ? 336 HOH A O   1 
HETATM 1240 O  O   . HOH F 3 .   ? 13.887  -6.037  -14.594 1.00 21.70 ? 337 HOH A O   1 
HETATM 1241 O  O   . HOH F 3 .   ? -10.449 14.616  0.024   1.00 21.17 ? 338 HOH A O   1 
HETATM 1242 O  O   . HOH F 3 .   ? -5.379  -9.681  -10.663 1.00 18.24 ? 339 HOH A O   1 
HETATM 1243 O  O   . HOH F 3 .   ? -11.154 -2.099  -6.968  1.00 22.32 ? 340 HOH A O   1 
HETATM 1244 O  O   . HOH F 3 .   ? 11.186  2.733   -17.605 1.00 23.98 ? 341 HOH A O   1 
HETATM 1245 O  O   . HOH F 3 .   ? 19.218  -13.167 -8.796  1.00 24.01 ? 342 HOH A O   1 
HETATM 1246 O  O   . HOH F 3 .   ? 15.277  -4.665  -9.790  1.00 18.21 ? 343 HOH A O   1 
HETATM 1247 O  O   . HOH F 3 .   ? -0.371  -2.961  -16.628 1.00 23.73 ? 344 HOH A O   1 
HETATM 1248 O  O   . HOH F 3 .   ? 9.031   4.827   -14.993 1.00 20.08 ? 345 HOH A O   1 
HETATM 1249 O  O   . HOH F 3 .   ? 13.763  3.984   -12.262 1.00 30.22 ? 346 HOH A O   1 
HETATM 1250 O  O   . HOH F 3 .   ? -6.884  -6.587  25.228  1.00 30.91 ? 347 HOH A O   1 
HETATM 1251 O  O   . HOH F 3 .   ? -0.038  -9.472  -12.987 1.00 18.42 ? 348 HOH A O   1 
HETATM 1252 O  O   . HOH F 3 .   ? 13.211  7.030   14.212  1.00 25.03 ? 349 HOH A O   1 
HETATM 1253 O  O   . HOH F 3 .   ? 0.753   19.795  3.884   1.00 27.66 ? 350 HOH A O   1 
HETATM 1254 O  O   . HOH F 3 .   ? 4.040   18.387  1.250   1.00 22.92 ? 351 HOH A O   1 
HETATM 1255 O  O   A HOH F 3 .   ? 5.170   -0.483  7.404   0.67 22.19 ? 352 HOH A O   1 
HETATM 1256 O  O   B HOH F 3 .   ? 6.612   -1.295  8.949   0.33 15.58 ? 352 HOH A O   1 
HETATM 1257 O  O   . HOH F 3 .   ? 8.852   -11.157 8.445   1.00 33.30 ? 353 HOH A O   1 
HETATM 1258 O  O   . HOH F 3 .   ? 1.974   1.328   7.391   1.00 17.78 ? 354 HOH A O   1 
HETATM 1259 O  O   . HOH F 3 .   ? -6.140  -7.164  -10.347 1.00 15.14 ? 355 HOH A O   1 
HETATM 1260 O  O   . HOH F 3 .   ? 11.914  -13.285 -11.365 1.00 21.75 ? 356 HOH A O   1 
HETATM 1261 O  O   . HOH F 3 .   ? 4.368   -17.282 -0.698  1.00 23.60 ? 357 HOH A O   1 
HETATM 1262 O  O   . HOH F 3 .   ? 4.282   0.700   -18.528 1.00 20.79 ? 358 HOH A O   1 
HETATM 1263 O  O   . HOH F 3 .   ? -11.816 4.178   20.552  1.00 27.00 ? 359 HOH A O   1 
HETATM 1264 O  O   . HOH F 3 .   ? -4.314  4.199   -12.262 1.00 25.19 ? 360 HOH A O   1 
HETATM 1265 O  O   . HOH F 3 .   ? -1.956  14.548  2.878   1.00 20.83 ? 361 HOH A O   1 
HETATM 1266 O  O   . HOH F 3 .   ? 6.574   14.888  -3.054  1.00 27.79 ? 362 HOH A O   1 
HETATM 1267 O  O   . HOH F 3 .   ? 10.046  14.763  -2.492  1.00 19.20 ? 363 HOH A O   1 
HETATM 1268 O  O   . HOH F 3 .   ? 10.151  8.727   -4.386  1.00 20.14 ? 364 HOH A O   1 
HETATM 1269 O  O   . HOH F 3 .   ? 3.974   7.203   21.420  1.00 20.31 ? 365 HOH A O   1 
HETATM 1270 O  O   . HOH F 3 .   ? -7.503  22.488  -5.257  1.00 19.38 ? 366 HOH A O   1 
HETATM 1271 O  O   . HOH F 3 .   ? 20.044  -6.455  -14.514 1.00 30.86 ? 367 HOH A O   1 
HETATM 1272 O  O   . HOH F 3 .   ? -5.377  0.432   4.036   1.00 17.84 ? 368 HOH A O   1 
HETATM 1273 O  O   . HOH F 3 .   ? 3.019   8.748   14.751  1.00 21.14 ? 369 HOH A O   1 
HETATM 1274 O  O   . HOH F 3 .   ? -10.025 7.440   15.302  1.00 23.04 ? 370 HOH A O   1 
HETATM 1275 O  O   . HOH F 3 .   ? 12.235  3.274   -5.386  1.00 25.21 ? 371 HOH A O   1 
HETATM 1276 O  O   . HOH F 3 .   ? 5.531   -0.740  2.861   1.00 24.25 ? 372 HOH A O   1 
HETATM 1277 O  O   . HOH F 3 .   ? -6.554  -3.913  22.492  1.00 27.73 ? 373 HOH A O   1 
HETATM 1278 O  O   . HOH F 3 .   ? 11.208  -9.107  -13.819 1.00 17.92 ? 374 HOH A O   1 
HETATM 1279 O  O   . HOH F 3 .   ? -1.515  -10.174 -16.195 1.00 19.51 ? 375 HOH A O   1 
HETATM 1280 O  O   . HOH F 3 .   ? 0.937   -1.135  2.727   1.00 22.89 ? 376 HOH A O   1 
HETATM 1281 O  O   . HOH F 3 .   ? -10.136 18.425  -7.454  1.00 22.86 ? 377 HOH A O   1 
HETATM 1282 O  O   . HOH F 3 .   ? -10.104 19.105  0.566   1.00 21.58 ? 378 HOH A O   1 
HETATM 1283 O  O   . HOH F 3 .   ? -0.522  17.524  5.324   1.00 32.46 ? 379 HOH A O   1 
HETATM 1284 O  O   . HOH F 3 .   ? 9.020   -15.676 -10.253 1.00 26.50 ? 380 HOH A O   1 
HETATM 1285 O  O   . HOH F 3 .   ? -3.088  10.293  -13.029 1.00 23.75 ? 381 HOH A O   1 
HETATM 1286 O  O   . HOH F 3 .   ? -7.644  14.899  -9.130  1.00 14.35 ? 382 HOH A O   1 
HETATM 1287 O  O   . HOH F 3 .   ? -9.158  -10.771 4.701   1.00 24.87 ? 383 HOH A O   1 
HETATM 1288 O  O   . HOH F 3 .   ? 16.265  -12.516 -9.061  1.00 19.37 ? 384 HOH A O   1 
HETATM 1289 O  O   . HOH F 3 .   ? 8.471   3.097   4.085   1.00 23.58 ? 385 HOH A O   1 
HETATM 1290 O  O   . HOH F 3 .   ? -10.143 -5.008  -8.501  1.00 25.77 ? 386 HOH A O   1 
HETATM 1291 O  O   . HOH F 3 .   ? -6.056  -6.691  -23.405 1.00 32.01 ? 387 HOH A O   1 
HETATM 1292 O  O   . HOH F 3 .   ? 1.086   4.019   19.377  1.00 22.75 ? 388 HOH A O   1 
HETATM 1293 O  O   . HOH F 3 .   ? -13.541 10.655  -8.207  1.00 24.80 ? 389 HOH A O   1 
HETATM 1294 O  O   . HOH F 3 .   ? 1.943   -20.088 1.012   1.00 28.50 ? 390 HOH A O   1 
HETATM 1295 O  O   . HOH F 3 .   ? 13.157  0.054   -0.537  1.00 27.29 ? 391 HOH A O   1 
HETATM 1296 O  O   . HOH F 3 .   ? 17.002  -8.187  -11.850 1.00 18.52 ? 392 HOH A O   1 
HETATM 1297 O  O   . HOH F 3 .   ? 6.480   9.321   1.154   1.00 23.28 ? 393 HOH A O   1 
HETATM 1298 O  O   . HOH F 3 .   ? -1.300  13.172  -11.250 1.00 30.46 ? 394 HOH A O   1 
HETATM 1299 O  O   . HOH F 3 .   ? -3.926  8.537   11.787  1.00 22.75 ? 395 HOH A O   1 
HETATM 1300 O  O   . HOH F 3 .   ? 15.052  -3.738  -15.979 1.00 26.94 ? 396 HOH A O   1 
HETATM 1301 O  O   . HOH F 3 .   ? -15.304 -1.294  21.292  1.00 28.11 ? 397 HOH A O   1 
HETATM 1302 O  O   . HOH F 3 .   ? -1.088  14.843  7.008   1.00 25.99 ? 398 HOH A O   1 
HETATM 1303 O  O   . HOH F 3 .   ? -8.468  11.176  18.755  1.00 30.24 ? 399 HOH A O   1 
HETATM 1304 O  O   . HOH F 3 .   ? -8.700  -10.628 23.074  1.00 33.44 ? 400 HOH A O   1 
HETATM 1305 O  O   . HOH F 3 .   ? 9.167   9.616   4.739   1.00 28.37 ? 401 HOH A O   1 
HETATM 1306 O  O   . HOH F 3 .   ? -5.938  20.863  -6.114  1.00 26.86 ? 402 HOH A O   1 
HETATM 1307 O  O   . HOH F 3 .   ? -14.989 13.509  -0.514  1.00 21.33 ? 403 HOH A O   1 
HETATM 1308 O  O   . HOH F 3 .   ? -7.137  5.213   19.804  1.00 22.80 ? 404 HOH A O   1 
HETATM 1309 O  O   . HOH F 3 .   ? 6.950   -13.437 -9.550  1.00 23.46 ? 405 HOH A O   1 
HETATM 1310 O  O   . HOH F 3 .   ? -2.291  10.222  8.995   1.00 24.99 ? 406 HOH A O   1 
HETATM 1311 O  O   . HOH F 3 .   ? 10.353  -0.178  0.568   1.00 6.81  ? 407 HOH A O   1 
HETATM 1312 O  O   . HOH F 3 .   ? -3.677  -1.623  4.942   1.00 18.67 ? 408 HOH A O   1 
HETATM 1313 O  O   . HOH F 3 .   ? -18.632 4.117   3.518   1.00 24.34 ? 409 HOH A O   1 
HETATM 1314 O  O   . HOH F 3 .   ? 0.042   13.271  20.971  1.00 28.96 ? 410 HOH A O   1 
HETATM 1315 O  O   . HOH F 3 .   ? 16.099  -10.882 -1.705  1.00 11.00 ? 411 HOH A O   1 
HETATM 1316 O  O   . HOH F 3 .   ? 16.309  -0.341  -3.780  1.00 26.52 ? 412 HOH A O   1 
HETATM 1317 O  O   . HOH F 3 .   ? -8.367  20.121  -8.350  1.00 34.56 ? 413 HOH A O   1 
HETATM 1318 O  O   . HOH F 3 .   ? 10.732  4.551   1.788   1.00 18.43 ? 414 HOH A O   1 
HETATM 1319 O  O   A HOH F 3 .   ? 1.216   0.231   5.273   0.51 15.66 ? 415 HOH A O   1 
HETATM 1320 O  O   B HOH F 3 .   ? 2.998   0.548   3.890   0.49 19.88 ? 415 HOH A O   1 
HETATM 1321 O  O   . HOH F 3 .   ? 12.809  -10.982 -11.979 1.00 8.53  ? 416 HOH A O   1 
HETATM 1322 O  O   . HOH F 3 .   ? 16.261  1.440   -5.510  1.00 31.72 ? 417 HOH A O   1 
HETATM 1323 O  O   . HOH F 3 .   ? -2.110  12.939  12.077  1.00 30.29 ? 418 HOH A O   1 
HETATM 1324 O  O   . HOH F 3 .   ? -6.324  -17.898 -6.623  1.00 35.16 ? 419 HOH A O   1 
HETATM 1325 O  O   . HOH F 3 .   ? -16.860 0.271   16.673  1.00 28.10 ? 420 HOH A O   1 
HETATM 1326 O  O   . HOH F 3 .   ? -1.596  -10.599 3.831   1.00 19.98 ? 421 HOH A O   1 
HETATM 1327 O  O   . HOH F 3 .   ? 5.118   13.378  -0.436  1.00 23.51 ? 422 HOH A O   1 
HETATM 1328 O  O   . HOH F 3 .   ? -2.058  13.724  -4.781  1.00 5.84  ? 423 HOH A O   1 
HETATM 1329 O  O   . HOH F 3 .   ? 10.080  2.794   -0.382  1.00 17.10 ? 424 HOH A O   1 
HETATM 1330 O  O   . HOH F 3 .   ? 18.850  -2.912  -16.563 1.00 31.56 ? 425 HOH A O   1 
HETATM 1331 O  O   . HOH F 3 .   ? 4.683   10.715  14.830  1.00 36.80 ? 426 HOH A O   1 
HETATM 1332 O  O   . HOH F 3 .   ? 17.867  -14.437 -12.373 1.00 32.18 ? 427 HOH A O   1 
HETATM 1333 O  O   . HOH F 3 .   ? 6.048   12.548  3.124   1.00 28.05 ? 428 HOH A O   1 
HETATM 1334 O  O   . HOH F 3 .   ? -14.137 1.470   -9.431  1.00 30.99 ? 429 HOH A O   1 
HETATM 1335 O  O   . HOH F 3 .   ? -2.002  -11.714 -8.721  1.00 21.36 ? 430 HOH A O   1 
HETATM 1336 O  O   . HOH F 3 .   ? -4.311  11.303  6.003   1.00 28.35 ? 431 HOH A O   1 
HETATM 1337 O  O   . HOH F 3 .   ? 9.180   -2.049  5.563   1.00 30.14 ? 432 HOH A O   1 
HETATM 1338 O  O   . HOH F 3 .   ? 0.142   12.895  -7.074  1.00 27.50 ? 433 HOH A O   1 
HETATM 1339 O  O   . HOH F 3 .   ? -7.991  3.724   22.142  1.00 23.25 ? 434 HOH A O   1 
HETATM 1340 O  O   . HOH F 3 .   ? -0.820  -1.569  5.014   1.00 23.92 ? 435 HOH A O   1 
HETATM 1341 O  O   . HOH F 3 .   ? 6.608   -9.201  8.161   1.00 42.25 ? 436 HOH A O   1 
HETATM 1342 O  O   . HOH F 3 .   ? -18.573 7.840   1.387   1.00 30.91 ? 437 HOH A O   1 
HETATM 1343 O  O   . HOH F 3 .   ? -4.101  -13.479 -9.061  1.00 33.90 ? 438 HOH A O   1 
HETATM 1344 O  O   . HOH F 3 .   ? 15.621  -5.945  -12.345 1.00 22.37 ? 439 HOH A O   1 
HETATM 1345 O  O   . HOH F 3 .   ? -14.529 -1.665  1.267   1.00 27.33 ? 440 HOH A O   1 
HETATM 1346 O  O   . HOH F 3 .   ? -0.231  -19.635 2.410   1.00 30.10 ? 441 HOH A O   1 
HETATM 1347 O  O   . HOH F 3 .   ? -19.257 14.410  -5.588  1.00 22.57 ? 442 HOH A O   1 
HETATM 1348 O  O   . HOH F 3 .   ? -9.516  -11.977 2.140   1.00 28.66 ? 443 HOH A O   1 
HETATM 1349 O  O   . HOH F 3 .   ? -12.064 1.196   24.655  1.00 22.54 ? 444 HOH A O   1 
HETATM 1350 O  O   . HOH F 3 .   ? 15.947  4.161   -7.960  1.00 31.47 ? 445 HOH A O   1 
HETATM 1351 O  O   . HOH F 3 .   ? 9.267   -19.390 -8.003  1.00 29.94 ? 446 HOH A O   1 
HETATM 1352 O  O   . HOH F 3 .   ? 23.255  -3.533  -12.892 1.00 32.55 ? 447 HOH A O   1 
HETATM 1353 O  O   . HOH F 3 .   ? 0.357   15.484  -4.668  1.00 31.97 ? 448 HOH A O   1 
HETATM 1354 O  O   . HOH F 3 .   ? 2.722   -4.038  3.966   1.00 33.02 ? 449 HOH A O   1 
HETATM 1355 O  O   . HOH F 3 .   ? -3.098  21.538  1.881   1.00 21.53 ? 450 HOH A O   1 
HETATM 1356 O  O   . HOH F 3 .   ? 11.200  -4.350  -19.929 1.00 20.01 ? 451 HOH A O   1 
HETATM 1357 O  O   . HOH F 3 .   ? -9.122  13.605  2.067   1.00 30.08 ? 452 HOH A O   1 
HETATM 1358 O  O   . HOH F 3 .   ? 10.511  2.064   3.466   1.00 27.34 ? 453 HOH A O   1 
HETATM 1359 O  O   . HOH F 3 .   ? 5.362   0.958   4.449   1.00 22.82 ? 454 HOH A O   1 
HETATM 1360 O  O   . HOH F 3 .   ? 15.801  -10.986 -11.422 1.00 20.69 ? 455 HOH A O   1 
HETATM 1361 O  O   . HOH F 3 .   ? -2.284  13.320  9.516   1.00 30.90 ? 456 HOH A O   1 
HETATM 1362 O  O   . HOH F 3 .   ? 9.377   -2.107  -19.234 1.00 18.61 ? 457 HOH A O   1 
HETATM 1363 O  O   . HOH F 3 .   ? -2.524  -10.812 -11.435 1.00 21.32 ? 458 HOH A O   1 
HETATM 1364 O  O   . HOH F 3 .   ? -8.818  -7.389  -9.115  1.00 21.34 ? 459 HOH A O   1 
HETATM 1365 O  O   . HOH F 3 .   ? -3.209  13.971  5.309   1.00 26.76 ? 460 HOH A O   1 
HETATM 1366 O  O   . HOH F 3 .   ? 15.565  0.812   -16.281 1.00 24.11 ? 461 HOH A O   1 
HETATM 1367 O  O   . HOH F 3 .   ? -17.551 9.995   -6.572  1.00 31.56 ? 462 HOH A O   1 
HETATM 1368 O  O   . HOH F 3 .   ? 3.847   -22.720 -0.343  1.00 33.57 ? 463 HOH A O   1 
HETATM 1369 O  O   . HOH F 3 .   ? 3.728   -17.674 -3.093  1.00 26.68 ? 464 HOH A O   1 
HETATM 1370 O  O   . HOH F 3 .   ? -8.226  -14.880 5.185   1.00 32.07 ? 465 HOH A O   1 
HETATM 1371 O  O   . HOH F 3 .   ? -3.945  11.400  13.010  1.00 29.19 ? 466 HOH A O   1 
HETATM 1372 O  O   . HOH F 3 .   ? -8.566  -12.199 6.589   1.00 30.34 ? 467 HOH A O   1 
HETATM 1373 O  O   . HOH F 3 .   ? 12.543  2.285   -2.213  1.00 24.57 ? 468 HOH A O   1 
HETATM 1374 O  O   . HOH F 3 .   ? -19.316 0.673   21.052  1.00 42.56 ? 469 HOH A O   1 
HETATM 1375 O  O   . HOH F 3 .   ? -5.836  -10.615 17.715  1.00 28.63 ? 470 HOH A O   1 
HETATM 1376 O  O   . HOH F 3 .   ? 5.752   -3.341  7.939   1.00 33.70 ? 471 HOH A O   1 
# 
